data_5NVI
# 
_entry.id   5NVI 
# 
_audit_conform.dict_name       mmcif_pdbx.dic 
_audit_conform.dict_version    5.383 
_audit_conform.dict_location   http://mmcif.pdb.org/dictionaries/ascii/mmcif_pdbx.dic 
# 
loop_
_database_2.database_id 
_database_2.database_code 
_database_2.pdbx_database_accession 
_database_2.pdbx_DOI 
PDB   5NVI         pdb_00005nvi 10.2210/pdb5nvi/pdb 
WWPDB D_1200004805 ?            ?                   
# 
loop_
_pdbx_audit_revision_history.ordinal 
_pdbx_audit_revision_history.data_content_type 
_pdbx_audit_revision_history.major_revision 
_pdbx_audit_revision_history.minor_revision 
_pdbx_audit_revision_history.revision_date 
1 'Structure model' 1 0 2017-11-15 
2 'Structure model' 1 1 2017-11-29 
3 'Structure model' 1 2 2018-01-24 
4 'Structure model' 1 3 2018-02-21 
5 'Structure model' 1 4 2024-01-17 
# 
_pdbx_audit_revision_details.ordinal             1 
_pdbx_audit_revision_details.revision_ordinal    1 
_pdbx_audit_revision_details.data_content_type   'Structure model' 
_pdbx_audit_revision_details.provider            repository 
_pdbx_audit_revision_details.type                'Initial release' 
_pdbx_audit_revision_details.description         ? 
_pdbx_audit_revision_details.details             ? 
# 
loop_
_pdbx_audit_revision_group.ordinal 
_pdbx_audit_revision_group.revision_ordinal 
_pdbx_audit_revision_group.data_content_type 
_pdbx_audit_revision_group.group 
1 2 'Structure model' 'Database references'    
2 3 'Structure model' 'Source and taxonomy'    
3 4 'Structure model' 'Structure summary'      
4 5 'Structure model' 'Data collection'        
5 5 'Structure model' 'Database references'    
6 5 'Structure model' 'Refinement description' 
# 
loop_
_pdbx_audit_revision_category.ordinal 
_pdbx_audit_revision_category.revision_ordinal 
_pdbx_audit_revision_category.data_content_type 
_pdbx_audit_revision_category.category 
1 2 'Structure model' citation                      
2 3 'Structure model' entity_src_gen                
3 4 'Structure model' audit_author                  
4 4 'Structure model' struct                        
5 5 'Structure model' chem_comp_atom                
6 5 'Structure model' chem_comp_bond                
7 5 'Structure model' database_2                    
8 5 'Structure model' pdbx_initial_refinement_model 
# 
loop_
_pdbx_audit_revision_item.ordinal 
_pdbx_audit_revision_item.revision_ordinal 
_pdbx_audit_revision_item.data_content_type 
_pdbx_audit_revision_item.item 
1  2 'Structure model' '_citation.journal_volume'                       
2  2 'Structure model' '_citation.page_first'                           
3  2 'Structure model' '_citation.page_last'                            
4  3 'Structure model' '_entity_src_gen.pdbx_host_org_ncbi_taxonomy_id' 
5  3 'Structure model' '_entity_src_gen.pdbx_host_org_scientific_name'  
6  3 'Structure model' '_entity_src_gen.pdbx_host_org_strain'           
7  4 'Structure model' '_audit_author.name'                             
8  4 'Structure model' '_struct.title'                                  
9  5 'Structure model' '_database_2.pdbx_DOI'                           
10 5 'Structure model' '_database_2.pdbx_database_accession'            
# 
_pdbx_database_status.status_code                     REL 
_pdbx_database_status.status_code_sf                  REL 
_pdbx_database_status.status_code_mr                  ? 
_pdbx_database_status.entry_id                        5NVI 
_pdbx_database_status.recvd_initial_deposition_date   2017-05-04 
_pdbx_database_status.SG_entry                        N 
_pdbx_database_status.deposit_site                    PDBE 
_pdbx_database_status.process_site                    PDBE 
_pdbx_database_status.status_code_cs                  ? 
_pdbx_database_status.methods_development_category    ? 
_pdbx_database_status.pdb_format_compatible           Y 
_pdbx_database_status.status_code_nmr_data            ? 
# 
loop_
_pdbx_database_related.content_type 
_pdbx_database_related.db_id 
_pdbx_database_related.db_name 
_pdbx_database_related.details 
unspecified 4O4T PDB 'same entry under 20 bar xenon'   
unspecified 5NW6 PDB 'same entry under 50 bar krypton' 
# 
loop_
_audit_author.name 
_audit_author.pdbx_ordinal 
_audit_author.identifier_ORCID 
;Colloc'h, N.
;
1 ? 
'Prange, T.'   2 ? 
# 
_citation.abstract                  ? 
_citation.abstract_id_CAS           ? 
_citation.book_id_ISBN              ? 
_citation.book_publisher            ? 
_citation.book_publisher_city       ? 
_citation.book_title                ? 
_citation.coordinate_linkage        ? 
_citation.country                   US 
_citation.database_id_Medline       ? 
_citation.details                   ? 
_citation.id                        primary 
_citation.journal_abbrev            'Biophys. J.' 
_citation.journal_id_ASTM           BIOJAU 
_citation.journal_id_CSD            0030 
_citation.journal_id_ISSN           1542-0086 
_citation.journal_full              ? 
_citation.journal_issue             ? 
_citation.journal_volume            113 
_citation.language                  ? 
_citation.page_first                2199 
_citation.page_last                 2206 
_citation.title                     'Mapping Hydrophobic Tunnels and Cavities in Neuroglobin with Noble Gas under Pressure.' 
_citation.year                      2017 
_citation.database_id_CSD           ? 
_citation.pdbx_database_id_DOI      10.1016/j.bpj.2017.10.014 
_citation.pdbx_database_id_PubMed   29108649 
_citation.unpublished_flag          ? 
# 
loop_
_citation_author.citation_id 
_citation_author.name 
_citation_author.ordinal 
_citation_author.identifier_ORCID 
primary 
;Colloc'h, N.
;
1 ? 
primary 'Carpentier, P.'    2 ? 
primary 'Montemiglio, L.C.' 3 ? 
primary 'Vallone, B.'       4 ? 
primary 'Prange, T.'        5 ? 
# 
loop_
_entity.id 
_entity.type 
_entity.src_method 
_entity.pdbx_description 
_entity.formula_weight 
_entity.pdbx_number_of_molecules 
_entity.pdbx_ec 
_entity.pdbx_mutation 
_entity.pdbx_fragment 
_entity.details 
1 polymer     man Neuroglobin                       16634.871 1   ? 'C55S C120S' ? ? 
2 non-polymer syn 'PROTOPORPHYRIN IX CONTAINING FE' 616.487   1   ? ?            ? ? 
3 non-polymer syn 'SULFATE ION'                     96.063    1   ? ?            ? ? 
4 non-polymer syn ARGON                             39.948    1   ? ?            ? ? 
5 water       nat water                             18.015    117 ? ?            ? ? 
# 
_entity_poly.entity_id                      1 
_entity_poly.type                           'polypeptide(L)' 
_entity_poly.nstd_linkage                   no 
_entity_poly.nstd_monomer                   no 
_entity_poly.pdbx_seq_one_letter_code       
;RPESELIRQSWRVVSRSPLEHGTVLFARLFALEPSLLPLFQYNGRQFSSPEDSLSSPEFLDHIRKVMLVIDAAVTNVEDL
SSLEEYLTSLGRKHRAVGVRLSSFSTVGESLLYMLEKSLGPDFTPATRTAWSRLYGAVVQAMSRGWDG
;
_entity_poly.pdbx_seq_one_letter_code_can   
;RPESELIRQSWRVVSRSPLEHGTVLFARLFALEPSLLPLFQYNGRQFSSPEDSLSSPEFLDHIRKVMLVIDAAVTNVEDL
SSLEEYLTSLGRKHRAVGVRLSSFSTVGESLLYMLEKSLGPDFTPATRTAWSRLYGAVVQAMSRGWDG
;
_entity_poly.pdbx_strand_id                 A 
_entity_poly.pdbx_target_identifier         ? 
# 
loop_
_pdbx_entity_nonpoly.entity_id 
_pdbx_entity_nonpoly.name 
_pdbx_entity_nonpoly.comp_id 
2 'PROTOPORPHYRIN IX CONTAINING FE' HEM 
3 'SULFATE ION'                     SO4 
4 ARGON                             AR  
5 water                             HOH 
# 
loop_
_entity_poly_seq.entity_id 
_entity_poly_seq.num 
_entity_poly_seq.mon_id 
_entity_poly_seq.hetero 
1 1   ARG n 
1 2   PRO n 
1 3   GLU n 
1 4   SER n 
1 5   GLU n 
1 6   LEU n 
1 7   ILE n 
1 8   ARG n 
1 9   GLN n 
1 10  SER n 
1 11  TRP n 
1 12  ARG n 
1 13  VAL n 
1 14  VAL n 
1 15  SER n 
1 16  ARG n 
1 17  SER n 
1 18  PRO n 
1 19  LEU n 
1 20  GLU n 
1 21  HIS n 
1 22  GLY n 
1 23  THR n 
1 24  VAL n 
1 25  LEU n 
1 26  PHE n 
1 27  ALA n 
1 28  ARG n 
1 29  LEU n 
1 30  PHE n 
1 31  ALA n 
1 32  LEU n 
1 33  GLU n 
1 34  PRO n 
1 35  SER n 
1 36  LEU n 
1 37  LEU n 
1 38  PRO n 
1 39  LEU n 
1 40  PHE n 
1 41  GLN n 
1 42  TYR n 
1 43  ASN n 
1 44  GLY n 
1 45  ARG n 
1 46  GLN n 
1 47  PHE n 
1 48  SER n 
1 49  SER n 
1 50  PRO n 
1 51  GLU n 
1 52  ASP n 
1 53  SER n 
1 54  LEU n 
1 55  SER n 
1 56  SER n 
1 57  PRO n 
1 58  GLU n 
1 59  PHE n 
1 60  LEU n 
1 61  ASP n 
1 62  HIS n 
1 63  ILE n 
1 64  ARG n 
1 65  LYS n 
1 66  VAL n 
1 67  MET n 
1 68  LEU n 
1 69  VAL n 
1 70  ILE n 
1 71  ASP n 
1 72  ALA n 
1 73  ALA n 
1 74  VAL n 
1 75  THR n 
1 76  ASN n 
1 77  VAL n 
1 78  GLU n 
1 79  ASP n 
1 80  LEU n 
1 81  SER n 
1 82  SER n 
1 83  LEU n 
1 84  GLU n 
1 85  GLU n 
1 86  TYR n 
1 87  LEU n 
1 88  THR n 
1 89  SER n 
1 90  LEU n 
1 91  GLY n 
1 92  ARG n 
1 93  LYS n 
1 94  HIS n 
1 95  ARG n 
1 96  ALA n 
1 97  VAL n 
1 98  GLY n 
1 99  VAL n 
1 100 ARG n 
1 101 LEU n 
1 102 SER n 
1 103 SER n 
1 104 PHE n 
1 105 SER n 
1 106 THR n 
1 107 VAL n 
1 108 GLY n 
1 109 GLU n 
1 110 SER n 
1 111 LEU n 
1 112 LEU n 
1 113 TYR n 
1 114 MET n 
1 115 LEU n 
1 116 GLU n 
1 117 LYS n 
1 118 SER n 
1 119 LEU n 
1 120 GLY n 
1 121 PRO n 
1 122 ASP n 
1 123 PHE n 
1 124 THR n 
1 125 PRO n 
1 126 ALA n 
1 127 THR n 
1 128 ARG n 
1 129 THR n 
1 130 ALA n 
1 131 TRP n 
1 132 SER n 
1 133 ARG n 
1 134 LEU n 
1 135 TYR n 
1 136 GLY n 
1 137 ALA n 
1 138 VAL n 
1 139 VAL n 
1 140 GLN n 
1 141 ALA n 
1 142 MET n 
1 143 SER n 
1 144 ARG n 
1 145 GLY n 
1 146 TRP n 
1 147 ASP n 
1 148 GLY n 
# 
_entity_src_gen.entity_id                          1 
_entity_src_gen.pdbx_src_id                        1 
_entity_src_gen.pdbx_alt_source_flag               sample 
_entity_src_gen.pdbx_seq_type                      'Biological sequence' 
_entity_src_gen.pdbx_beg_seq_num                   1 
_entity_src_gen.pdbx_end_seq_num                   148 
_entity_src_gen.gene_src_common_name               Mouse 
_entity_src_gen.gene_src_genus                     ? 
_entity_src_gen.pdbx_gene_src_gene                 Ngb 
_entity_src_gen.gene_src_species                   ? 
_entity_src_gen.gene_src_strain                    ? 
_entity_src_gen.gene_src_tissue                    ? 
_entity_src_gen.gene_src_tissue_fraction           ? 
_entity_src_gen.gene_src_details                   ? 
_entity_src_gen.pdbx_gene_src_fragment             ? 
_entity_src_gen.pdbx_gene_src_scientific_name      'Mus musculus' 
_entity_src_gen.pdbx_gene_src_ncbi_taxonomy_id     10090 
_entity_src_gen.pdbx_gene_src_variant              ? 
_entity_src_gen.pdbx_gene_src_cell_line            ? 
_entity_src_gen.pdbx_gene_src_atcc                 ? 
_entity_src_gen.pdbx_gene_src_organ                ? 
_entity_src_gen.pdbx_gene_src_organelle            ? 
_entity_src_gen.pdbx_gene_src_cell                 ? 
_entity_src_gen.pdbx_gene_src_cellular_location    ? 
_entity_src_gen.host_org_common_name               ? 
_entity_src_gen.pdbx_host_org_scientific_name      'Escherichia coli BL21(DE3)' 
_entity_src_gen.pdbx_host_org_ncbi_taxonomy_id     469008 
_entity_src_gen.host_org_genus                     ? 
_entity_src_gen.pdbx_host_org_gene                 ? 
_entity_src_gen.pdbx_host_org_organ                ? 
_entity_src_gen.host_org_species                   ? 
_entity_src_gen.pdbx_host_org_tissue               ? 
_entity_src_gen.pdbx_host_org_tissue_fraction      ? 
_entity_src_gen.pdbx_host_org_strain               ? 
_entity_src_gen.pdbx_host_org_variant              ? 
_entity_src_gen.pdbx_host_org_cell_line            ? 
_entity_src_gen.pdbx_host_org_atcc                 ? 
_entity_src_gen.pdbx_host_org_culture_collection   ? 
_entity_src_gen.pdbx_host_org_cell                 ? 
_entity_src_gen.pdbx_host_org_organelle            ? 
_entity_src_gen.pdbx_host_org_cellular_location    ? 
_entity_src_gen.pdbx_host_org_vector_type          plasmid 
_entity_src_gen.pdbx_host_org_vector               ? 
_entity_src_gen.host_org_details                   ? 
_entity_src_gen.expression_system_id               ? 
_entity_src_gen.plasmid_name                       PET3A 
_entity_src_gen.plasmid_details                    ? 
_entity_src_gen.pdbx_description                   ? 
# 
loop_
_chem_comp.id 
_chem_comp.type 
_chem_comp.mon_nstd_flag 
_chem_comp.name 
_chem_comp.pdbx_synonyms 
_chem_comp.formula 
_chem_comp.formula_weight 
ALA 'L-peptide linking' y ALANINE                           ?    'C3 H7 N O2'       89.093  
AR  non-polymer         . ARGON                             ?    Ar                 39.948  
ARG 'L-peptide linking' y ARGININE                          ?    'C6 H15 N4 O2 1'   175.209 
ASN 'L-peptide linking' y ASPARAGINE                        ?    'C4 H8 N2 O3'      132.118 
ASP 'L-peptide linking' y 'ASPARTIC ACID'                   ?    'C4 H7 N O4'       133.103 
CYS 'L-peptide linking' y CYSTEINE                          ?    'C3 H7 N O2 S'     121.158 
GLN 'L-peptide linking' y GLUTAMINE                         ?    'C5 H10 N2 O3'     146.144 
GLU 'L-peptide linking' y 'GLUTAMIC ACID'                   ?    'C5 H9 N O4'       147.129 
GLY 'peptide linking'   y GLYCINE                           ?    'C2 H5 N O2'       75.067  
HEM non-polymer         . 'PROTOPORPHYRIN IX CONTAINING FE' HEME 'C34 H32 Fe N4 O4' 616.487 
HIS 'L-peptide linking' y HISTIDINE                         ?    'C6 H10 N3 O2 1'   156.162 
HOH non-polymer         . WATER                             ?    'H2 O'             18.015  
ILE 'L-peptide linking' y ISOLEUCINE                        ?    'C6 H13 N O2'      131.173 
LEU 'L-peptide linking' y LEUCINE                           ?    'C6 H13 N O2'      131.173 
LYS 'L-peptide linking' y LYSINE                            ?    'C6 H15 N2 O2 1'   147.195 
MET 'L-peptide linking' y METHIONINE                        ?    'C5 H11 N O2 S'    149.211 
PHE 'L-peptide linking' y PHENYLALANINE                     ?    'C9 H11 N O2'      165.189 
PRO 'L-peptide linking' y PROLINE                           ?    'C5 H9 N O2'       115.130 
SER 'L-peptide linking' y SERINE                            ?    'C3 H7 N O3'       105.093 
SO4 non-polymer         . 'SULFATE ION'                     ?    'O4 S -2'          96.063  
THR 'L-peptide linking' y THREONINE                         ?    'C4 H9 N O3'       119.119 
TRP 'L-peptide linking' y TRYPTOPHAN                        ?    'C11 H12 N2 O2'    204.225 
TYR 'L-peptide linking' y TYROSINE                          ?    'C9 H11 N O3'      181.189 
VAL 'L-peptide linking' y VALINE                            ?    'C5 H11 N O2'      117.146 
# 
loop_
_pdbx_poly_seq_scheme.asym_id 
_pdbx_poly_seq_scheme.entity_id 
_pdbx_poly_seq_scheme.seq_id 
_pdbx_poly_seq_scheme.mon_id 
_pdbx_poly_seq_scheme.ndb_seq_num 
_pdbx_poly_seq_scheme.pdb_seq_num 
_pdbx_poly_seq_scheme.auth_seq_num 
_pdbx_poly_seq_scheme.pdb_mon_id 
_pdbx_poly_seq_scheme.auth_mon_id 
_pdbx_poly_seq_scheme.pdb_strand_id 
_pdbx_poly_seq_scheme.pdb_ins_code 
_pdbx_poly_seq_scheme.hetero 
A 1 1   ARG 1   3   3   ARG ARG A . n 
A 1 2   PRO 2   4   4   PRO PRO A . n 
A 1 3   GLU 3   5   5   GLU GLU A . n 
A 1 4   SER 4   6   6   SER SER A . n 
A 1 5   GLU 5   7   7   GLU GLU A . n 
A 1 6   LEU 6   8   8   LEU LEU A . n 
A 1 7   ILE 7   9   9   ILE ILE A . n 
A 1 8   ARG 8   10  10  ARG ARG A . n 
A 1 9   GLN 9   11  11  GLN GLN A . n 
A 1 10  SER 10  12  12  SER SER A . n 
A 1 11  TRP 11  13  13  TRP TRP A . n 
A 1 12  ARG 12  14  14  ARG ARG A . n 
A 1 13  VAL 13  15  15  VAL VAL A . n 
A 1 14  VAL 14  16  16  VAL VAL A . n 
A 1 15  SER 15  17  17  SER SER A . n 
A 1 16  ARG 16  18  18  ARG ARG A . n 
A 1 17  SER 17  19  19  SER SER A . n 
A 1 18  PRO 18  20  20  PRO PRO A . n 
A 1 19  LEU 19  21  21  LEU LEU A . n 
A 1 20  GLU 20  22  22  GLU GLU A . n 
A 1 21  HIS 21  23  23  HIS HIS A . n 
A 1 22  GLY 22  24  24  GLY GLY A . n 
A 1 23  THR 23  25  25  THR THR A . n 
A 1 24  VAL 24  26  26  VAL VAL A . n 
A 1 25  LEU 25  27  27  LEU LEU A . n 
A 1 26  PHE 26  28  28  PHE PHE A . n 
A 1 27  ALA 27  29  29  ALA ALA A . n 
A 1 28  ARG 28  30  30  ARG ARG A . n 
A 1 29  LEU 29  31  31  LEU LEU A . n 
A 1 30  PHE 30  32  32  PHE PHE A . n 
A 1 31  ALA 31  33  33  ALA ALA A . n 
A 1 32  LEU 32  34  34  LEU LEU A . n 
A 1 33  GLU 33  35  35  GLU GLU A . n 
A 1 34  PRO 34  36  36  PRO PRO A . n 
A 1 35  SER 35  37  37  SER SER A . n 
A 1 36  LEU 36  38  38  LEU LEU A . n 
A 1 37  LEU 37  39  39  LEU LEU A . n 
A 1 38  PRO 38  40  40  PRO PRO A . n 
A 1 39  LEU 39  41  41  LEU LEU A . n 
A 1 40  PHE 40  42  42  PHE PHE A . n 
A 1 41  GLN 41  43  43  GLN GLN A . n 
A 1 42  TYR 42  44  44  TYR TYR A . n 
A 1 43  ASN 43  45  45  ASN ASN A . n 
A 1 44  GLY 44  46  46  GLY GLY A . n 
A 1 45  ARG 45  47  47  ARG ARG A . n 
A 1 46  GLN 46  48  48  GLN GLN A . n 
A 1 47  PHE 47  49  49  PHE PHE A . n 
A 1 48  SER 48  50  50  SER SER A . n 
A 1 49  SER 49  51  51  SER SER A . n 
A 1 50  PRO 50  52  52  PRO PRO A . n 
A 1 51  GLU 51  53  53  GLU GLU A . n 
A 1 52  ASP 52  54  54  ASP ASP A . n 
A 1 53  SER 53  55  55  SER SER A . n 
A 1 54  LEU 54  56  56  LEU LEU A . n 
A 1 55  SER 55  57  57  SER SER A . n 
A 1 56  SER 56  58  58  SER SER A . n 
A 1 57  PRO 57  59  59  PRO PRO A . n 
A 1 58  GLU 58  60  60  GLU GLU A . n 
A 1 59  PHE 59  61  61  PHE PHE A . n 
A 1 60  LEU 60  62  62  LEU LEU A . n 
A 1 61  ASP 61  63  63  ASP ASP A . n 
A 1 62  HIS 62  64  64  HIS HIS A . n 
A 1 63  ILE 63  65  65  ILE ILE A . n 
A 1 64  ARG 64  66  66  ARG ARG A . n 
A 1 65  LYS 65  67  67  LYS LYS A . n 
A 1 66  VAL 66  68  68  VAL VAL A . n 
A 1 67  MET 67  69  69  MET MET A . n 
A 1 68  LEU 68  70  70  LEU LEU A . n 
A 1 69  VAL 69  71  71  VAL VAL A . n 
A 1 70  ILE 70  72  72  ILE ILE A . n 
A 1 71  ASP 71  73  73  ASP ASP A . n 
A 1 72  ALA 72  74  74  ALA ALA A . n 
A 1 73  ALA 73  75  75  ALA ALA A . n 
A 1 74  VAL 74  76  76  VAL VAL A . n 
A 1 75  THR 75  77  77  THR THR A . n 
A 1 76  ASN 76  78  78  ASN ASN A . n 
A 1 77  VAL 77  79  79  VAL VAL A . n 
A 1 78  GLU 78  80  80  GLU GLU A . n 
A 1 79  ASP 79  81  81  ASP ASP A . n 
A 1 80  LEU 80  82  82  LEU LEU A . n 
A 1 81  SER 81  83  83  SER SER A . n 
A 1 82  SER 82  84  84  SER SER A . n 
A 1 83  LEU 83  85  85  LEU LEU A . n 
A 1 84  GLU 84  86  86  GLU GLU A . n 
A 1 85  GLU 85  87  87  GLU GLU A . n 
A 1 86  TYR 86  88  88  TYR TYR A . n 
A 1 87  LEU 87  89  89  LEU LEU A . n 
A 1 88  THR 88  90  90  THR THR A . n 
A 1 89  SER 89  91  91  SER SER A . n 
A 1 90  LEU 90  92  92  LEU LEU A . n 
A 1 91  GLY 91  93  93  GLY GLY A . n 
A 1 92  ARG 92  94  94  ARG ARG A . n 
A 1 93  LYS 93  95  95  LYS LYS A . n 
A 1 94  HIS 94  96  96  HIS HIS A . n 
A 1 95  ARG 95  97  97  ARG ARG A . n 
A 1 96  ALA 96  98  98  ALA ALA A . n 
A 1 97  VAL 97  99  99  VAL VAL A . n 
A 1 98  GLY 98  100 100 GLY GLY A . n 
A 1 99  VAL 99  101 101 VAL VAL A . n 
A 1 100 ARG 100 102 102 ARG ARG A . n 
A 1 101 LEU 101 103 103 LEU LEU A . n 
A 1 102 SER 102 104 104 SER SER A . n 
A 1 103 SER 103 105 105 SER SER A . n 
A 1 104 PHE 104 106 106 PHE PHE A . n 
A 1 105 SER 105 107 107 SER SER A . n 
A 1 106 THR 106 108 108 THR THR A . n 
A 1 107 VAL 107 109 109 VAL VAL A . n 
A 1 108 GLY 108 110 110 GLY GLY A . n 
A 1 109 GLU 109 111 111 GLU GLU A . n 
A 1 110 SER 110 112 112 SER SER A . n 
A 1 111 LEU 111 113 113 LEU LEU A . n 
A 1 112 LEU 112 114 114 LEU LEU A . n 
A 1 113 TYR 113 115 115 TYR TYR A . n 
A 1 114 MET 114 116 116 MET MET A . n 
A 1 115 LEU 115 117 117 LEU LEU A . n 
A 1 116 GLU 116 118 118 GLU GLU A . n 
A 1 117 LYS 117 119 119 LYS LYS A . n 
A 1 118 SER 118 120 120 SER SER A . n 
A 1 119 LEU 119 121 121 LEU LEU A . n 
A 1 120 GLY 120 122 122 GLY GLY A . n 
A 1 121 PRO 121 123 123 PRO PRO A . n 
A 1 122 ASP 122 124 124 ASP ASP A . n 
A 1 123 PHE 123 125 125 PHE PHE A . n 
A 1 124 THR 124 126 126 THR THR A . n 
A 1 125 PRO 125 127 127 PRO PRO A . n 
A 1 126 ALA 126 128 128 ALA ALA A . n 
A 1 127 THR 127 129 129 THR THR A . n 
A 1 128 ARG 128 130 130 ARG ARG A . n 
A 1 129 THR 129 131 131 THR THR A . n 
A 1 130 ALA 130 132 132 ALA ALA A . n 
A 1 131 TRP 131 133 133 TRP TRP A . n 
A 1 132 SER 132 134 134 SER SER A . n 
A 1 133 ARG 133 135 135 ARG ARG A . n 
A 1 134 LEU 134 136 136 LEU LEU A . n 
A 1 135 TYR 135 137 137 TYR TYR A . n 
A 1 136 GLY 136 138 138 GLY GLY A . n 
A 1 137 ALA 137 139 139 ALA ALA A . n 
A 1 138 VAL 138 140 140 VAL VAL A . n 
A 1 139 VAL 139 141 141 VAL VAL A . n 
A 1 140 GLN 140 142 142 GLN GLN A . n 
A 1 141 ALA 141 143 143 ALA ALA A . n 
A 1 142 MET 142 144 144 MET MET A . n 
A 1 143 SER 143 145 145 SER SER A . n 
A 1 144 ARG 144 146 146 ARG ARG A . n 
A 1 145 GLY 145 147 147 GLY GLY A . n 
A 1 146 TRP 146 148 148 TRP TRP A . n 
A 1 147 ASP 147 149 149 ASP ASP A . n 
A 1 148 GLY 148 150 150 GLY GLY A . n 
# 
loop_
_pdbx_nonpoly_scheme.asym_id 
_pdbx_nonpoly_scheme.entity_id 
_pdbx_nonpoly_scheme.mon_id 
_pdbx_nonpoly_scheme.ndb_seq_num 
_pdbx_nonpoly_scheme.pdb_seq_num 
_pdbx_nonpoly_scheme.auth_seq_num 
_pdbx_nonpoly_scheme.pdb_mon_id 
_pdbx_nonpoly_scheme.auth_mon_id 
_pdbx_nonpoly_scheme.pdb_strand_id 
_pdbx_nonpoly_scheme.pdb_ins_code 
B 2 HEM 1   201 201 HEM HEM A . 
C 3 SO4 1   202 202 SO4 SO4 A . 
D 4 AR  1   205 205 AR  AR  A . 
E 5 HOH 1   301 319 HOH HOH A . 
E 5 HOH 2   302 386 HOH HOH A . 
E 5 HOH 3   303 327 HOH HOH A . 
E 5 HOH 4   304 318 HOH HOH A . 
E 5 HOH 5   305 330 HOH HOH A . 
E 5 HOH 6   306 371 HOH HOH A . 
E 5 HOH 7   307 311 HOH HOH A . 
E 5 HOH 8   308 326 HOH HOH A . 
E 5 HOH 9   309 347 HOH HOH A . 
E 5 HOH 10  310 394 HOH HOH A . 
E 5 HOH 11  311 416 HOH HOH A . 
E 5 HOH 12  312 344 HOH HOH A . 
E 5 HOH 13  313 306 HOH HOH A . 
E 5 HOH 14  314 369 HOH HOH A . 
E 5 HOH 15  315 309 HOH HOH A . 
E 5 HOH 16  316 379 HOH HOH A . 
E 5 HOH 17  317 413 HOH HOH A . 
E 5 HOH 18  318 314 HOH HOH A . 
E 5 HOH 19  319 307 HOH HOH A . 
E 5 HOH 20  320 354 HOH HOH A . 
E 5 HOH 21  321 305 HOH HOH A . 
E 5 HOH 22  322 343 HOH HOH A . 
E 5 HOH 23  323 321 HOH HOH A . 
E 5 HOH 24  324 355 HOH HOH A . 
E 5 HOH 25  325 303 HOH HOH A . 
E 5 HOH 26  326 308 HOH HOH A . 
E 5 HOH 27  327 368 HOH HOH A . 
E 5 HOH 28  328 301 HOH HOH A . 
E 5 HOH 29  329 383 HOH HOH A . 
E 5 HOH 30  330 417 HOH HOH A . 
E 5 HOH 31  331 339 HOH HOH A . 
E 5 HOH 32  332 398 HOH HOH A . 
E 5 HOH 33  333 410 HOH HOH A . 
E 5 HOH 34  334 340 HOH HOH A . 
E 5 HOH 35  335 325 HOH HOH A . 
E 5 HOH 36  336 396 HOH HOH A . 
E 5 HOH 37  337 320 HOH HOH A . 
E 5 HOH 38  338 346 HOH HOH A . 
E 5 HOH 39  339 335 HOH HOH A . 
E 5 HOH 40  340 316 HOH HOH A . 
E 5 HOH 41  341 373 HOH HOH A . 
E 5 HOH 42  342 315 HOH HOH A . 
E 5 HOH 43  343 345 HOH HOH A . 
E 5 HOH 44  344 342 HOH HOH A . 
E 5 HOH 45  345 317 HOH HOH A . 
E 5 HOH 46  346 402 HOH HOH A . 
E 5 HOH 47  347 381 HOH HOH A . 
E 5 HOH 48  348 328 HOH HOH A . 
E 5 HOH 49  349 409 HOH HOH A . 
E 5 HOH 50  350 363 HOH HOH A . 
E 5 HOH 51  351 302 HOH HOH A . 
E 5 HOH 52  352 357 HOH HOH A . 
E 5 HOH 53  353 333 HOH HOH A . 
E 5 HOH 54  354 352 HOH HOH A . 
E 5 HOH 55  355 361 HOH HOH A . 
E 5 HOH 56  356 412 HOH HOH A . 
E 5 HOH 57  357 401 HOH HOH A . 
E 5 HOH 58  358 331 HOH HOH A . 
E 5 HOH 59  359 304 HOH HOH A . 
E 5 HOH 60  360 392 HOH HOH A . 
E 5 HOH 61  361 370 HOH HOH A . 
E 5 HOH 62  362 376 HOH HOH A . 
E 5 HOH 63  363 341 HOH HOH A . 
E 5 HOH 64  364 324 HOH HOH A . 
E 5 HOH 65  365 385 HOH HOH A . 
E 5 HOH 66  366 358 HOH HOH A . 
E 5 HOH 67  367 380 HOH HOH A . 
E 5 HOH 68  368 404 HOH HOH A . 
E 5 HOH 69  369 403 HOH HOH A . 
E 5 HOH 70  370 337 HOH HOH A . 
E 5 HOH 71  371 397 HOH HOH A . 
E 5 HOH 72  372 356 HOH HOH A . 
E 5 HOH 73  373 338 HOH HOH A . 
E 5 HOH 74  374 312 HOH HOH A . 
E 5 HOH 75  375 367 HOH HOH A . 
E 5 HOH 76  376 313 HOH HOH A . 
E 5 HOH 77  377 375 HOH HOH A . 
E 5 HOH 78  378 350 HOH HOH A . 
E 5 HOH 79  379 382 HOH HOH A . 
E 5 HOH 80  380 351 HOH HOH A . 
E 5 HOH 81  381 362 HOH HOH A . 
E 5 HOH 82  382 360 HOH HOH A . 
E 5 HOH 83  383 414 HOH HOH A . 
E 5 HOH 84  384 390 HOH HOH A . 
E 5 HOH 85  385 393 HOH HOH A . 
E 5 HOH 86  386 348 HOH HOH A . 
E 5 HOH 87  387 405 HOH HOH A . 
E 5 HOH 88  388 359 HOH HOH A . 
E 5 HOH 89  389 336 HOH HOH A . 
E 5 HOH 90  390 384 HOH HOH A . 
E 5 HOH 91  391 406 HOH HOH A . 
E 5 HOH 92  392 374 HOH HOH A . 
E 5 HOH 93  393 364 HOH HOH A . 
E 5 HOH 94  394 322 HOH HOH A . 
E 5 HOH 95  395 310 HOH HOH A . 
E 5 HOH 96  396 323 HOH HOH A . 
E 5 HOH 97  397 415 HOH HOH A . 
E 5 HOH 98  398 407 HOH HOH A . 
E 5 HOH 99  399 332 HOH HOH A . 
E 5 HOH 100 400 399 HOH HOH A . 
E 5 HOH 101 401 334 HOH HOH A . 
E 5 HOH 102 402 366 HOH HOH A . 
E 5 HOH 103 403 389 HOH HOH A . 
E 5 HOH 104 404 391 HOH HOH A . 
E 5 HOH 105 405 400 HOH HOH A . 
E 5 HOH 106 406 353 HOH HOH A . 
E 5 HOH 107 407 349 HOH HOH A . 
E 5 HOH 108 408 365 HOH HOH A . 
E 5 HOH 109 409 329 HOH HOH A . 
E 5 HOH 110 410 372 HOH HOH A . 
E 5 HOH 111 411 411 HOH HOH A . 
E 5 HOH 112 412 388 HOH HOH A . 
E 5 HOH 113 413 408 HOH HOH A . 
E 5 HOH 114 414 395 HOH HOH A . 
E 5 HOH 115 415 387 HOH HOH A . 
E 5 HOH 116 416 378 HOH HOH A . 
E 5 HOH 117 417 377 HOH HOH A . 
# 
loop_
_software.citation_id 
_software.classification 
_software.compiler_name 
_software.compiler_version 
_software.contact_author 
_software.contact_author_email 
_software.date 
_software.description 
_software.dependencies 
_software.hardware 
_software.language 
_software.location 
_software.mods 
_software.name 
_software.os 
_software.os_version 
_software.type 
_software.version 
_software.pdbx_ordinal 
? 'data collection' ? ? ? ? ? ? ? ? ? ? ? MOSFLM      ? ? ? .        1 
? 'data scaling'    ? ? ? ? ? ? ? ? ? ? ? SCALA       ? ? ? 3.3.22   2 
? refinement        ? ? ? ? ? ? ? ? ? ? ? REFMAC      ? ? ? 5.8.0135 3 
? 'data extraction' ? ? ? ? ? ? ? ? ? ? ? PDB_EXTRACT ? ? ? 3.22     4 
? 'data reduction'  ? ? ? ? ? ? ? ? ? ? ? MOSFLM      ? ? ? .        5 
? phasing           ? ? ? ? ? ? ? ? ? ? ? REFMAC      ? ? ? 5.8.0135 6 
# 
_cell.angle_alpha                  90.000 
_cell.angle_alpha_esd              ? 
_cell.angle_beta                   90.000 
_cell.angle_beta_esd               ? 
_cell.angle_gamma                  120.000 
_cell.angle_gamma_esd              ? 
_cell.entry_id                     5NVI 
_cell.details                      ? 
_cell.formula_units_Z              ? 
_cell.length_a                     89.198 
_cell.length_a_esd                 ? 
_cell.length_b                     89.198 
_cell.length_b_esd                 ? 
_cell.length_c                     115.348 
_cell.length_c_esd                 ? 
_cell.volume                       ? 
_cell.volume_esd                   ? 
_cell.Z_PDB                        18 
_cell.reciprocal_angle_alpha       ? 
_cell.reciprocal_angle_beta        ? 
_cell.reciprocal_angle_gamma       ? 
_cell.reciprocal_angle_alpha_esd   ? 
_cell.reciprocal_angle_beta_esd    ? 
_cell.reciprocal_angle_gamma_esd   ? 
_cell.reciprocal_length_a          ? 
_cell.reciprocal_length_b          ? 
_cell.reciprocal_length_c          ? 
_cell.reciprocal_length_a_esd      ? 
_cell.reciprocal_length_b_esd      ? 
_cell.reciprocal_length_c_esd      ? 
_cell.pdbx_unique_axis             ? 
# 
_symmetry.entry_id                         5NVI 
_symmetry.cell_setting                     ? 
_symmetry.Int_Tables_number                155 
_symmetry.space_group_name_Hall            ? 
_symmetry.space_group_name_H-M             'H 3 2' 
_symmetry.pdbx_full_space_group_name_H-M   ? 
# 
_exptl.absorpt_coefficient_mu     ? 
_exptl.absorpt_correction_T_max   ? 
_exptl.absorpt_correction_T_min   ? 
_exptl.absorpt_correction_type    ? 
_exptl.absorpt_process_details    ? 
_exptl.entry_id                   5NVI 
_exptl.crystals_number            1 
_exptl.details                    ? 
_exptl.method                     'X-RAY DIFFRACTION' 
_exptl.method_details             ? 
# 
_exptl_crystal.colour                      ? 
_exptl_crystal.density_diffrn              ? 
_exptl_crystal.density_Matthews            2.65 
_exptl_crystal.density_method              ? 
_exptl_crystal.density_percent_sol         53.66 
_exptl_crystal.description                 ? 
_exptl_crystal.F_000                       ? 
_exptl_crystal.id                          1 
_exptl_crystal.preparation                 ? 
_exptl_crystal.size_max                    ? 
_exptl_crystal.size_mid                    ? 
_exptl_crystal.size_min                    ? 
_exptl_crystal.size_rad                    ? 
_exptl_crystal.colour_lustre               ? 
_exptl_crystal.colour_modifier             ? 
_exptl_crystal.colour_primary              ? 
_exptl_crystal.density_meas                ? 
_exptl_crystal.density_meas_esd            ? 
_exptl_crystal.density_meas_gt             ? 
_exptl_crystal.density_meas_lt             ? 
_exptl_crystal.density_meas_temp           ? 
_exptl_crystal.density_meas_temp_esd       ? 
_exptl_crystal.density_meas_temp_gt        ? 
_exptl_crystal.density_meas_temp_lt        ? 
_exptl_crystal.pdbx_crystal_image_url      ? 
_exptl_crystal.pdbx_crystal_image_format   ? 
_exptl_crystal.pdbx_mosaicity              ? 
_exptl_crystal.pdbx_mosaicity_esd          ? 
# 
_exptl_crystal_grow.apparatus       ? 
_exptl_crystal_grow.atmosphere      ? 
_exptl_crystal_grow.crystal_id      1 
_exptl_crystal_grow.details         ? 
_exptl_crystal_grow.method          'VAPOR DIFFUSION, HANGING DROP' 
_exptl_crystal_grow.method_ref      ? 
_exptl_crystal_grow.pH              6.5 
_exptl_crystal_grow.pressure        ? 
_exptl_crystal_grow.pressure_esd    ? 
_exptl_crystal_grow.seeding         ? 
_exptl_crystal_grow.seeding_ref     ? 
_exptl_crystal_grow.temp            293 
_exptl_crystal_grow.temp_details    ? 
_exptl_crystal_grow.temp_esd        ? 
_exptl_crystal_grow.time            ? 
_exptl_crystal_grow.pdbx_details    '1.6 M ammonium sulfate, 0.1 M MES, 10 % dioxane' 
_exptl_crystal_grow.pdbx_pH_range   ? 
# 
_diffrn.ambient_environment    ? 
_diffrn.ambient_temp           293 
_diffrn.ambient_temp_details   ? 
_diffrn.ambient_temp_esd       ? 
_diffrn.crystal_id             1 
_diffrn.crystal_support        ? 
_diffrn.crystal_treatment      ? 
_diffrn.details                ? 
_diffrn.id                     1 
_diffrn.ambient_pressure       ? 
_diffrn.ambient_pressure_esd   ? 
_diffrn.ambient_pressure_gt    ? 
_diffrn.ambient_pressure_lt    ? 
_diffrn.ambient_temp_gt        ? 
_diffrn.ambient_temp_lt        ? 
# 
_diffrn_detector.details                      mirrors 
_diffrn_detector.detector                     CCD 
_diffrn_detector.diffrn_id                    1 
_diffrn_detector.type                         'ADSC QUANTUM 315r' 
_diffrn_detector.area_resol_mean              ? 
_diffrn_detector.dtime                        ? 
_diffrn_detector.pdbx_frames_total            ? 
_diffrn_detector.pdbx_collection_time_total   ? 
_diffrn_detector.pdbx_collection_date         2012-06-23 
# 
_diffrn_radiation.collimation                      ? 
_diffrn_radiation.diffrn_id                        1 
_diffrn_radiation.filter_edge                      ? 
_diffrn_radiation.inhomogeneity                    ? 
_diffrn_radiation.monochromator                    'Si 111' 
_diffrn_radiation.polarisn_norm                    ? 
_diffrn_radiation.polarisn_ratio                   ? 
_diffrn_radiation.probe                            ? 
_diffrn_radiation.type                             ? 
_diffrn_radiation.xray_symbol                      ? 
_diffrn_radiation.wavelength_id                    1 
_diffrn_radiation.pdbx_monochromatic_or_laue_m_l   M 
_diffrn_radiation.pdbx_wavelength_list             ? 
_diffrn_radiation.pdbx_wavelength                  ? 
_diffrn_radiation.pdbx_diffrn_protocol             'SINGLE WAVELENGTH' 
_diffrn_radiation.pdbx_analyzer                    ? 
_diffrn_radiation.pdbx_scattering_type             x-ray 
# 
_diffrn_radiation_wavelength.id           1 
_diffrn_radiation_wavelength.wavelength   0.980 
_diffrn_radiation_wavelength.wt           1.0 
# 
_diffrn_source.current                     ? 
_diffrn_source.details                     ? 
_diffrn_source.diffrn_id                   1 
_diffrn_source.power                       ? 
_diffrn_source.size                        ? 
_diffrn_source.source                      SYNCHROTRON 
_diffrn_source.target                      ? 
_diffrn_source.type                        'ESRF BEAMLINE BM30A' 
_diffrn_source.voltage                     ? 
_diffrn_source.take-off_angle              ? 
_diffrn_source.pdbx_wavelength_list        0.980 
_diffrn_source.pdbx_wavelength             ? 
_diffrn_source.pdbx_synchrotron_beamline   BM30A 
_diffrn_source.pdbx_synchrotron_site       ESRF 
# 
_reflns.B_iso_Wilson_estimate            18.9 
_reflns.entry_id                         5NVI 
_reflns.data_reduction_details           ? 
_reflns.data_reduction_method            ? 
_reflns.d_resolution_high                1.600 
_reflns.d_resolution_low                 64.184 
_reflns.details                          ? 
_reflns.limit_h_max                      ? 
_reflns.limit_h_min                      ? 
_reflns.limit_k_max                      ? 
_reflns.limit_k_min                      ? 
_reflns.limit_l_max                      ? 
_reflns.limit_l_min                      ? 
_reflns.number_all                       ? 
_reflns.number_obs                       22951 
_reflns.observed_criterion               ? 
_reflns.observed_criterion_F_max         ? 
_reflns.observed_criterion_F_min         ? 
_reflns.observed_criterion_I_max         ? 
_reflns.observed_criterion_I_min         ? 
_reflns.observed_criterion_sigma_F       ? 
_reflns.observed_criterion_sigma_I       ? 
_reflns.percent_possible_obs             97.700 
_reflns.R_free_details                   ? 
_reflns.Rmerge_F_all                     ? 
_reflns.Rmerge_F_obs                     ? 
_reflns.Friedel_coverage                 ? 
_reflns.number_gt                        ? 
_reflns.threshold_expression             ? 
_reflns.pdbx_redundancy                  5.400 
_reflns.pdbx_Rmerge_I_obs                ? 
_reflns.pdbx_Rmerge_I_all                ? 
_reflns.pdbx_Rsym_value                  0.084 
_reflns.pdbx_netI_over_av_sigmaI         2.400 
_reflns.pdbx_netI_over_sigmaI            7.500 
_reflns.pdbx_res_netI_over_av_sigmaI_2   ? 
_reflns.pdbx_res_netI_over_sigmaI_2      ? 
_reflns.pdbx_chi_squared                 ? 
_reflns.pdbx_scaling_rejects             ? 
_reflns.pdbx_d_res_high_opt              ? 
_reflns.pdbx_d_res_low_opt               ? 
_reflns.pdbx_d_res_opt_method            ? 
_reflns.phase_calculation_details        ? 
_reflns.pdbx_Rrim_I_all                  0.093 
_reflns.pdbx_Rpim_I_all                  0.038 
_reflns.pdbx_d_opt                       ? 
_reflns.pdbx_number_measured_all         ? 
_reflns.pdbx_diffrn_id                   1 
_reflns.pdbx_ordinal                     1 
_reflns.pdbx_CC_half                     ? 
_reflns.pdbx_R_split                     ? 
# 
loop_
_reflns_shell.d_res_high 
_reflns_shell.d_res_low 
_reflns_shell.meanI_over_sigI_all 
_reflns_shell.meanI_over_sigI_obs 
_reflns_shell.number_measured_all 
_reflns_shell.number_measured_obs 
_reflns_shell.number_possible 
_reflns_shell.number_unique_all 
_reflns_shell.number_unique_obs 
_reflns_shell.percent_possible_all 
_reflns_shell.percent_possible_obs 
_reflns_shell.Rmerge_F_all 
_reflns_shell.Rmerge_F_obs 
_reflns_shell.Rmerge_I_all 
_reflns_shell.Rmerge_I_obs 
_reflns_shell.meanI_over_sigI_gt 
_reflns_shell.meanI_over_uI_all 
_reflns_shell.meanI_over_uI_gt 
_reflns_shell.number_measured_gt 
_reflns_shell.number_unique_gt 
_reflns_shell.percent_possible_gt 
_reflns_shell.Rmerge_F_gt 
_reflns_shell.Rmerge_I_gt 
_reflns_shell.pdbx_redundancy 
_reflns_shell.pdbx_Rsym_value 
_reflns_shell.pdbx_chi_squared 
_reflns_shell.pdbx_netI_over_sigmaI_all 
_reflns_shell.pdbx_netI_over_sigmaI_obs 
_reflns_shell.pdbx_Rrim_I_all 
_reflns_shell.pdbx_Rpim_I_all 
_reflns_shell.pdbx_rejects 
_reflns_shell.pdbx_ordinal 
_reflns_shell.pdbx_diffrn_id 
_reflns_shell.pdbx_CC_half 
_reflns_shell.pdbx_R_split 
1.600 1.690  ? 1.600 ? ? ? ? ? 99.500 ? ? ? ? 0.443 ? ? ? ? ? ? ? ? 5.400 0.443 ? ? ? 0.486 0.190 ? 1  1 ? ? 
1.690 1.790  ? 2.200 ? ? ? ? ? 99.500 ? ? ? ? 0.299 ? ? ? ? ? ? ? ? 5.400 0.299 ? ? ? 0.329 0.130 ? 2  1 ? ? 
1.790 1.910  ? 3.200 ? ? ? ? ? 99.400 ? ? ? ? 0.192 ? ? ? ? ? ? ? ? 5.400 0.192 ? ? ? 0.212 0.084 ? 3  1 ? ? 
1.910 2.070  ? 3.900 ? ? ? ? ? 99.100 ? ? ? ? 0.133 ? ? ? ? ? ? ? ? 5.500 0.133 ? ? ? 0.148 0.060 ? 4  1 ? ? 
2.070 2.260  ? 4.500 ? ? ? ? ? 98.100 ? ? ? ? 0.100 ? ? ? ? ? ? ? ? 5.500 0.100 ? ? ? 0.110 0.044 ? 5  1 ? ? 
2.260 2.530  ? 4.000 ? ? ? ? ? 97.400 ? ? ? ? 0.091 ? ? ? ? ? ? ? ? 5.500 0.091 ? ? ? 0.101 0.040 ? 6  1 ? ? 
2.530 2.920  ? 4.300 ? ? ? ? ? 96.700 ? ? ? ? 0.097 ? ? ? ? ? ? ? ? 5.500 0.097 ? ? ? 0.108 0.044 ? 7  1 ? ? 
2.920 3.580  ? 4.500 ? ? ? ? ? 95.300 ? ? ? ? 0.075 ? ? ? ? ? ? ? ? 5.300 0.075 ? ? ? 0.084 0.035 ? 8  1 ? ? 
3.580 5.060  ? 5.000 ? ? ? ? ? 92.500 ? ? ? ? 0.065 ? ? ? ? ? ? ? ? 5.500 0.065 ? ? ? 0.072 0.030 ? 9  1 ? ? 
5.060 22.105 ? 4.500 ? ? ? ? ? 87.500 ? ? ? ? 0.069 ? ? ? ? ? ? ? ? 5.600 0.069 ? ? ? 0.078 0.033 ? 10 1 ? ? 
# 
_refine.aniso_B[1][1]                            0.1600 
_refine.aniso_B[1][2]                            0.0800 
_refine.aniso_B[1][3]                            0.0000 
_refine.aniso_B[2][2]                            0.1600 
_refine.aniso_B[2][3]                            0.0000 
_refine.aniso_B[3][3]                            -0.5100 
_refine.B_iso_max                                87.420 
_refine.B_iso_mean                               29.1940 
_refine.B_iso_min                                11.290 
_refine.correlation_coeff_Fo_to_Fc               0.9470 
_refine.correlation_coeff_Fo_to_Fc_free          0.9430 
_refine.details                                  
'HYDROGENS HAVE BEEN ADDED IN THE RIDING POSITIONS U VALUES      : REFINED INDIVIDUALLY' 
_refine.diff_density_max                         ? 
_refine.diff_density_max_esd                     ? 
_refine.diff_density_min                         ? 
_refine.diff_density_min_esd                     ? 
_refine.diff_density_rms                         ? 
_refine.diff_density_rms_esd                     ? 
_refine.entry_id                                 5NVI 
_refine.pdbx_refine_id                           'X-RAY DIFFRACTION' 
_refine.ls_abs_structure_details                 ? 
_refine.ls_abs_structure_Flack                   ? 
_refine.ls_abs_structure_Flack_esd               ? 
_refine.ls_abs_structure_Rogers                  ? 
_refine.ls_abs_structure_Rogers_esd              ? 
_refine.ls_d_res_high                            1.6000 
_refine.ls_d_res_low                             20.0000 
_refine.ls_extinction_coef                       ? 
_refine.ls_extinction_coef_esd                   ? 
_refine.ls_extinction_expression                 ? 
_refine.ls_extinction_method                     ? 
_refine.ls_goodness_of_fit_all                   ? 
_refine.ls_goodness_of_fit_all_esd               ? 
_refine.ls_goodness_of_fit_obs                   ? 
_refine.ls_goodness_of_fit_obs_esd               ? 
_refine.ls_hydrogen_treatment                    ? 
_refine.ls_matrix_type                           ? 
_refine.ls_number_constraints                    ? 
_refine.ls_number_parameters                     ? 
_refine.ls_number_reflns_all                     ? 
_refine.ls_number_reflns_obs                     21899 
_refine.ls_number_reflns_R_free                  1048 
_refine.ls_number_reflns_R_work                  ? 
_refine.ls_number_restraints                     ? 
_refine.ls_percent_reflns_obs                    97.5800 
_refine.ls_percent_reflns_R_free                 4.6000 
_refine.ls_R_factor_all                          ? 
_refine.ls_R_factor_obs                          0.1947 
_refine.ls_R_factor_R_free                       0.2299 
_refine.ls_R_factor_R_free_error                 ? 
_refine.ls_R_factor_R_free_error_details         ? 
_refine.ls_R_factor_R_work                       0.1931 
_refine.ls_R_Fsqd_factor_obs                     ? 
_refine.ls_R_I_factor_obs                        ? 
_refine.ls_redundancy_reflns_all                 ? 
_refine.ls_redundancy_reflns_obs                 ? 
_refine.ls_restrained_S_all                      ? 
_refine.ls_restrained_S_obs                      ? 
_refine.ls_shift_over_esd_max                    ? 
_refine.ls_shift_over_esd_mean                   ? 
_refine.ls_structure_factor_coef                 ? 
_refine.ls_weighting_details                     ? 
_refine.ls_weighting_scheme                      ? 
_refine.ls_wR_factor_all                         ? 
_refine.ls_wR_factor_obs                         ? 
_refine.ls_wR_factor_R_free                      ? 
_refine.ls_wR_factor_R_work                      ? 
_refine.occupancy_max                            ? 
_refine.occupancy_min                            ? 
_refine.solvent_model_details                    ? 
_refine.solvent_model_param_bsol                 ? 
_refine.solvent_model_param_ksol                 ? 
_refine.ls_R_factor_gt                           ? 
_refine.ls_goodness_of_fit_gt                    ? 
_refine.ls_goodness_of_fit_ref                   ? 
_refine.ls_shift_over_su_max                     ? 
_refine.ls_shift_over_su_max_lt                  ? 
_refine.ls_shift_over_su_mean                    ? 
_refine.ls_shift_over_su_mean_lt                 ? 
_refine.pdbx_ls_sigma_I                          ? 
_refine.pdbx_ls_sigma_F                          0.000 
_refine.pdbx_ls_sigma_Fsqd                       ? 
_refine.pdbx_data_cutoff_high_absF               ? 
_refine.pdbx_data_cutoff_high_rms_absF           ? 
_refine.pdbx_data_cutoff_low_absF                ? 
_refine.pdbx_isotropic_thermal_model             ? 
_refine.pdbx_ls_cross_valid_method               THROUGHOUT 
_refine.pdbx_method_to_determine_struct          'MOLECULAR REPLACEMENT' 
_refine.pdbx_starting_model                      1Q1F 
_refine.pdbx_stereochemistry_target_values       ? 
_refine.pdbx_R_Free_selection_details            RANDOM 
_refine.pdbx_stereochem_target_val_spec_case     ? 
_refine.pdbx_overall_ESU_R                       0.0910 
_refine.pdbx_overall_ESU_R_Free                  0.0940 
_refine.pdbx_solvent_vdw_probe_radii             1.2000 
_refine.pdbx_solvent_ion_probe_radii             0.8000 
_refine.pdbx_solvent_shrinkage_radii             0.8000 
_refine.pdbx_real_space_R                        ? 
_refine.pdbx_density_correlation                 ? 
_refine.pdbx_pd_number_of_powder_patterns        ? 
_refine.pdbx_pd_number_of_points                 ? 
_refine.pdbx_pd_meas_number_of_points            ? 
_refine.pdbx_pd_proc_ls_prof_R_factor            ? 
_refine.pdbx_pd_proc_ls_prof_wR_factor           ? 
_refine.pdbx_pd_Marquardt_correlation_coeff      ? 
_refine.pdbx_pd_Fsqrd_R_factor                   ? 
_refine.pdbx_pd_ls_matrix_band_width             ? 
_refine.pdbx_overall_phase_error                 ? 
_refine.pdbx_overall_SU_R_free_Cruickshank_DPI   ? 
_refine.pdbx_overall_SU_R_free_Blow_DPI          ? 
_refine.pdbx_overall_SU_R_Blow_DPI               ? 
_refine.pdbx_TLS_residual_ADP_flag               ? 
_refine.pdbx_diffrn_id                           1 
_refine.overall_SU_B                             1.6120 
_refine.overall_SU_ML                            0.0580 
_refine.overall_SU_R_Cruickshank_DPI             0.0912 
_refine.overall_SU_R_free                        ? 
_refine.overall_FOM_free_R_set                   ? 
_refine.overall_FOM_work_R_set                   ? 
_refine.pdbx_average_fsc_overall                 ? 
_refine.pdbx_average_fsc_work                    ? 
_refine.pdbx_average_fsc_free                    ? 
# 
_refine_hist.cycle_id                         final 
_refine_hist.pdbx_refine_id                   'X-RAY DIFFRACTION' 
_refine_hist.d_res_high                       1.6000 
_refine_hist.d_res_low                        20.0000 
_refine_hist.pdbx_number_atoms_ligand         49 
_refine_hist.number_atoms_solvent             117 
_refine_hist.number_atoms_total               1338 
_refine_hist.pdbx_number_residues_total       148 
_refine_hist.pdbx_B_iso_mean_ligand           20.66 
_refine_hist.pdbx_B_iso_mean_solvent          45.55 
_refine_hist.pdbx_number_atoms_protein        1172 
_refine_hist.pdbx_number_atoms_nucleic_acid   0 
# 
loop_
_refine_ls_restr.pdbx_refine_id 
_refine_ls_restr.criterion 
_refine_ls_restr.dev_ideal 
_refine_ls_restr.dev_ideal_target 
_refine_ls_restr.number 
_refine_ls_restr.rejects 
_refine_ls_restr.type 
_refine_ls_restr.weight 
_refine_ls_restr.pdbx_restraint_function 
'X-RAY DIFFRACTION' ? 0.013  0.019  1281 ? r_bond_refined_d       ? ? 
'X-RAY DIFFRACTION' ? 0.002  0.020  1202 ? r_bond_other_d         ? ? 
'X-RAY DIFFRACTION' ? 1.595  2.023  1747 ? r_angle_refined_deg    ? ? 
'X-RAY DIFFRACTION' ? 1.862  3.000  2761 ? r_angle_other_deg      ? ? 
'X-RAY DIFFRACTION' ? 4.888  5.000  147  ? r_dihedral_angle_1_deg ? ? 
'X-RAY DIFFRACTION' ? 27.518 21.579 57   ? r_dihedral_angle_2_deg ? ? 
'X-RAY DIFFRACTION' ? 12.919 15.000 216  ? r_dihedral_angle_3_deg ? ? 
'X-RAY DIFFRACTION' ? 15.494 15.000 15   ? r_dihedral_angle_4_deg ? ? 
'X-RAY DIFFRACTION' ? 0.109  0.200  185  ? r_chiral_restr         ? ? 
'X-RAY DIFFRACTION' ? 0.009  0.021  1420 ? r_gen_planes_refined   ? ? 
'X-RAY DIFFRACTION' ? 0.004  0.020  317  ? r_gen_planes_other     ? ? 
# 
_refine_ls_shell.pdbx_refine_id                   'X-RAY DIFFRACTION' 
_refine_ls_shell.d_res_high                       1.6000 
_refine_ls_shell.d_res_low                        1.6410 
_refine_ls_shell.number_reflns_all                1713 
_refine_ls_shell.number_reflns_obs                ? 
_refine_ls_shell.number_reflns_R_free             85 
_refine_ls_shell.number_reflns_R_work             1628 
_refine_ls_shell.percent_reflns_obs               99.4800 
_refine_ls_shell.percent_reflns_R_free            ? 
_refine_ls_shell.R_factor_all                     ? 
_refine_ls_shell.R_factor_obs                     ? 
_refine_ls_shell.R_factor_R_free                  0.2420 
_refine_ls_shell.R_factor_R_free_error            0.0000 
_refine_ls_shell.R_factor_R_work                  0.2180 
_refine_ls_shell.redundancy_reflns_all            ? 
_refine_ls_shell.redundancy_reflns_obs            ? 
_refine_ls_shell.wR_factor_all                    ? 
_refine_ls_shell.wR_factor_obs                    ? 
_refine_ls_shell.wR_factor_R_free                 ? 
_refine_ls_shell.wR_factor_R_work                 ? 
_refine_ls_shell.pdbx_total_number_of_bins_used   20 
_refine_ls_shell.pdbx_phase_error                 ? 
_refine_ls_shell.pdbx_fsc_work                    ? 
_refine_ls_shell.pdbx_fsc_free                    ? 
# 
_struct.entry_id                     5NVI 
_struct.title                        'Crystal structure of murine neuroglobin under 50 bar argon pressure' 
_struct.pdbx_model_details           ? 
_struct.pdbx_formula_weight          ? 
_struct.pdbx_formula_weight_method   ? 
_struct.pdbx_model_type_details      ? 
_struct.pdbx_CASP_flag               N 
# 
_struct_keywords.entry_id        5NVI 
_struct_keywords.text            'globin, oxygen transporter, transport protein' 
_struct_keywords.pdbx_keywords   'TRANSPORT PROTEIN' 
# 
loop_
_struct_asym.id 
_struct_asym.pdbx_blank_PDB_chainid_flag 
_struct_asym.pdbx_modified 
_struct_asym.entity_id 
_struct_asym.details 
A N N 1 ? 
B N N 2 ? 
C N N 3 ? 
D N N 4 ? 
E N N 5 ? 
# 
_struct_ref.id                         1 
_struct_ref.db_name                    UNP 
_struct_ref.db_code                    NGB_MOUSE 
_struct_ref.pdbx_db_accession          Q9ER97 
_struct_ref.pdbx_db_isoform            ? 
_struct_ref.entity_id                  1 
_struct_ref.pdbx_seq_one_letter_code   
;RPESELIRQSWRVVSRSPLEHGTVLFARLFALEPSLLPLFQYNGRQFSSPEDCLSSPEFLDHIRKVMLVIDAAVTNVEDL
SSLEEYLTSLGRKHRAVGVRLSSFSTVGESLLYMLEKCLGPDFTPATRTAWSRLYGAVVQAMSRGWDG
;
_struct_ref.pdbx_align_begin           3 
# 
_struct_ref_seq.align_id                      1 
_struct_ref_seq.ref_id                        1 
_struct_ref_seq.pdbx_PDB_id_code              5NVI 
_struct_ref_seq.pdbx_strand_id                A 
_struct_ref_seq.seq_align_beg                 1 
_struct_ref_seq.pdbx_seq_align_beg_ins_code   ? 
_struct_ref_seq.seq_align_end                 148 
_struct_ref_seq.pdbx_seq_align_end_ins_code   ? 
_struct_ref_seq.pdbx_db_accession             Q9ER97 
_struct_ref_seq.db_align_beg                  3 
_struct_ref_seq.pdbx_db_align_beg_ins_code    ? 
_struct_ref_seq.db_align_end                  150 
_struct_ref_seq.pdbx_db_align_end_ins_code    ? 
_struct_ref_seq.pdbx_auth_seq_align_beg       3 
_struct_ref_seq.pdbx_auth_seq_align_end       150 
# 
loop_
_struct_ref_seq_dif.align_id 
_struct_ref_seq_dif.pdbx_pdb_id_code 
_struct_ref_seq_dif.mon_id 
_struct_ref_seq_dif.pdbx_pdb_strand_id 
_struct_ref_seq_dif.seq_num 
_struct_ref_seq_dif.pdbx_pdb_ins_code 
_struct_ref_seq_dif.pdbx_seq_db_name 
_struct_ref_seq_dif.pdbx_seq_db_accession_code 
_struct_ref_seq_dif.db_mon_id 
_struct_ref_seq_dif.pdbx_seq_db_seq_num 
_struct_ref_seq_dif.details 
_struct_ref_seq_dif.pdbx_auth_seq_num 
_struct_ref_seq_dif.pdbx_ordinal 
1 5NVI SER A 53  ? UNP Q9ER97 CYS 55  'engineered mutation' 55  1 
1 5NVI SER A 118 ? UNP Q9ER97 CYS 120 'engineered mutation' 120 2 
# 
_pdbx_struct_assembly.id                   1 
_pdbx_struct_assembly.details              software_defined_assembly 
_pdbx_struct_assembly.method_details       PISA 
_pdbx_struct_assembly.oligomeric_details   monomeric 
_pdbx_struct_assembly.oligomeric_count     1 
# 
loop_
_pdbx_struct_assembly_prop.biol_id 
_pdbx_struct_assembly_prop.type 
_pdbx_struct_assembly_prop.value 
_pdbx_struct_assembly_prop.details 
1 'ABSA (A^2)' 1510 ? 
1 MORE         -37  ? 
1 'SSA (A^2)'  8110 ? 
# 
_pdbx_struct_assembly_gen.assembly_id       1 
_pdbx_struct_assembly_gen.oper_expression   1 
_pdbx_struct_assembly_gen.asym_id_list      A,B,C,D,E 
# 
_pdbx_struct_assembly_auth_evidence.id                     1 
_pdbx_struct_assembly_auth_evidence.assembly_id            1 
_pdbx_struct_assembly_auth_evidence.experimental_support   'gel filtration' 
_pdbx_struct_assembly_auth_evidence.details                ? 
# 
_pdbx_struct_oper_list.id                   1 
_pdbx_struct_oper_list.type                 'identity operation' 
_pdbx_struct_oper_list.name                 1_555 
_pdbx_struct_oper_list.symmetry_operation   x,y,z 
_pdbx_struct_oper_list.matrix[1][1]         1.0000000000 
_pdbx_struct_oper_list.matrix[1][2]         0.0000000000 
_pdbx_struct_oper_list.matrix[1][3]         0.0000000000 
_pdbx_struct_oper_list.vector[1]            0.0000000000 
_pdbx_struct_oper_list.matrix[2][1]         0.0000000000 
_pdbx_struct_oper_list.matrix[2][2]         1.0000000000 
_pdbx_struct_oper_list.matrix[2][3]         0.0000000000 
_pdbx_struct_oper_list.vector[2]            0.0000000000 
_pdbx_struct_oper_list.matrix[3][1]         0.0000000000 
_pdbx_struct_oper_list.matrix[3][2]         0.0000000000 
_pdbx_struct_oper_list.matrix[3][3]         1.0000000000 
_pdbx_struct_oper_list.vector[3]            0.0000000000 
# 
loop_
_struct_conf.conf_type_id 
_struct_conf.id 
_struct_conf.pdbx_PDB_helix_id 
_struct_conf.beg_label_comp_id 
_struct_conf.beg_label_asym_id 
_struct_conf.beg_label_seq_id 
_struct_conf.pdbx_beg_PDB_ins_code 
_struct_conf.end_label_comp_id 
_struct_conf.end_label_asym_id 
_struct_conf.end_label_seq_id 
_struct_conf.pdbx_end_PDB_ins_code 
_struct_conf.beg_auth_comp_id 
_struct_conf.beg_auth_asym_id 
_struct_conf.beg_auth_seq_id 
_struct_conf.end_auth_comp_id 
_struct_conf.end_auth_asym_id 
_struct_conf.end_auth_seq_id 
_struct_conf.pdbx_PDB_helix_class 
_struct_conf.details 
_struct_conf.pdbx_PDB_helix_length 
HELX_P HELX_P1  AA1 PRO A 2   ? SER A 15  ? PRO A 4   SER A 17  1 ? 14 
HELX_P HELX_P2  AA2 SER A 17  ? GLU A 33  ? SER A 19  GLU A 35  1 ? 17 
HELX_P HELX_P3  AA3 PRO A 34  ? PHE A 40  ? PRO A 36  PHE A 42  5 ? 7  
HELX_P HELX_P4  AA4 SER A 49  ? LEU A 54  ? SER A 51  LEU A 56  1 ? 6  
HELX_P HELX_P5  AA5 SER A 56  ? ASN A 76  ? SER A 58  ASN A 78  1 ? 21 
HELX_P HELX_P6  AA6 ASP A 79  ? SER A 82  ? ASP A 81  SER A 84  5 ? 4  
HELX_P HELX_P7  AA7 LEU A 83  ? GLY A 98  ? LEU A 85  GLY A 100 1 ? 16 
HELX_P HELX_P8  AA8 SER A 102 ? GLY A 120 ? SER A 104 GLY A 122 1 ? 19 
HELX_P HELX_P9  AA9 THR A 124 ? ARG A 144 ? THR A 126 ARG A 146 1 ? 21 
HELX_P HELX_P10 AB1 GLY A 145 ? ASP A 147 ? GLY A 147 ASP A 149 5 ? 3  
# 
_struct_conf_type.id          HELX_P 
_struct_conf_type.criteria    ? 
_struct_conf_type.reference   ? 
# 
loop_
_struct_conn.id 
_struct_conn.conn_type_id 
_struct_conn.pdbx_leaving_atom_flag 
_struct_conn.pdbx_PDB_id 
_struct_conn.ptnr1_label_asym_id 
_struct_conn.ptnr1_label_comp_id 
_struct_conn.ptnr1_label_seq_id 
_struct_conn.ptnr1_label_atom_id 
_struct_conn.pdbx_ptnr1_label_alt_id 
_struct_conn.pdbx_ptnr1_PDB_ins_code 
_struct_conn.pdbx_ptnr1_standard_comp_id 
_struct_conn.ptnr1_symmetry 
_struct_conn.ptnr2_label_asym_id 
_struct_conn.ptnr2_label_comp_id 
_struct_conn.ptnr2_label_seq_id 
_struct_conn.ptnr2_label_atom_id 
_struct_conn.pdbx_ptnr2_label_alt_id 
_struct_conn.pdbx_ptnr2_PDB_ins_code 
_struct_conn.ptnr1_auth_asym_id 
_struct_conn.ptnr1_auth_comp_id 
_struct_conn.ptnr1_auth_seq_id 
_struct_conn.ptnr2_auth_asym_id 
_struct_conn.ptnr2_auth_comp_id 
_struct_conn.ptnr2_auth_seq_id 
_struct_conn.ptnr2_symmetry 
_struct_conn.pdbx_ptnr3_label_atom_id 
_struct_conn.pdbx_ptnr3_label_seq_id 
_struct_conn.pdbx_ptnr3_label_comp_id 
_struct_conn.pdbx_ptnr3_label_asym_id 
_struct_conn.pdbx_ptnr3_label_alt_id 
_struct_conn.pdbx_ptnr3_PDB_ins_code 
_struct_conn.details 
_struct_conn.pdbx_dist_value 
_struct_conn.pdbx_value_order 
_struct_conn.pdbx_role 
metalc1 metalc ? ? A HIS 62 NE2 ? ? ? 1_555 B HEM . FE ? ? A HIS 64 A HEM 201 1_555 ? ? ? ? ? ? ? 2.071 ? ? 
metalc2 metalc ? ? A HIS 94 NE2 ? ? ? 1_555 B HEM . FE ? ? A HIS 96 A HEM 201 1_555 ? ? ? ? ? ? ? 2.126 ? ? 
# 
_struct_conn_type.id          metalc 
_struct_conn_type.criteria    ? 
_struct_conn_type.reference   ? 
# 
loop_
_pdbx_struct_conn_angle.id 
_pdbx_struct_conn_angle.ptnr1_label_atom_id 
_pdbx_struct_conn_angle.ptnr1_label_alt_id 
_pdbx_struct_conn_angle.ptnr1_label_asym_id 
_pdbx_struct_conn_angle.ptnr1_label_comp_id 
_pdbx_struct_conn_angle.ptnr1_label_seq_id 
_pdbx_struct_conn_angle.ptnr1_auth_atom_id 
_pdbx_struct_conn_angle.ptnr1_auth_asym_id 
_pdbx_struct_conn_angle.ptnr1_auth_comp_id 
_pdbx_struct_conn_angle.ptnr1_auth_seq_id 
_pdbx_struct_conn_angle.ptnr1_PDB_ins_code 
_pdbx_struct_conn_angle.ptnr1_symmetry 
_pdbx_struct_conn_angle.ptnr2_label_atom_id 
_pdbx_struct_conn_angle.ptnr2_label_alt_id 
_pdbx_struct_conn_angle.ptnr2_label_asym_id 
_pdbx_struct_conn_angle.ptnr2_label_comp_id 
_pdbx_struct_conn_angle.ptnr2_label_seq_id 
_pdbx_struct_conn_angle.ptnr2_auth_atom_id 
_pdbx_struct_conn_angle.ptnr2_auth_asym_id 
_pdbx_struct_conn_angle.ptnr2_auth_comp_id 
_pdbx_struct_conn_angle.ptnr2_auth_seq_id 
_pdbx_struct_conn_angle.ptnr2_PDB_ins_code 
_pdbx_struct_conn_angle.ptnr2_symmetry 
_pdbx_struct_conn_angle.ptnr3_label_atom_id 
_pdbx_struct_conn_angle.ptnr3_label_alt_id 
_pdbx_struct_conn_angle.ptnr3_label_asym_id 
_pdbx_struct_conn_angle.ptnr3_label_comp_id 
_pdbx_struct_conn_angle.ptnr3_label_seq_id 
_pdbx_struct_conn_angle.ptnr3_auth_atom_id 
_pdbx_struct_conn_angle.ptnr3_auth_asym_id 
_pdbx_struct_conn_angle.ptnr3_auth_comp_id 
_pdbx_struct_conn_angle.ptnr3_auth_seq_id 
_pdbx_struct_conn_angle.ptnr3_PDB_ins_code 
_pdbx_struct_conn_angle.ptnr3_symmetry 
_pdbx_struct_conn_angle.value 
_pdbx_struct_conn_angle.value_esd 
1  NE2 ? A HIS 62 ? A HIS 64  ? 1_555 FE ? B HEM . ? A HEM 201 ? 1_555 NA  ? B HEM .  ? A HEM 201 ? 1_555 87.6  ? 
2  NE2 ? A HIS 62 ? A HIS 64  ? 1_555 FE ? B HEM . ? A HEM 201 ? 1_555 NB  ? B HEM .  ? A HEM 201 ? 1_555 90.4  ? 
3  NA  ? B HEM .  ? A HEM 201 ? 1_555 FE ? B HEM . ? A HEM 201 ? 1_555 NB  ? B HEM .  ? A HEM 201 ? 1_555 89.4  ? 
4  NE2 ? A HIS 62 ? A HIS 64  ? 1_555 FE ? B HEM . ? A HEM 201 ? 1_555 NC  ? B HEM .  ? A HEM 201 ? 1_555 93.7  ? 
5  NA  ? B HEM .  ? A HEM 201 ? 1_555 FE ? B HEM . ? A HEM 201 ? 1_555 NC  ? B HEM .  ? A HEM 201 ? 1_555 178.7 ? 
6  NB  ? B HEM .  ? A HEM 201 ? 1_555 FE ? B HEM . ? A HEM 201 ? 1_555 NC  ? B HEM .  ? A HEM 201 ? 1_555 90.5  ? 
7  NE2 ? A HIS 62 ? A HIS 64  ? 1_555 FE ? B HEM . ? A HEM 201 ? 1_555 ND  ? B HEM .  ? A HEM 201 ? 1_555 90.4  ? 
8  NA  ? B HEM .  ? A HEM 201 ? 1_555 FE ? B HEM . ? A HEM 201 ? 1_555 ND  ? B HEM .  ? A HEM 201 ? 1_555 90.6  ? 
9  NB  ? B HEM .  ? A HEM 201 ? 1_555 FE ? B HEM . ? A HEM 201 ? 1_555 ND  ? B HEM .  ? A HEM 201 ? 1_555 179.2 ? 
10 NC  ? B HEM .  ? A HEM 201 ? 1_555 FE ? B HEM . ? A HEM 201 ? 1_555 ND  ? B HEM .  ? A HEM 201 ? 1_555 89.5  ? 
11 NE2 ? A HIS 62 ? A HIS 64  ? 1_555 FE ? B HEM . ? A HEM 201 ? 1_555 NE2 ? A HIS 94 ? A HIS 96  ? 1_555 177.3 ? 
12 NA  ? B HEM .  ? A HEM 201 ? 1_555 FE ? B HEM . ? A HEM 201 ? 1_555 NE2 ? A HIS 94 ? A HIS 96  ? 1_555 90.4  ? 
13 NB  ? B HEM .  ? A HEM 201 ? 1_555 FE ? B HEM . ? A HEM 201 ? 1_555 NE2 ? A HIS 94 ? A HIS 96  ? 1_555 87.8  ? 
14 NC  ? B HEM .  ? A HEM 201 ? 1_555 FE ? B HEM . ? A HEM 201 ? 1_555 NE2 ? A HIS 94 ? A HIS 96  ? 1_555 88.3  ? 
15 ND  ? B HEM .  ? A HEM 201 ? 1_555 FE ? B HEM . ? A HEM 201 ? 1_555 NE2 ? A HIS 94 ? A HIS 96  ? 1_555 91.4  ? 
# 
_struct_mon_prot_cis.pdbx_id                1 
_struct_mon_prot_cis.label_comp_id          ARG 
_struct_mon_prot_cis.label_seq_id           1 
_struct_mon_prot_cis.label_asym_id          A 
_struct_mon_prot_cis.label_alt_id           . 
_struct_mon_prot_cis.pdbx_PDB_ins_code      ? 
_struct_mon_prot_cis.auth_comp_id           ARG 
_struct_mon_prot_cis.auth_seq_id            3 
_struct_mon_prot_cis.auth_asym_id           A 
_struct_mon_prot_cis.pdbx_label_comp_id_2   PRO 
_struct_mon_prot_cis.pdbx_label_seq_id_2    2 
_struct_mon_prot_cis.pdbx_label_asym_id_2   A 
_struct_mon_prot_cis.pdbx_PDB_ins_code_2    ? 
_struct_mon_prot_cis.pdbx_auth_comp_id_2    PRO 
_struct_mon_prot_cis.pdbx_auth_seq_id_2     4 
_struct_mon_prot_cis.pdbx_auth_asym_id_2    A 
_struct_mon_prot_cis.pdbx_PDB_model_num     1 
_struct_mon_prot_cis.pdbx_omega_angle       -7.74 
# 
loop_
_struct_site.id 
_struct_site.pdbx_evidence_code 
_struct_site.pdbx_auth_asym_id 
_struct_site.pdbx_auth_comp_id 
_struct_site.pdbx_auth_seq_id 
_struct_site.pdbx_auth_ins_code 
_struct_site.pdbx_num_residues 
_struct_site.details 
AC1 Software A HEM 201 ? 14 'binding site for residue HEM A 201' 
AC2 Software A SO4 202 ? 6  'binding site for residue SO4 A 202' 
# 
loop_
_struct_site_gen.id 
_struct_site_gen.site_id 
_struct_site_gen.pdbx_num_res 
_struct_site_gen.label_comp_id 
_struct_site_gen.label_asym_id 
_struct_site_gen.label_seq_id 
_struct_site_gen.pdbx_auth_ins_code 
_struct_site_gen.auth_comp_id 
_struct_site_gen.auth_asym_id 
_struct_site_gen.auth_seq_id 
_struct_site_gen.label_atom_id 
_struct_site_gen.label_alt_id 
_struct_site_gen.symmetry 
_struct_site_gen.details 
1  AC1 14 PHE A 40 ? PHE A 42  . ? 1_555  ? 
2  AC1 14 TYR A 42 ? TYR A 44  . ? 1_555  ? 
3  AC1 14 HIS A 62 ? HIS A 64  . ? 1_555  ? 
4  AC1 14 LYS A 65 ? LYS A 67  . ? 1_555  ? 
5  AC1 14 LYS A 65 ? LYS A 67  . ? 18_655 ? 
6  AC1 14 VAL A 66 ? VAL A 68  . ? 1_555  ? 
7  AC1 14 VAL A 69 ? VAL A 71  . ? 1_555  ? 
8  AC1 14 TYR A 86 ? TYR A 88  . ? 1_555  ? 
9  AC1 14 LEU A 90 ? LEU A 92  . ? 1_555  ? 
10 AC1 14 HIS A 94 ? HIS A 96  . ? 1_555  ? 
11 AC1 14 VAL A 99 ? VAL A 101 . ? 1_555  ? 
12 AC1 14 HOH E .  ? HOH A 307 . ? 18_655 ? 
13 AC1 14 HOH E .  ? HOH A 307 . ? 1_555  ? 
14 AC1 14 HOH E .  ? HOH A 313 . ? 1_555  ? 
15 AC2 6  SER A 17 ? SER A 19  . ? 1_555  ? 
16 AC2 6  PRO A 18 ? PRO A 20  . ? 1_555  ? 
17 AC2 6  LEU A 19 ? LEU A 21  . ? 1_555  ? 
18 AC2 6  GLU A 20 ? GLU A 22  . ? 1_555  ? 
19 AC2 6  ARG A 64 ? ARG A 66  . ? 1_555  ? 
20 AC2 6  HOH E .  ? HOH A 324 . ? 1_555  ? 
# 
loop_
_pdbx_validate_torsion.id 
_pdbx_validate_torsion.PDB_model_num 
_pdbx_validate_torsion.auth_comp_id 
_pdbx_validate_torsion.auth_asym_id 
_pdbx_validate_torsion.auth_seq_id 
_pdbx_validate_torsion.PDB_ins_code 
_pdbx_validate_torsion.label_alt_id 
_pdbx_validate_torsion.phi 
_pdbx_validate_torsion.psi 
1 1 ASP A 124 ? ? 135.51 -26.98 
2 1 ASP A 149 ? ? 62.94  113.57 
# 
_pdbx_struct_special_symmetry.id              1 
_pdbx_struct_special_symmetry.PDB_model_num   1 
_pdbx_struct_special_symmetry.auth_asym_id    A 
_pdbx_struct_special_symmetry.auth_comp_id    HOH 
_pdbx_struct_special_symmetry.auth_seq_id     411 
_pdbx_struct_special_symmetry.PDB_ins_code    ? 
_pdbx_struct_special_symmetry.label_asym_id   E 
_pdbx_struct_special_symmetry.label_comp_id   HOH 
_pdbx_struct_special_symmetry.label_seq_id    . 
# 
_pdbx_distant_solvent_atoms.id                                1 
_pdbx_distant_solvent_atoms.PDB_model_num                     1 
_pdbx_distant_solvent_atoms.auth_atom_id                      O 
_pdbx_distant_solvent_atoms.label_alt_id                      ? 
_pdbx_distant_solvent_atoms.auth_asym_id                      A 
_pdbx_distant_solvent_atoms.auth_comp_id                      HOH 
_pdbx_distant_solvent_atoms.auth_seq_id                       417 
_pdbx_distant_solvent_atoms.PDB_ins_code                      ? 
_pdbx_distant_solvent_atoms.neighbor_macromolecule_distance   6.27 
_pdbx_distant_solvent_atoms.neighbor_ligand_distance          . 
# 
loop_
_chem_comp_atom.comp_id 
_chem_comp_atom.atom_id 
_chem_comp_atom.type_symbol 
_chem_comp_atom.pdbx_aromatic_flag 
_chem_comp_atom.pdbx_stereo_config 
_chem_comp_atom.pdbx_ordinal 
ALA N    N  N N 1   
ALA CA   C  N S 2   
ALA C    C  N N 3   
ALA O    O  N N 4   
ALA CB   C  N N 5   
ALA OXT  O  N N 6   
ALA H    H  N N 7   
ALA H2   H  N N 8   
ALA HA   H  N N 9   
ALA HB1  H  N N 10  
ALA HB2  H  N N 11  
ALA HB3  H  N N 12  
ALA HXT  H  N N 13  
AR  AR   AR N N 14  
ARG N    N  N N 15  
ARG CA   C  N S 16  
ARG C    C  N N 17  
ARG O    O  N N 18  
ARG CB   C  N N 19  
ARG CG   C  N N 20  
ARG CD   C  N N 21  
ARG NE   N  N N 22  
ARG CZ   C  N N 23  
ARG NH1  N  N N 24  
ARG NH2  N  N N 25  
ARG OXT  O  N N 26  
ARG H    H  N N 27  
ARG H2   H  N N 28  
ARG HA   H  N N 29  
ARG HB2  H  N N 30  
ARG HB3  H  N N 31  
ARG HG2  H  N N 32  
ARG HG3  H  N N 33  
ARG HD2  H  N N 34  
ARG HD3  H  N N 35  
ARG HE   H  N N 36  
ARG HH11 H  N N 37  
ARG HH12 H  N N 38  
ARG HH21 H  N N 39  
ARG HH22 H  N N 40  
ARG HXT  H  N N 41  
ASN N    N  N N 42  
ASN CA   C  N S 43  
ASN C    C  N N 44  
ASN O    O  N N 45  
ASN CB   C  N N 46  
ASN CG   C  N N 47  
ASN OD1  O  N N 48  
ASN ND2  N  N N 49  
ASN OXT  O  N N 50  
ASN H    H  N N 51  
ASN H2   H  N N 52  
ASN HA   H  N N 53  
ASN HB2  H  N N 54  
ASN HB3  H  N N 55  
ASN HD21 H  N N 56  
ASN HD22 H  N N 57  
ASN HXT  H  N N 58  
ASP N    N  N N 59  
ASP CA   C  N S 60  
ASP C    C  N N 61  
ASP O    O  N N 62  
ASP CB   C  N N 63  
ASP CG   C  N N 64  
ASP OD1  O  N N 65  
ASP OD2  O  N N 66  
ASP OXT  O  N N 67  
ASP H    H  N N 68  
ASP H2   H  N N 69  
ASP HA   H  N N 70  
ASP HB2  H  N N 71  
ASP HB3  H  N N 72  
ASP HD2  H  N N 73  
ASP HXT  H  N N 74  
CYS N    N  N N 75  
CYS CA   C  N R 76  
CYS C    C  N N 77  
CYS O    O  N N 78  
CYS CB   C  N N 79  
CYS SG   S  N N 80  
CYS OXT  O  N N 81  
CYS H    H  N N 82  
CYS H2   H  N N 83  
CYS HA   H  N N 84  
CYS HB2  H  N N 85  
CYS HB3  H  N N 86  
CYS HG   H  N N 87  
CYS HXT  H  N N 88  
GLN N    N  N N 89  
GLN CA   C  N S 90  
GLN C    C  N N 91  
GLN O    O  N N 92  
GLN CB   C  N N 93  
GLN CG   C  N N 94  
GLN CD   C  N N 95  
GLN OE1  O  N N 96  
GLN NE2  N  N N 97  
GLN OXT  O  N N 98  
GLN H    H  N N 99  
GLN H2   H  N N 100 
GLN HA   H  N N 101 
GLN HB2  H  N N 102 
GLN HB3  H  N N 103 
GLN HG2  H  N N 104 
GLN HG3  H  N N 105 
GLN HE21 H  N N 106 
GLN HE22 H  N N 107 
GLN HXT  H  N N 108 
GLU N    N  N N 109 
GLU CA   C  N S 110 
GLU C    C  N N 111 
GLU O    O  N N 112 
GLU CB   C  N N 113 
GLU CG   C  N N 114 
GLU CD   C  N N 115 
GLU OE1  O  N N 116 
GLU OE2  O  N N 117 
GLU OXT  O  N N 118 
GLU H    H  N N 119 
GLU H2   H  N N 120 
GLU HA   H  N N 121 
GLU HB2  H  N N 122 
GLU HB3  H  N N 123 
GLU HG2  H  N N 124 
GLU HG3  H  N N 125 
GLU HE2  H  N N 126 
GLU HXT  H  N N 127 
GLY N    N  N N 128 
GLY CA   C  N N 129 
GLY C    C  N N 130 
GLY O    O  N N 131 
GLY OXT  O  N N 132 
GLY H    H  N N 133 
GLY H2   H  N N 134 
GLY HA2  H  N N 135 
GLY HA3  H  N N 136 
GLY HXT  H  N N 137 
HEM CHA  C  N N 138 
HEM CHB  C  N N 139 
HEM CHC  C  N N 140 
HEM CHD  C  N N 141 
HEM C1A  C  Y N 142 
HEM C2A  C  Y N 143 
HEM C3A  C  Y N 144 
HEM C4A  C  Y N 145 
HEM CMA  C  N N 146 
HEM CAA  C  N N 147 
HEM CBA  C  N N 148 
HEM CGA  C  N N 149 
HEM O1A  O  N N 150 
HEM O2A  O  N N 151 
HEM C1B  C  N N 152 
HEM C2B  C  N N 153 
HEM C3B  C  N N 154 
HEM C4B  C  N N 155 
HEM CMB  C  N N 156 
HEM CAB  C  N N 157 
HEM CBB  C  N N 158 
HEM C1C  C  Y N 159 
HEM C2C  C  Y N 160 
HEM C3C  C  Y N 161 
HEM C4C  C  Y N 162 
HEM CMC  C  N N 163 
HEM CAC  C  N N 164 
HEM CBC  C  N N 165 
HEM C1D  C  N N 166 
HEM C2D  C  N N 167 
HEM C3D  C  N N 168 
HEM C4D  C  N N 169 
HEM CMD  C  N N 170 
HEM CAD  C  N N 171 
HEM CBD  C  N N 172 
HEM CGD  C  N N 173 
HEM O1D  O  N N 174 
HEM O2D  O  N N 175 
HEM NA   N  Y N 176 
HEM NB   N  N N 177 
HEM NC   N  Y N 178 
HEM ND   N  N N 179 
HEM FE   FE N N 180 
HEM HHB  H  N N 181 
HEM HHC  H  N N 182 
HEM HHD  H  N N 183 
HEM HMA  H  N N 184 
HEM HMAA H  N N 185 
HEM HMAB H  N N 186 
HEM HAA  H  N N 187 
HEM HAAA H  N N 188 
HEM HBA  H  N N 189 
HEM HBAA H  N N 190 
HEM HMB  H  N N 191 
HEM HMBA H  N N 192 
HEM HMBB H  N N 193 
HEM HAB  H  N N 194 
HEM HBB  H  N N 195 
HEM HBBA H  N N 196 
HEM HMC  H  N N 197 
HEM HMCA H  N N 198 
HEM HMCB H  N N 199 
HEM HAC  H  N N 200 
HEM HBC  H  N N 201 
HEM HBCA H  N N 202 
HEM HMD  H  N N 203 
HEM HMDA H  N N 204 
HEM HMDB H  N N 205 
HEM HAD  H  N N 206 
HEM HADA H  N N 207 
HEM HBD  H  N N 208 
HEM HBDA H  N N 209 
HEM H2A  H  N N 210 
HEM H2D  H  N N 211 
HEM HHA  H  N N 212 
HIS N    N  N N 213 
HIS CA   C  N S 214 
HIS C    C  N N 215 
HIS O    O  N N 216 
HIS CB   C  N N 217 
HIS CG   C  Y N 218 
HIS ND1  N  Y N 219 
HIS CD2  C  Y N 220 
HIS CE1  C  Y N 221 
HIS NE2  N  Y N 222 
HIS OXT  O  N N 223 
HIS H    H  N N 224 
HIS H2   H  N N 225 
HIS HA   H  N N 226 
HIS HB2  H  N N 227 
HIS HB3  H  N N 228 
HIS HD1  H  N N 229 
HIS HD2  H  N N 230 
HIS HE1  H  N N 231 
HIS HE2  H  N N 232 
HIS HXT  H  N N 233 
HOH O    O  N N 234 
HOH H1   H  N N 235 
HOH H2   H  N N 236 
ILE N    N  N N 237 
ILE CA   C  N S 238 
ILE C    C  N N 239 
ILE O    O  N N 240 
ILE CB   C  N S 241 
ILE CG1  C  N N 242 
ILE CG2  C  N N 243 
ILE CD1  C  N N 244 
ILE OXT  O  N N 245 
ILE H    H  N N 246 
ILE H2   H  N N 247 
ILE HA   H  N N 248 
ILE HB   H  N N 249 
ILE HG12 H  N N 250 
ILE HG13 H  N N 251 
ILE HG21 H  N N 252 
ILE HG22 H  N N 253 
ILE HG23 H  N N 254 
ILE HD11 H  N N 255 
ILE HD12 H  N N 256 
ILE HD13 H  N N 257 
ILE HXT  H  N N 258 
LEU N    N  N N 259 
LEU CA   C  N S 260 
LEU C    C  N N 261 
LEU O    O  N N 262 
LEU CB   C  N N 263 
LEU CG   C  N N 264 
LEU CD1  C  N N 265 
LEU CD2  C  N N 266 
LEU OXT  O  N N 267 
LEU H    H  N N 268 
LEU H2   H  N N 269 
LEU HA   H  N N 270 
LEU HB2  H  N N 271 
LEU HB3  H  N N 272 
LEU HG   H  N N 273 
LEU HD11 H  N N 274 
LEU HD12 H  N N 275 
LEU HD13 H  N N 276 
LEU HD21 H  N N 277 
LEU HD22 H  N N 278 
LEU HD23 H  N N 279 
LEU HXT  H  N N 280 
LYS N    N  N N 281 
LYS CA   C  N S 282 
LYS C    C  N N 283 
LYS O    O  N N 284 
LYS CB   C  N N 285 
LYS CG   C  N N 286 
LYS CD   C  N N 287 
LYS CE   C  N N 288 
LYS NZ   N  N N 289 
LYS OXT  O  N N 290 
LYS H    H  N N 291 
LYS H2   H  N N 292 
LYS HA   H  N N 293 
LYS HB2  H  N N 294 
LYS HB3  H  N N 295 
LYS HG2  H  N N 296 
LYS HG3  H  N N 297 
LYS HD2  H  N N 298 
LYS HD3  H  N N 299 
LYS HE2  H  N N 300 
LYS HE3  H  N N 301 
LYS HZ1  H  N N 302 
LYS HZ2  H  N N 303 
LYS HZ3  H  N N 304 
LYS HXT  H  N N 305 
MET N    N  N N 306 
MET CA   C  N S 307 
MET C    C  N N 308 
MET O    O  N N 309 
MET CB   C  N N 310 
MET CG   C  N N 311 
MET SD   S  N N 312 
MET CE   C  N N 313 
MET OXT  O  N N 314 
MET H    H  N N 315 
MET H2   H  N N 316 
MET HA   H  N N 317 
MET HB2  H  N N 318 
MET HB3  H  N N 319 
MET HG2  H  N N 320 
MET HG3  H  N N 321 
MET HE1  H  N N 322 
MET HE2  H  N N 323 
MET HE3  H  N N 324 
MET HXT  H  N N 325 
PHE N    N  N N 326 
PHE CA   C  N S 327 
PHE C    C  N N 328 
PHE O    O  N N 329 
PHE CB   C  N N 330 
PHE CG   C  Y N 331 
PHE CD1  C  Y N 332 
PHE CD2  C  Y N 333 
PHE CE1  C  Y N 334 
PHE CE2  C  Y N 335 
PHE CZ   C  Y N 336 
PHE OXT  O  N N 337 
PHE H    H  N N 338 
PHE H2   H  N N 339 
PHE HA   H  N N 340 
PHE HB2  H  N N 341 
PHE HB3  H  N N 342 
PHE HD1  H  N N 343 
PHE HD2  H  N N 344 
PHE HE1  H  N N 345 
PHE HE2  H  N N 346 
PHE HZ   H  N N 347 
PHE HXT  H  N N 348 
PRO N    N  N N 349 
PRO CA   C  N S 350 
PRO C    C  N N 351 
PRO O    O  N N 352 
PRO CB   C  N N 353 
PRO CG   C  N N 354 
PRO CD   C  N N 355 
PRO OXT  O  N N 356 
PRO H    H  N N 357 
PRO HA   H  N N 358 
PRO HB2  H  N N 359 
PRO HB3  H  N N 360 
PRO HG2  H  N N 361 
PRO HG3  H  N N 362 
PRO HD2  H  N N 363 
PRO HD3  H  N N 364 
PRO HXT  H  N N 365 
SER N    N  N N 366 
SER CA   C  N S 367 
SER C    C  N N 368 
SER O    O  N N 369 
SER CB   C  N N 370 
SER OG   O  N N 371 
SER OXT  O  N N 372 
SER H    H  N N 373 
SER H2   H  N N 374 
SER HA   H  N N 375 
SER HB2  H  N N 376 
SER HB3  H  N N 377 
SER HG   H  N N 378 
SER HXT  H  N N 379 
SO4 S    S  N N 380 
SO4 O1   O  N N 381 
SO4 O2   O  N N 382 
SO4 O3   O  N N 383 
SO4 O4   O  N N 384 
THR N    N  N N 385 
THR CA   C  N S 386 
THR C    C  N N 387 
THR O    O  N N 388 
THR CB   C  N R 389 
THR OG1  O  N N 390 
THR CG2  C  N N 391 
THR OXT  O  N N 392 
THR H    H  N N 393 
THR H2   H  N N 394 
THR HA   H  N N 395 
THR HB   H  N N 396 
THR HG1  H  N N 397 
THR HG21 H  N N 398 
THR HG22 H  N N 399 
THR HG23 H  N N 400 
THR HXT  H  N N 401 
TRP N    N  N N 402 
TRP CA   C  N S 403 
TRP C    C  N N 404 
TRP O    O  N N 405 
TRP CB   C  N N 406 
TRP CG   C  Y N 407 
TRP CD1  C  Y N 408 
TRP CD2  C  Y N 409 
TRP NE1  N  Y N 410 
TRP CE2  C  Y N 411 
TRP CE3  C  Y N 412 
TRP CZ2  C  Y N 413 
TRP CZ3  C  Y N 414 
TRP CH2  C  Y N 415 
TRP OXT  O  N N 416 
TRP H    H  N N 417 
TRP H2   H  N N 418 
TRP HA   H  N N 419 
TRP HB2  H  N N 420 
TRP HB3  H  N N 421 
TRP HD1  H  N N 422 
TRP HE1  H  N N 423 
TRP HE3  H  N N 424 
TRP HZ2  H  N N 425 
TRP HZ3  H  N N 426 
TRP HH2  H  N N 427 
TRP HXT  H  N N 428 
TYR N    N  N N 429 
TYR CA   C  N S 430 
TYR C    C  N N 431 
TYR O    O  N N 432 
TYR CB   C  N N 433 
TYR CG   C  Y N 434 
TYR CD1  C  Y N 435 
TYR CD2  C  Y N 436 
TYR CE1  C  Y N 437 
TYR CE2  C  Y N 438 
TYR CZ   C  Y N 439 
TYR OH   O  N N 440 
TYR OXT  O  N N 441 
TYR H    H  N N 442 
TYR H2   H  N N 443 
TYR HA   H  N N 444 
TYR HB2  H  N N 445 
TYR HB3  H  N N 446 
TYR HD1  H  N N 447 
TYR HD2  H  N N 448 
TYR HE1  H  N N 449 
TYR HE2  H  N N 450 
TYR HH   H  N N 451 
TYR HXT  H  N N 452 
VAL N    N  N N 453 
VAL CA   C  N S 454 
VAL C    C  N N 455 
VAL O    O  N N 456 
VAL CB   C  N N 457 
VAL CG1  C  N N 458 
VAL CG2  C  N N 459 
VAL OXT  O  N N 460 
VAL H    H  N N 461 
VAL H2   H  N N 462 
VAL HA   H  N N 463 
VAL HB   H  N N 464 
VAL HG11 H  N N 465 
VAL HG12 H  N N 466 
VAL HG13 H  N N 467 
VAL HG21 H  N N 468 
VAL HG22 H  N N 469 
VAL HG23 H  N N 470 
VAL HXT  H  N N 471 
# 
loop_
_chem_comp_bond.comp_id 
_chem_comp_bond.atom_id_1 
_chem_comp_bond.atom_id_2 
_chem_comp_bond.value_order 
_chem_comp_bond.pdbx_aromatic_flag 
_chem_comp_bond.pdbx_stereo_config 
_chem_comp_bond.pdbx_ordinal 
ALA N   CA   sing N N 1   
ALA N   H    sing N N 2   
ALA N   H2   sing N N 3   
ALA CA  C    sing N N 4   
ALA CA  CB   sing N N 5   
ALA CA  HA   sing N N 6   
ALA C   O    doub N N 7   
ALA C   OXT  sing N N 8   
ALA CB  HB1  sing N N 9   
ALA CB  HB2  sing N N 10  
ALA CB  HB3  sing N N 11  
ALA OXT HXT  sing N N 12  
ARG N   CA   sing N N 13  
ARG N   H    sing N N 14  
ARG N   H2   sing N N 15  
ARG CA  C    sing N N 16  
ARG CA  CB   sing N N 17  
ARG CA  HA   sing N N 18  
ARG C   O    doub N N 19  
ARG C   OXT  sing N N 20  
ARG CB  CG   sing N N 21  
ARG CB  HB2  sing N N 22  
ARG CB  HB3  sing N N 23  
ARG CG  CD   sing N N 24  
ARG CG  HG2  sing N N 25  
ARG CG  HG3  sing N N 26  
ARG CD  NE   sing N N 27  
ARG CD  HD2  sing N N 28  
ARG CD  HD3  sing N N 29  
ARG NE  CZ   sing N N 30  
ARG NE  HE   sing N N 31  
ARG CZ  NH1  sing N N 32  
ARG CZ  NH2  doub N N 33  
ARG NH1 HH11 sing N N 34  
ARG NH1 HH12 sing N N 35  
ARG NH2 HH21 sing N N 36  
ARG NH2 HH22 sing N N 37  
ARG OXT HXT  sing N N 38  
ASN N   CA   sing N N 39  
ASN N   H    sing N N 40  
ASN N   H2   sing N N 41  
ASN CA  C    sing N N 42  
ASN CA  CB   sing N N 43  
ASN CA  HA   sing N N 44  
ASN C   O    doub N N 45  
ASN C   OXT  sing N N 46  
ASN CB  CG   sing N N 47  
ASN CB  HB2  sing N N 48  
ASN CB  HB3  sing N N 49  
ASN CG  OD1  doub N N 50  
ASN CG  ND2  sing N N 51  
ASN ND2 HD21 sing N N 52  
ASN ND2 HD22 sing N N 53  
ASN OXT HXT  sing N N 54  
ASP N   CA   sing N N 55  
ASP N   H    sing N N 56  
ASP N   H2   sing N N 57  
ASP CA  C    sing N N 58  
ASP CA  CB   sing N N 59  
ASP CA  HA   sing N N 60  
ASP C   O    doub N N 61  
ASP C   OXT  sing N N 62  
ASP CB  CG   sing N N 63  
ASP CB  HB2  sing N N 64  
ASP CB  HB3  sing N N 65  
ASP CG  OD1  doub N N 66  
ASP CG  OD2  sing N N 67  
ASP OD2 HD2  sing N N 68  
ASP OXT HXT  sing N N 69  
CYS N   CA   sing N N 70  
CYS N   H    sing N N 71  
CYS N   H2   sing N N 72  
CYS CA  C    sing N N 73  
CYS CA  CB   sing N N 74  
CYS CA  HA   sing N N 75  
CYS C   O    doub N N 76  
CYS C   OXT  sing N N 77  
CYS CB  SG   sing N N 78  
CYS CB  HB2  sing N N 79  
CYS CB  HB3  sing N N 80  
CYS SG  HG   sing N N 81  
CYS OXT HXT  sing N N 82  
GLN N   CA   sing N N 83  
GLN N   H    sing N N 84  
GLN N   H2   sing N N 85  
GLN CA  C    sing N N 86  
GLN CA  CB   sing N N 87  
GLN CA  HA   sing N N 88  
GLN C   O    doub N N 89  
GLN C   OXT  sing N N 90  
GLN CB  CG   sing N N 91  
GLN CB  HB2  sing N N 92  
GLN CB  HB3  sing N N 93  
GLN CG  CD   sing N N 94  
GLN CG  HG2  sing N N 95  
GLN CG  HG3  sing N N 96  
GLN CD  OE1  doub N N 97  
GLN CD  NE2  sing N N 98  
GLN NE2 HE21 sing N N 99  
GLN NE2 HE22 sing N N 100 
GLN OXT HXT  sing N N 101 
GLU N   CA   sing N N 102 
GLU N   H    sing N N 103 
GLU N   H2   sing N N 104 
GLU CA  C    sing N N 105 
GLU CA  CB   sing N N 106 
GLU CA  HA   sing N N 107 
GLU C   O    doub N N 108 
GLU C   OXT  sing N N 109 
GLU CB  CG   sing N N 110 
GLU CB  HB2  sing N N 111 
GLU CB  HB3  sing N N 112 
GLU CG  CD   sing N N 113 
GLU CG  HG2  sing N N 114 
GLU CG  HG3  sing N N 115 
GLU CD  OE1  doub N N 116 
GLU CD  OE2  sing N N 117 
GLU OE2 HE2  sing N N 118 
GLU OXT HXT  sing N N 119 
GLY N   CA   sing N N 120 
GLY N   H    sing N N 121 
GLY N   H2   sing N N 122 
GLY CA  C    sing N N 123 
GLY CA  HA2  sing N N 124 
GLY CA  HA3  sing N N 125 
GLY C   O    doub N N 126 
GLY C   OXT  sing N N 127 
GLY OXT HXT  sing N N 128 
HEM CHA C1A  sing N N 129 
HEM CHA C4D  doub N N 130 
HEM CHA HHA  sing N N 131 
HEM CHB C4A  sing N N 132 
HEM CHB C1B  doub N N 133 
HEM CHB HHB  sing N N 134 
HEM CHC C4B  sing N N 135 
HEM CHC C1C  doub N N 136 
HEM CHC HHC  sing N N 137 
HEM CHD C4C  doub N N 138 
HEM CHD C1D  sing N N 139 
HEM CHD HHD  sing N N 140 
HEM C1A C2A  doub Y N 141 
HEM C1A NA   sing Y N 142 
HEM C2A C3A  sing Y N 143 
HEM C2A CAA  sing N N 144 
HEM C3A C4A  doub Y N 145 
HEM C3A CMA  sing N N 146 
HEM C4A NA   sing Y N 147 
HEM CMA HMA  sing N N 148 
HEM CMA HMAA sing N N 149 
HEM CMA HMAB sing N N 150 
HEM CAA CBA  sing N N 151 
HEM CAA HAA  sing N N 152 
HEM CAA HAAA sing N N 153 
HEM CBA CGA  sing N N 154 
HEM CBA HBA  sing N N 155 
HEM CBA HBAA sing N N 156 
HEM CGA O1A  doub N N 157 
HEM CGA O2A  sing N N 158 
HEM C1B C2B  sing N N 159 
HEM C1B NB   sing N N 160 
HEM C2B C3B  doub N N 161 
HEM C2B CMB  sing N N 162 
HEM C3B C4B  sing N N 163 
HEM C3B CAB  sing N N 164 
HEM C4B NB   doub N N 165 
HEM CMB HMB  sing N N 166 
HEM CMB HMBA sing N N 167 
HEM CMB HMBB sing N N 168 
HEM CAB CBB  doub N N 169 
HEM CAB HAB  sing N N 170 
HEM CBB HBB  sing N N 171 
HEM CBB HBBA sing N N 172 
HEM C1C C2C  sing Y N 173 
HEM C1C NC   sing Y N 174 
HEM C2C C3C  doub Y N 175 
HEM C2C CMC  sing N N 176 
HEM C3C C4C  sing Y N 177 
HEM C3C CAC  sing N N 178 
HEM C4C NC   sing Y N 179 
HEM CMC HMC  sing N N 180 
HEM CMC HMCA sing N N 181 
HEM CMC HMCB sing N N 182 
HEM CAC CBC  doub N N 183 
HEM CAC HAC  sing N N 184 
HEM CBC HBC  sing N N 185 
HEM CBC HBCA sing N N 186 
HEM C1D C2D  sing N N 187 
HEM C1D ND   doub N N 188 
HEM C2D C3D  doub N N 189 
HEM C2D CMD  sing N N 190 
HEM C3D C4D  sing N N 191 
HEM C3D CAD  sing N N 192 
HEM C4D ND   sing N N 193 
HEM CMD HMD  sing N N 194 
HEM CMD HMDA sing N N 195 
HEM CMD HMDB sing N N 196 
HEM CAD CBD  sing N N 197 
HEM CAD HAD  sing N N 198 
HEM CAD HADA sing N N 199 
HEM CBD CGD  sing N N 200 
HEM CBD HBD  sing N N 201 
HEM CBD HBDA sing N N 202 
HEM CGD O1D  doub N N 203 
HEM CGD O2D  sing N N 204 
HEM O2A H2A  sing N N 205 
HEM O2D H2D  sing N N 206 
HEM FE  NA   sing N N 207 
HEM FE  NB   sing N N 208 
HEM FE  NC   sing N N 209 
HEM FE  ND   sing N N 210 
HIS N   CA   sing N N 211 
HIS N   H    sing N N 212 
HIS N   H2   sing N N 213 
HIS CA  C    sing N N 214 
HIS CA  CB   sing N N 215 
HIS CA  HA   sing N N 216 
HIS C   O    doub N N 217 
HIS C   OXT  sing N N 218 
HIS CB  CG   sing N N 219 
HIS CB  HB2  sing N N 220 
HIS CB  HB3  sing N N 221 
HIS CG  ND1  sing Y N 222 
HIS CG  CD2  doub Y N 223 
HIS ND1 CE1  doub Y N 224 
HIS ND1 HD1  sing N N 225 
HIS CD2 NE2  sing Y N 226 
HIS CD2 HD2  sing N N 227 
HIS CE1 NE2  sing Y N 228 
HIS CE1 HE1  sing N N 229 
HIS NE2 HE2  sing N N 230 
HIS OXT HXT  sing N N 231 
HOH O   H1   sing N N 232 
HOH O   H2   sing N N 233 
ILE N   CA   sing N N 234 
ILE N   H    sing N N 235 
ILE N   H2   sing N N 236 
ILE CA  C    sing N N 237 
ILE CA  CB   sing N N 238 
ILE CA  HA   sing N N 239 
ILE C   O    doub N N 240 
ILE C   OXT  sing N N 241 
ILE CB  CG1  sing N N 242 
ILE CB  CG2  sing N N 243 
ILE CB  HB   sing N N 244 
ILE CG1 CD1  sing N N 245 
ILE CG1 HG12 sing N N 246 
ILE CG1 HG13 sing N N 247 
ILE CG2 HG21 sing N N 248 
ILE CG2 HG22 sing N N 249 
ILE CG2 HG23 sing N N 250 
ILE CD1 HD11 sing N N 251 
ILE CD1 HD12 sing N N 252 
ILE CD1 HD13 sing N N 253 
ILE OXT HXT  sing N N 254 
LEU N   CA   sing N N 255 
LEU N   H    sing N N 256 
LEU N   H2   sing N N 257 
LEU CA  C    sing N N 258 
LEU CA  CB   sing N N 259 
LEU CA  HA   sing N N 260 
LEU C   O    doub N N 261 
LEU C   OXT  sing N N 262 
LEU CB  CG   sing N N 263 
LEU CB  HB2  sing N N 264 
LEU CB  HB3  sing N N 265 
LEU CG  CD1  sing N N 266 
LEU CG  CD2  sing N N 267 
LEU CG  HG   sing N N 268 
LEU CD1 HD11 sing N N 269 
LEU CD1 HD12 sing N N 270 
LEU CD1 HD13 sing N N 271 
LEU CD2 HD21 sing N N 272 
LEU CD2 HD22 sing N N 273 
LEU CD2 HD23 sing N N 274 
LEU OXT HXT  sing N N 275 
LYS N   CA   sing N N 276 
LYS N   H    sing N N 277 
LYS N   H2   sing N N 278 
LYS CA  C    sing N N 279 
LYS CA  CB   sing N N 280 
LYS CA  HA   sing N N 281 
LYS C   O    doub N N 282 
LYS C   OXT  sing N N 283 
LYS CB  CG   sing N N 284 
LYS CB  HB2  sing N N 285 
LYS CB  HB3  sing N N 286 
LYS CG  CD   sing N N 287 
LYS CG  HG2  sing N N 288 
LYS CG  HG3  sing N N 289 
LYS CD  CE   sing N N 290 
LYS CD  HD2  sing N N 291 
LYS CD  HD3  sing N N 292 
LYS CE  NZ   sing N N 293 
LYS CE  HE2  sing N N 294 
LYS CE  HE3  sing N N 295 
LYS NZ  HZ1  sing N N 296 
LYS NZ  HZ2  sing N N 297 
LYS NZ  HZ3  sing N N 298 
LYS OXT HXT  sing N N 299 
MET N   CA   sing N N 300 
MET N   H    sing N N 301 
MET N   H2   sing N N 302 
MET CA  C    sing N N 303 
MET CA  CB   sing N N 304 
MET CA  HA   sing N N 305 
MET C   O    doub N N 306 
MET C   OXT  sing N N 307 
MET CB  CG   sing N N 308 
MET CB  HB2  sing N N 309 
MET CB  HB3  sing N N 310 
MET CG  SD   sing N N 311 
MET CG  HG2  sing N N 312 
MET CG  HG3  sing N N 313 
MET SD  CE   sing N N 314 
MET CE  HE1  sing N N 315 
MET CE  HE2  sing N N 316 
MET CE  HE3  sing N N 317 
MET OXT HXT  sing N N 318 
PHE N   CA   sing N N 319 
PHE N   H    sing N N 320 
PHE N   H2   sing N N 321 
PHE CA  C    sing N N 322 
PHE CA  CB   sing N N 323 
PHE CA  HA   sing N N 324 
PHE C   O    doub N N 325 
PHE C   OXT  sing N N 326 
PHE CB  CG   sing N N 327 
PHE CB  HB2  sing N N 328 
PHE CB  HB3  sing N N 329 
PHE CG  CD1  doub Y N 330 
PHE CG  CD2  sing Y N 331 
PHE CD1 CE1  sing Y N 332 
PHE CD1 HD1  sing N N 333 
PHE CD2 CE2  doub Y N 334 
PHE CD2 HD2  sing N N 335 
PHE CE1 CZ   doub Y N 336 
PHE CE1 HE1  sing N N 337 
PHE CE2 CZ   sing Y N 338 
PHE CE2 HE2  sing N N 339 
PHE CZ  HZ   sing N N 340 
PHE OXT HXT  sing N N 341 
PRO N   CA   sing N N 342 
PRO N   CD   sing N N 343 
PRO N   H    sing N N 344 
PRO CA  C    sing N N 345 
PRO CA  CB   sing N N 346 
PRO CA  HA   sing N N 347 
PRO C   O    doub N N 348 
PRO C   OXT  sing N N 349 
PRO CB  CG   sing N N 350 
PRO CB  HB2  sing N N 351 
PRO CB  HB3  sing N N 352 
PRO CG  CD   sing N N 353 
PRO CG  HG2  sing N N 354 
PRO CG  HG3  sing N N 355 
PRO CD  HD2  sing N N 356 
PRO CD  HD3  sing N N 357 
PRO OXT HXT  sing N N 358 
SER N   CA   sing N N 359 
SER N   H    sing N N 360 
SER N   H2   sing N N 361 
SER CA  C    sing N N 362 
SER CA  CB   sing N N 363 
SER CA  HA   sing N N 364 
SER C   O    doub N N 365 
SER C   OXT  sing N N 366 
SER CB  OG   sing N N 367 
SER CB  HB2  sing N N 368 
SER CB  HB3  sing N N 369 
SER OG  HG   sing N N 370 
SER OXT HXT  sing N N 371 
SO4 S   O1   doub N N 372 
SO4 S   O2   doub N N 373 
SO4 S   O3   sing N N 374 
SO4 S   O4   sing N N 375 
THR N   CA   sing N N 376 
THR N   H    sing N N 377 
THR N   H2   sing N N 378 
THR CA  C    sing N N 379 
THR CA  CB   sing N N 380 
THR CA  HA   sing N N 381 
THR C   O    doub N N 382 
THR C   OXT  sing N N 383 
THR CB  OG1  sing N N 384 
THR CB  CG2  sing N N 385 
THR CB  HB   sing N N 386 
THR OG1 HG1  sing N N 387 
THR CG2 HG21 sing N N 388 
THR CG2 HG22 sing N N 389 
THR CG2 HG23 sing N N 390 
THR OXT HXT  sing N N 391 
TRP N   CA   sing N N 392 
TRP N   H    sing N N 393 
TRP N   H2   sing N N 394 
TRP CA  C    sing N N 395 
TRP CA  CB   sing N N 396 
TRP CA  HA   sing N N 397 
TRP C   O    doub N N 398 
TRP C   OXT  sing N N 399 
TRP CB  CG   sing N N 400 
TRP CB  HB2  sing N N 401 
TRP CB  HB3  sing N N 402 
TRP CG  CD1  doub Y N 403 
TRP CG  CD2  sing Y N 404 
TRP CD1 NE1  sing Y N 405 
TRP CD1 HD1  sing N N 406 
TRP CD2 CE2  doub Y N 407 
TRP CD2 CE3  sing Y N 408 
TRP NE1 CE2  sing Y N 409 
TRP NE1 HE1  sing N N 410 
TRP CE2 CZ2  sing Y N 411 
TRP CE3 CZ3  doub Y N 412 
TRP CE3 HE3  sing N N 413 
TRP CZ2 CH2  doub Y N 414 
TRP CZ2 HZ2  sing N N 415 
TRP CZ3 CH2  sing Y N 416 
TRP CZ3 HZ3  sing N N 417 
TRP CH2 HH2  sing N N 418 
TRP OXT HXT  sing N N 419 
TYR N   CA   sing N N 420 
TYR N   H    sing N N 421 
TYR N   H2   sing N N 422 
TYR CA  C    sing N N 423 
TYR CA  CB   sing N N 424 
TYR CA  HA   sing N N 425 
TYR C   O    doub N N 426 
TYR C   OXT  sing N N 427 
TYR CB  CG   sing N N 428 
TYR CB  HB2  sing N N 429 
TYR CB  HB3  sing N N 430 
TYR CG  CD1  doub Y N 431 
TYR CG  CD2  sing Y N 432 
TYR CD1 CE1  sing Y N 433 
TYR CD1 HD1  sing N N 434 
TYR CD2 CE2  doub Y N 435 
TYR CD2 HD2  sing N N 436 
TYR CE1 CZ   doub Y N 437 
TYR CE1 HE1  sing N N 438 
TYR CE2 CZ   sing Y N 439 
TYR CE2 HE2  sing N N 440 
TYR CZ  OH   sing N N 441 
TYR OH  HH   sing N N 442 
TYR OXT HXT  sing N N 443 
VAL N   CA   sing N N 444 
VAL N   H    sing N N 445 
VAL N   H2   sing N N 446 
VAL CA  C    sing N N 447 
VAL CA  CB   sing N N 448 
VAL CA  HA   sing N N 449 
VAL C   O    doub N N 450 
VAL C   OXT  sing N N 451 
VAL CB  CG1  sing N N 452 
VAL CB  CG2  sing N N 453 
VAL CB  HB   sing N N 454 
VAL CG1 HG11 sing N N 455 
VAL CG1 HG12 sing N N 456 
VAL CG1 HG13 sing N N 457 
VAL CG2 HG21 sing N N 458 
VAL CG2 HG22 sing N N 459 
VAL CG2 HG23 sing N N 460 
VAL OXT HXT  sing N N 461 
# 
_pdbx_initial_refinement_model.id               1 
_pdbx_initial_refinement_model.entity_id_list   ? 
_pdbx_initial_refinement_model.type             'experimental model' 
_pdbx_initial_refinement_model.source_name      PDB 
_pdbx_initial_refinement_model.accession_code   1Q1F 
_pdbx_initial_refinement_model.details          ? 
# 
_atom_sites.entry_id                    5NVI 
_atom_sites.fract_transf_matrix[1][1]   0.01090496 
_atom_sites.fract_transf_matrix[1][2]   -0.00687696 
_atom_sites.fract_transf_matrix[1][3]   0.00117277 
_atom_sites.fract_transf_matrix[2][1]   0.00195089 
_atom_sites.fract_transf_matrix[2][2]   -0.01036985 
_atom_sites.fract_transf_matrix[2][3]   -0.00749888 
_atom_sites.fract_transf_matrix[3][1]   0.00380691 
_atom_sites.fract_transf_matrix[3][2]   0.00502143 
_atom_sites.fract_transf_matrix[3][3]   -0.00595350 
_atom_sites.fract_transf_vector[1]      0.510440 
_atom_sites.fract_transf_vector[2]      0.618868 
_atom_sites.fract_transf_vector[3]      0.297848 
# 
loop_
_atom_type.symbol 
AR 
C  
FE 
N  
O  
S  
# 
loop_
_atom_site.group_PDB 
_atom_site.id 
_atom_site.type_symbol 
_atom_site.label_atom_id 
_atom_site.label_alt_id 
_atom_site.label_comp_id 
_atom_site.label_asym_id 
_atom_site.label_entity_id 
_atom_site.label_seq_id 
_atom_site.pdbx_PDB_ins_code 
_atom_site.Cartn_x 
_atom_site.Cartn_y 
_atom_site.Cartn_z 
_atom_site.occupancy 
_atom_site.B_iso_or_equiv 
_atom_site.pdbx_formal_charge 
_atom_site.auth_seq_id 
_atom_site.auth_comp_id 
_atom_site.auth_asym_id 
_atom_site.auth_atom_id 
_atom_site.pdbx_PDB_model_num 
ATOM   1    N  N   . ARG A 1 1   ? 10.515  18.402  8.622   1.00 74.73 ? 3   ARG A N   1 
ATOM   2    C  CA  . ARG A 1 1   ? 9.310   18.497  9.518   1.00 74.83 ? 3   ARG A CA  1 
ATOM   3    C  C   . ARG A 1 1   ? 8.232   19.360  8.835   1.00 72.72 ? 3   ARG A C   1 
ATOM   4    O  O   . ARG A 1 1   ? 8.513   19.966  7.798   1.00 75.51 ? 3   ARG A O   1 
ATOM   5    C  CB  . ARG A 1 1   ? 9.709   19.090  10.879  1.00 77.36 ? 3   ARG A CB  1 
ATOM   6    C  CG  . ARG A 1 1   ? 11.056  18.620  11.428  1.00 77.86 ? 3   ARG A CG  1 
ATOM   7    C  CD  . ARG A 1 1   ? 11.161  18.833  12.935  1.00 79.89 ? 3   ARG A CD  1 
ATOM   8    N  NE  . ARG A 1 1   ? 12.509  19.206  13.368  1.00 82.16 ? 3   ARG A NE  1 
ATOM   9    C  CZ  . ARG A 1 1   ? 12.915  19.282  14.640  1.00 86.31 ? 3   ARG A CZ  1 
ATOM   10   N  NH1 . ARG A 1 1   ? 12.090  19.004  15.652  1.00 87.42 ? 3   ARG A NH1 1 
ATOM   11   N  NH2 . ARG A 1 1   ? 14.171  19.639  14.906  1.00 86.19 ? 3   ARG A NH2 1 
ATOM   12   N  N   . PRO A 1 2   ? 6.987   19.394  9.371   1.00 68.82 ? 4   PRO A N   1 
ATOM   13   C  CA  . PRO A 1 2   ? 6.328   18.642  10.459  1.00 64.77 ? 4   PRO A CA  1 
ATOM   14   C  C   . PRO A 1 2   ? 5.677   17.310  10.041  1.00 59.45 ? 4   PRO A C   1 
ATOM   15   O  O   . PRO A 1 2   ? 5.657   16.367  10.839  1.00 57.66 ? 4   PRO A O   1 
ATOM   16   C  CB  . PRO A 1 2   ? 5.245   19.613  10.932  1.00 67.90 ? 4   PRO A CB  1 
ATOM   17   C  CG  . PRO A 1 2   ? 4.856   20.350  9.700   1.00 70.00 ? 4   PRO A CG  1 
ATOM   18   C  CD  . PRO A 1 2   ? 6.101   20.460  8.854   1.00 70.05 ? 4   PRO A CD  1 
ATOM   19   N  N   . GLU A 1 3   ? 5.153   17.243  8.813   1.00 54.51 ? 5   GLU A N   1 
ATOM   20   C  CA  . GLU A 1 3   ? 4.586   16.015  8.236   1.00 50.36 ? 5   GLU A CA  1 
ATOM   21   C  C   . GLU A 1 3   ? 5.523   14.836  8.477   1.00 47.78 ? 5   GLU A C   1 
ATOM   22   O  O   . GLU A 1 3   ? 5.081   13.757  8.873   1.00 47.06 ? 5   GLU A O   1 
ATOM   23   C  CB  . GLU A 1 3   ? 4.353   16.176  6.724   1.00 51.93 ? 5   GLU A CB  1 
ATOM   24   C  CG  . GLU A 1 3   ? 3.116   16.983  6.338   1.00 56.45 ? 5   GLU A CG  1 
ATOM   25   C  CD  . GLU A 1 3   ? 3.273   18.494  6.490   1.00 61.67 ? 5   GLU A CD  1 
ATOM   26   O  OE1 . GLU A 1 3   ? 4.340   19.046  6.127   1.00 62.98 ? 5   GLU A OE1 1 
ATOM   27   O  OE2 . GLU A 1 3   ? 2.316   19.140  6.977   1.00 66.41 ? 5   GLU A OE2 1 
ATOM   28   N  N   . SER A 1 4   ? 6.814   15.076  8.251   1.00 43.96 ? 6   SER A N   1 
ATOM   29   C  CA  . SER A 1 4   ? 7.881   14.074  8.393   1.00 45.06 ? 6   SER A CA  1 
ATOM   30   C  C   . SER A 1 4   ? 7.800   13.283  9.706   1.00 42.09 ? 6   SER A C   1 
ATOM   31   O  O   . SER A 1 4   ? 7.794   12.038  9.696   1.00 37.62 ? 6   SER A O   1 
ATOM   32   C  CB  . SER A 1 4   ? 9.259   14.765  8.272   1.00 48.56 ? 6   SER A CB  1 
ATOM   33   O  OG  . SER A 1 4   ? 10.319  13.831  8.131   1.00 55.62 ? 6   SER A OG  1 
ATOM   34   N  N   . GLU A 1 5   ? 7.706   14.008  10.823  1.00 39.33 ? 7   GLU A N   1 
ATOM   35   C  CA  . GLU A 1 5   ? 7.702   13.399  12.162  1.00 41.01 ? 7   GLU A CA  1 
ATOM   36   C  C   . GLU A 1 5   ? 6.438   12.598  12.468  1.00 37.80 ? 7   GLU A C   1 
ATOM   37   O  O   . GLU A 1 5   ? 6.510   11.564  13.150  1.00 39.36 ? 7   GLU A O   1 
ATOM   38   C  CB  . GLU A 1 5   ? 7.904   14.462  13.262  1.00 44.22 ? 7   GLU A CB  1 
ATOM   39   C  CG  . GLU A 1 5   ? 8.622   13.932  14.497  1.00 49.12 ? 7   GLU A CG  1 
ATOM   40   C  CD  . GLU A 1 5   ? 9.994   13.357  14.170  1.00 51.78 ? 7   GLU A CD  1 
ATOM   41   O  OE1 . GLU A 1 5   ? 10.629  13.860  13.215  1.00 55.78 ? 7   GLU A OE1 1 
ATOM   42   O  OE2 . GLU A 1 5   ? 10.422  12.391  14.844  1.00 57.08 ? 7   GLU A OE2 1 
ATOM   43   N  N   . LEU A 1 6   ? 5.298   13.094  11.988  1.00 36.31 ? 8   LEU A N   1 
ATOM   44   C  CA  . LEU A 1 6   ? 4.003   12.408  12.136  1.00 33.48 ? 8   LEU A CA  1 
ATOM   45   C  C   . LEU A 1 6   ? 4.033   11.035  11.433  1.00 32.66 ? 8   LEU A C   1 
ATOM   46   O  O   . LEU A 1 6   ? 3.522   10.028  11.959  1.00 32.62 ? 8   LEU A O   1 
ATOM   47   C  CB  . LEU A 1 6   ? 2.855   13.271  11.571  1.00 36.45 ? 8   LEU A CB  1 
ATOM   48   C  CG  . LEU A 1 6   ? 2.520   14.559  12.339  1.00 37.08 ? 8   LEU A CG  1 
ATOM   49   C  CD1 . LEU A 1 6   ? 1.473   15.367  11.590  1.00 39.49 ? 8   LEU A CD1 1 
ATOM   50   C  CD2 . LEU A 1 6   ? 2.063   14.258  13.761  1.00 38.36 ? 8   LEU A CD2 1 
ATOM   51   N  N   . ILE A 1 7   ? 4.671   10.998  10.270  1.00 30.17 ? 9   ILE A N   1 
ATOM   52   C  CA  . ILE A 1 7   ? 4.790   9.767   9.488   1.00 29.27 ? 9   ILE A CA  1 
ATOM   53   C  C   . ILE A 1 7   ? 5.690   8.763   10.209  1.00 31.43 ? 9   ILE A C   1 
ATOM   54   O  O   . ILE A 1 7   ? 5.328   7.600   10.393  1.00 29.92 ? 9   ILE A O   1 
ATOM   55   C  CB  . ILE A 1 7   ? 5.257   10.053  8.047   1.00 29.88 ? 9   ILE A CB  1 
ATOM   56   C  CG1 . ILE A 1 7   ? 4.113   10.722  7.283   1.00 31.27 ? 9   ILE A CG1 1 
ATOM   57   C  CG2 . ILE A 1 7   ? 5.664   8.752   7.349   1.00 30.74 ? 9   ILE A CG2 1 
ATOM   58   C  CD1 . ILE A 1 7   ? 4.521   11.340  5.973   1.00 34.53 ? 9   ILE A CD1 1 
ATOM   59   N  N   . ARG A 1 8   ? 6.842   9.222   10.674  1.00 32.86 ? 10  ARG A N   1 
ATOM   60   C  CA  . ARG A 1 8   ? 7.798   8.322   11.353  1.00 35.66 ? 10  ARG A CA  1 
ATOM   61   C  C   . ARG A 1 8   ? 7.246   7.767   12.662  1.00 35.17 ? 10  ARG A C   1 
ATOM   62   O  O   . ARG A 1 8   ? 7.436   6.582   12.958  1.00 33.79 ? 10  ARG A O   1 
ATOM   63   C  CB  . ARG A 1 8   ? 9.112   9.057   11.635  1.00 38.59 ? 10  ARG A CB  1 
ATOM   64   C  CG  . ARG A 1 8   ? 9.812   9.520   10.380  1.00 42.44 ? 10  ARG A CG  1 
ATOM   65   C  CD  . ARG A 1 8   ? 10.713  8.442   9.803   1.00 47.96 ? 10  ARG A CD  1 
ATOM   66   N  NE  . ARG A 1 8   ? 11.428  8.952   8.629   1.00 53.71 ? 10  ARG A NE  1 
ATOM   67   C  CZ  . ARG A 1 8   ? 12.667  8.625   8.257   1.00 55.27 ? 10  ARG A CZ  1 
ATOM   68   N  NH1 . ARG A 1 8   ? 13.413  7.758   8.946   1.00 61.23 ? 10  ARG A NH1 1 
ATOM   69   N  NH2 . ARG A 1 8   ? 13.173  9.198   7.173   1.00 56.03 ? 10  ARG A NH2 1 
ATOM   70   N  N   . GLN A 1 9   ? 6.561   8.620   13.433  1.00 35.81 ? 11  GLN A N   1 
ATOM   71   C  CA  . GLN A 1 9   ? 5.985   8.224   14.718  1.00 37.75 ? 11  GLN A CA  1 
ATOM   72   C  C   . GLN A 1 9   ? 4.849   7.213   14.528  1.00 37.70 ? 11  GLN A C   1 
ATOM   73   O  O   . GLN A 1 9   ? 4.791   6.210   15.241  1.00 37.02 ? 11  GLN A O   1 
ATOM   74   C  CB  . GLN A 1 9   ? 5.492   9.452   15.507  1.00 43.16 ? 11  GLN A CB  1 
ATOM   75   C  CG  . GLN A 1 9   ? 5.241   9.188   16.987  1.00 51.11 ? 11  GLN A CG  1 
ATOM   76   C  CD  . GLN A 1 9   ? 5.116   10.457  17.831  1.00 56.53 ? 11  GLN A CD  1 
ATOM   77   O  OE1 . GLN A 1 9   ? 4.699   11.515  17.346  1.00 63.24 ? 11  GLN A OE1 1 
ATOM   78   N  NE2 . GLN A 1 9   ? 5.473   10.349  19.108  1.00 59.19 ? 11  GLN A NE2 1 
ATOM   79   N  N   . SER A 1 10  ? 3.973   7.457   13.552  1.00 33.36 ? 12  SER A N   1 
ATOM   80   C  CA  . SER A 1 10  ? 2.828   6.566   13.337  1.00 30.65 ? 12  SER A CA  1 
ATOM   81   C  C   . SER A 1 10  ? 3.239   5.238   12.720  1.00 30.54 ? 12  SER A C   1 
ATOM   82   O  O   . SER A 1 10  ? 2.668   4.203   13.067  1.00 30.49 ? 12  SER A O   1 
ATOM   83   C  CB  . SER A 1 10  ? 1.724   7.247   12.528  1.00 32.09 ? 12  SER A CB  1 
ATOM   84   O  OG  . SER A 1 10  ? 2.198   7.764   11.318  1.00 32.04 ? 12  SER A OG  1 
ATOM   85   N  N   . TRP A 1 11  ? 4.214   5.255   11.815  1.00 28.33 ? 13  TRP A N   1 
ATOM   86   C  CA  . TRP A 1 11  ? 4.702   4.029   11.195  1.00 28.55 ? 13  TRP A CA  1 
ATOM   87   C  C   . TRP A 1 11  ? 5.397   3.119   12.209  1.00 31.82 ? 13  TRP A C   1 
ATOM   88   O  O   . TRP A 1 11  ? 5.374   1.889   12.077  1.00 31.52 ? 13  TRP A O   1 
ATOM   89   C  CB  . TRP A 1 11  ? 5.629   4.352   10.030  1.00 28.18 ? 13  TRP A CB  1 
ATOM   90   C  CG  . TRP A 1 11  ? 6.081   3.149   9.261   1.00 28.27 ? 13  TRP A CG  1 
ATOM   91   C  CD1 . TRP A 1 11  ? 7.336   2.646   9.186   1.00 29.13 ? 13  TRP A CD1 1 
ATOM   92   C  CD2 . TRP A 1 11  ? 5.256   2.304   8.448   1.00 26.85 ? 13  TRP A CD2 1 
ATOM   93   N  NE1 . TRP A 1 11  ? 7.359   1.537   8.372   1.00 30.89 ? 13  TRP A NE1 1 
ATOM   94   C  CE2 . TRP A 1 11  ? 6.096   1.315   7.892   1.00 28.78 ? 13  TRP A CE2 1 
ATOM   95   C  CE3 . TRP A 1 11  ? 3.899   2.308   8.113   1.00 27.61 ? 13  TRP A CE3 1 
ATOM   96   C  CZ2 . TRP A 1 11  ? 5.610   0.317   7.031   1.00 29.07 ? 13  TRP A CZ2 1 
ATOM   97   C  CZ3 . TRP A 1 11  ? 3.412   1.293   7.249   1.00 26.33 ? 13  TRP A CZ3 1 
ATOM   98   C  CH2 . TRP A 1 11  ? 4.272   0.346   6.720   1.00 26.38 ? 13  TRP A CH2 1 
ATOM   99   N  N   . ARG A 1 12  ? 6.015   3.707   13.229  1.00 33.38 ? 14  ARG A N   1 
ATOM   100  C  CA  . ARG A 1 12  ? 6.687   2.901   14.262  1.00 38.52 ? 14  ARG A CA  1 
ATOM   101  C  C   . ARG A 1 12  ? 5.737   1.880   14.912  1.00 38.13 ? 14  ARG A C   1 
ATOM   102  O  O   . ARG A 1 12  ? 6.142   0.748   15.204  1.00 39.94 ? 14  ARG A O   1 
ATOM   103  C  CB  . ARG A 1 12  ? 7.302   3.837   15.315  1.00 43.34 ? 14  ARG A CB  1 
ATOM   104  C  CG  . ARG A 1 12  ? 8.092   3.165   16.420  1.00 50.79 ? 14  ARG A CG  1 
ATOM   105  C  CD  . ARG A 1 12  ? 8.878   4.215   17.203  1.00 55.96 ? 14  ARG A CD  1 
ATOM   106  N  NE  . ARG A 1 12  ? 9.189   3.798   18.573  1.00 59.92 ? 14  ARG A NE  1 
ATOM   107  C  CZ  . ARG A 1 12  ? 8.313   3.752   19.583  1.00 63.14 ? 14  ARG A CZ  1 
ATOM   108  N  NH1 . ARG A 1 12  ? 7.024   4.060   19.401  1.00 64.48 ? 14  ARG A NH1 1 
ATOM   109  N  NH2 . ARG A 1 12  ? 8.723   3.366   20.789  1.00 63.57 ? 14  ARG A NH2 1 
ATOM   110  N  N   . VAL A 1 13  ? 4.476   2.287   15.112  1.00 37.35 ? 15  VAL A N   1 
ATOM   111  C  CA  . VAL A 1 13  ? 3.438   1.434   15.688  1.00 36.47 ? 15  VAL A CA  1 
ATOM   112  C  C   . VAL A 1 13  ? 3.100   0.285   14.729  1.00 34.11 ? 15  VAL A C   1 
ATOM   113  O  O   . VAL A 1 13  ? 3.063   -0.870  15.131  1.00 34.95 ? 15  VAL A O   1 
ATOM   114  C  CB  . VAL A 1 13  ? 2.156   2.242   16.013  1.00 39.42 ? 15  VAL A CB  1 
ATOM   115  C  CG1 . VAL A 1 13  ? 1.039   1.332   16.505  1.00 39.82 ? 15  VAL A CG1 1 
ATOM   116  C  CG2 . VAL A 1 13  ? 2.445   3.327   17.046  1.00 41.29 ? 15  VAL A CG2 1 
ATOM   117  N  N   . VAL A 1 14  ? 2.850   0.625   13.462  1.00 33.27 ? 16  VAL A N   1 
ATOM   118  C  CA  . VAL A 1 14  ? 2.475   -0.362  12.421  1.00 31.08 ? 16  VAL A CA  1 
ATOM   119  C  C   . VAL A 1 14  ? 3.590   -1.355  12.102  1.00 32.92 ? 16  VAL A C   1 
ATOM   120  O  O   . VAL A 1 14  ? 3.331   -2.544  11.874  1.00 30.49 ? 16  VAL A O   1 
ATOM   121  C  CB  . VAL A 1 14  ? 2.072   0.346   11.096  1.00 33.00 ? 16  VAL A CB  1 
ATOM   122  C  CG1 . VAL A 1 14  ? 1.875   -0.653  9.939   1.00 32.28 ? 16  VAL A CG1 1 
ATOM   123  C  CG2 . VAL A 1 14  ? 0.819   1.179   11.298  1.00 35.26 ? 16  VAL A CG2 1 
ATOM   124  N  N   . SER A 1 15  ? 4.836   -0.877  12.058  1.00 31.92 ? 17  SER A N   1 
ATOM   125  C  CA  . SER A 1 15  ? 5.964   -1.725  11.672  1.00 35.09 ? 17  SER A CA  1 
ATOM   126  C  C   . SER A 1 15  ? 6.300   -2.803  12.745  1.00 33.79 ? 17  SER A C   1 
ATOM   127  O  O   . SER A 1 15  ? 7.080   -3.718  12.469  1.00 38.70 ? 17  SER A O   1 
ATOM   128  C  CB  . SER A 1 15  ? 7.197   -0.844  11.360  1.00 37.08 ? 17  SER A CB  1 
ATOM   129  O  OG  . SER A 1 15  ? 7.752   -0.324  12.556  1.00 41.38 ? 17  SER A OG  1 
ATOM   130  N  N   . ARG A 1 16  ? 5.747   -2.682  13.959  1.00 35.96 ? 18  ARG A N   1 
ATOM   131  C  CA  . ARG A 1 16  ? 5.885   -3.744  14.983  1.00 38.33 ? 18  ARG A CA  1 
ATOM   132  C  C   . ARG A 1 16  ? 5.228   -5.052  14.540  1.00 38.39 ? 18  ARG A C   1 
ATOM   133  O  O   . ARG A 1 16  ? 5.680   -6.126  14.921  1.00 36.98 ? 18  ARG A O   1 
ATOM   134  C  CB  . ARG A 1 16  ? 5.304   -3.321  16.335  1.00 44.10 ? 18  ARG A CB  1 
ATOM   135  C  CG  . ARG A 1 16  ? 6.170   -2.310  17.074  1.00 50.56 ? 18  ARG A CG  1 
ATOM   136  C  CD  . ARG A 1 16  ? 5.461   -1.760  18.299  1.00 56.08 ? 18  ARG A CD  1 
ATOM   137  N  NE  . ARG A 1 16  ? 6.176   -0.615  18.869  1.00 62.18 ? 18  ARG A NE  1 
ATOM   138  C  CZ  . ARG A 1 16  ? 7.201   -0.675  19.728  1.00 64.56 ? 18  ARG A CZ  1 
ATOM   139  N  NH1 . ARG A 1 16  ? 7.748   0.459   20.157  1.00 66.20 ? 18  ARG A NH1 1 
ATOM   140  N  NH2 . ARG A 1 16  ? 7.692   -1.838  20.166  1.00 63.98 ? 18  ARG A NH2 1 
ATOM   141  N  N   . SER A 1 17  ? 4.163   -4.961  13.736  1.00 31.22 ? 19  SER A N   1 
ATOM   142  C  CA  . SER A 1 17  ? 3.460   -6.163  13.295  1.00 28.32 ? 19  SER A CA  1 
ATOM   143  C  C   . SER A 1 17  ? 2.983   -5.975  11.851  1.00 25.82 ? 19  SER A C   1 
ATOM   144  O  O   . SER A 1 17  ? 1.794   -5.743  11.620  1.00 23.19 ? 19  SER A O   1 
ATOM   145  C  CB  . SER A 1 17  ? 2.321   -6.480  14.255  1.00 31.09 ? 19  SER A CB  1 
ATOM   146  O  OG  . SER A 1 17  ? 1.449   -5.399  14.399  1.00 34.19 ? 19  SER A OG  1 
ATOM   147  N  N   . PRO A 1 18  ? 3.913   -6.045  10.891  1.00 23.93 ? 20  PRO A N   1 
ATOM   148  C  CA  . PRO A 1 18  ? 3.595   -5.721  9.502   1.00 23.16 ? 20  PRO A CA  1 
ATOM   149  C  C   . PRO A 1 18  ? 2.586   -6.642  8.827   1.00 20.51 ? 20  PRO A C   1 
ATOM   150  O  O   . PRO A 1 18  ? 1.772   -6.143  8.054   1.00 20.67 ? 20  PRO A O   1 
ATOM   151  C  CB  . PRO A 1 18  ? 4.949   -5.788  8.776   1.00 25.38 ? 20  PRO A CB  1 
ATOM   152  C  CG  . PRO A 1 18  ? 5.889   -6.436  9.732   1.00 27.58 ? 20  PRO A CG  1 
ATOM   153  C  CD  . PRO A 1 18  ? 5.370   -6.247  11.095  1.00 27.06 ? 20  PRO A CD  1 
ATOM   154  N  N   . LEU A 1 19  ? 2.674   -7.941  9.042   1.00 20.07 ? 21  LEU A N   1 
ATOM   155  C  CA  . LEU A 1 19  ? 1.749   -8.854  8.338   1.00 18.51 ? 21  LEU A CA  1 
ATOM   156  C  C   . LEU A 1 19  ? 0.365   -8.676  8.898   1.00 17.94 ? 21  LEU A C   1 
ATOM   157  O  O   . LEU A 1 19  ? -0.619  -8.666  8.129   1.00 17.12 ? 21  LEU A O   1 
ATOM   158  C  CB  . LEU A 1 19  ? 2.169   -10.332 8.420   1.00 20.82 ? 21  LEU A CB  1 
ATOM   159  C  CG  . LEU A 1 19  ? 1.307   -11.325 7.619   1.00 22.57 ? 21  LEU A CG  1 
ATOM   160  C  CD1 . LEU A 1 19  ? 1.451   -11.062 6.135   1.00 24.98 ? 21  LEU A CD1 1 
ATOM   161  C  CD2 . LEU A 1 19  ? 1.672   -12.779 7.917   1.00 23.10 ? 21  LEU A CD2 1 
ATOM   162  N  N   . GLU A 1 20  ? 0.227   -8.500  10.202  1.00 16.79 ? 22  GLU A N   1 
ATOM   163  C  CA  . GLU A 1 20  ? -1.121  -8.309  10.801  1.00 17.49 ? 22  GLU A CA  1 
ATOM   164  C  C   . GLU A 1 20  ? -1.782  -7.034  10.242  1.00 17.78 ? 22  GLU A C   1 
ATOM   165  O  O   . GLU A 1 20  ? -2.943  -7.008  9.893   1.00 19.26 ? 22  GLU A O   1 
ATOM   166  C  CB  . GLU A 1 20  ? -1.037  -8.242  12.332  1.00 20.61 ? 22  GLU A CB  1 
ATOM   167  C  CG  A GLU A 1 20  ? -0.599  -9.540  12.982  0.50 23.28 ? 22  GLU A CG  1 
ATOM   168  C  CG  B GLU A 1 20  ? -0.596  -9.532  13.017  0.50 22.60 ? 22  GLU A CG  1 
ATOM   169  C  CD  A GLU A 1 20  ? -0.070  -9.343  14.387  0.50 24.47 ? 22  GLU A CD  1 
ATOM   170  C  CD  B GLU A 1 20  ? 0.909   -9.786  13.023  0.50 22.51 ? 22  GLU A CD  1 
ATOM   171  O  OE1 A GLU A 1 20  ? -0.569  -8.445  15.115  0.50 25.78 ? 22  GLU A OE1 1 
ATOM   172  O  OE1 B GLU A 1 20  ? 1.685   -9.109  12.309  0.50 21.82 ? 22  GLU A OE1 1 
ATOM   173  O  OE2 A GLU A 1 20  ? 0.857   -10.082 14.755  0.50 25.35 ? 22  GLU A OE2 1 
ATOM   174  O  OE2 B GLU A 1 20  ? 1.331   -10.740 13.711  0.50 26.77 ? 22  GLU A OE2 1 
ATOM   175  N  N   . HIS A 1 21  ? -1.040  -5.944  10.193  1.00 17.26 ? 23  HIS A N   1 
ATOM   176  C  CA  . HIS A 1 21  ? -1.568  -4.709  9.645   1.00 17.17 ? 23  HIS A CA  1 
ATOM   177  C  C   . HIS A 1 21  ? -1.779  -4.813  8.144   1.00 15.66 ? 23  HIS A C   1 
ATOM   178  O  O   . HIS A 1 21  ? -2.748  -4.275  7.622   1.00 15.76 ? 23  HIS A O   1 
ATOM   179  C  CB  . HIS A 1 21  ? -0.624  -3.556  9.980   1.00 17.79 ? 23  HIS A CB  1 
ATOM   180  C  CG  . HIS A 1 21  ? -0.710  -3.096  11.385  1.00 22.54 ? 23  HIS A CG  1 
ATOM   181  N  ND1 . HIS A 1 21  ? 0.112   -3.564  12.383  1.00 24.56 ? 23  HIS A ND1 1 
ATOM   182  C  CD2 . HIS A 1 21  ? -1.495  -2.161  11.955  1.00 28.12 ? 23  HIS A CD2 1 
ATOM   183  C  CE1 . HIS A 1 21  ? -0.192  -2.961  13.522  1.00 25.46 ? 23  HIS A CE1 1 
ATOM   184  N  NE2 . HIS A 1 21  ? -1.165  -2.108  13.291  1.00 30.28 ? 23  HIS A NE2 1 
ATOM   185  N  N   . GLY A 1 22  ? -0.860  -5.413  7.394   1.00 14.50 ? 24  GLY A N   1 
ATOM   186  C  CA  . GLY A 1 22  ? -1.068  -5.525  5.955   1.00 14.28 ? 24  GLY A CA  1 
ATOM   187  C  C   . GLY A 1 22  ? -2.271  -6.401  5.605   1.00 12.90 ? 24  GLY A C   1 
ATOM   188  O  O   . GLY A 1 22  ? -2.901  -6.184  4.598   1.00 14.77 ? 24  GLY A O   1 
ATOM   189  N  N   . THR A 1 23  ? -2.552  -7.373  6.453   1.00 13.34 ? 25  THR A N   1 
ATOM   190  C  CA  . THR A 1 23  ? -3.777  -8.208  6.348   1.00 12.29 ? 25  THR A CA  1 
ATOM   191  C  C   . THR A 1 23  ? -5.006  -7.338  6.434   1.00 13.89 ? 25  THR A C   1 
ATOM   192  O  O   . THR A 1 23  ? -5.926  -7.503  5.619   1.00 14.59 ? 25  THR A O   1 
ATOM   193  C  CB  . THR A 1 23  ? -3.796  -9.327  7.389   1.00 14.38 ? 25  THR A CB  1 
ATOM   194  O  OG1 . THR A 1 23  ? -2.716  -10.212 7.086   1.00 16.25 ? 25  THR A OG1 1 
ATOM   195  C  CG2 . THR A 1 23  ? -5.106  -10.094 7.335   1.00 16.09 ? 25  THR A CG2 1 
ATOM   196  N  N   . VAL A 1 24  ? -5.035  -6.398  7.370   1.00 13.17 ? 26  VAL A N   1 
ATOM   197  C  CA  . VAL A 1 24  ? -6.161  -5.466  7.483   1.00 13.99 ? 26  VAL A CA  1 
ATOM   198  C  C   . VAL A 1 24  ? -6.285  -4.645  6.164   1.00 15.08 ? 26  VAL A C   1 
ATOM   199  O  O   . VAL A 1 24  ? -7.385  -4.440  5.640   1.00 15.00 ? 26  VAL A O   1 
ATOM   200  C  CB  . VAL A 1 24  ? -5.982  -4.500  8.659   1.00 14.56 ? 26  VAL A CB  1 
ATOM   201  C  CG1 . VAL A 1 24  ? -7.002  -3.386  8.592   1.00 16.97 ? 26  VAL A CG1 1 
ATOM   202  C  CG2 . VAL A 1 24  ? -5.959  -5.254  9.980   1.00 16.19 ? 26  VAL A CG2 1 
ATOM   203  N  N   . LEU A 1 25  ? -5.161  -4.104  5.679   1.00 12.94 ? 27  LEU A N   1 
ATOM   204  C  CA  . LEU A 1 25  ? -5.151  -3.356  4.416   1.00 13.94 ? 27  LEU A CA  1 
ATOM   205  C  C   . LEU A 1 25  ? -5.793  -4.121  3.284   1.00 12.26 ? 27  LEU A C   1 
ATOM   206  O  O   . LEU A 1 25  ? -6.708  -3.589  2.611   1.00 12.67 ? 27  LEU A O   1 
ATOM   207  C  CB  . LEU A 1 25  ? -3.698  -2.921  4.059   1.00 16.36 ? 27  LEU A CB  1 
ATOM   208  C  CG  . LEU A 1 25  ? -3.545  -1.823  2.989   1.00 18.86 ? 27  LEU A CG  1 
ATOM   209  C  CD1 . LEU A 1 25  ? -2.106  -1.295  3.097   1.00 22.19 ? 27  LEU A CD1 1 
ATOM   210  C  CD2 . LEU A 1 25  ? -3.808  -2.312  1.593   1.00 20.49 ? 27  LEU A CD2 1 
ATOM   211  N  N   . PHE A 1 26  ? -5.400  -5.366  3.067   1.00 12.32 ? 28  PHE A N   1 
ATOM   212  C  CA  . PHE A 1 26  ? -5.930  -6.098  1.935   1.00 13.27 ? 28  PHE A CA  1 
ATOM   213  C  C   . PHE A 1 26  ? -7.332  -6.625  2.153   1.00 12.87 ? 28  PHE A C   1 
ATOM   214  O  O   . PHE A 1 26  ? -8.062  -6.734  1.172   1.00 13.21 ? 28  PHE A O   1 
ATOM   215  C  CB  . PHE A 1 26  ? -4.977  -7.232  1.496   1.00 14.66 ? 28  PHE A CB  1 
ATOM   216  C  CG  . PHE A 1 26  ? -3.899  -6.740  0.614   1.00 15.87 ? 28  PHE A CG  1 
ATOM   217  C  CD1 . PHE A 1 26  ? -4.100  -6.632  -0.752  1.00 17.62 ? 28  PHE A CD1 1 
ATOM   218  C  CD2 . PHE A 1 26  ? -2.716  -6.197  1.163   1.00 17.51 ? 28  PHE A CD2 1 
ATOM   219  C  CE1 . PHE A 1 26  ? -3.117  -6.083  -1.581  1.00 20.08 ? 28  PHE A CE1 1 
ATOM   220  C  CE2 . PHE A 1 26  ? -1.746  -5.629  0.336   1.00 19.51 ? 28  PHE A CE2 1 
ATOM   221  C  CZ  . PHE A 1 26  ? -1.968  -5.555  -1.040  1.00 19.60 ? 28  PHE A CZ  1 
ATOM   222  N  N   . ALA A 1 27  ? -7.720  -6.888  3.404   1.00 12.74 ? 29  ALA A N   1 
ATOM   223  C  CA  . ALA A 1 27  ? -9.131  -7.280  3.691   1.00 12.53 ? 29  ALA A CA  1 
ATOM   224  C  C   . ALA A 1 27  ? -10.007 -6.112  3.330   1.00 12.80 ? 29  ALA A C   1 
ATOM   225  O  O   . ALA A 1 27  ? -11.096 -6.298  2.728   1.00 13.57 ? 29  ALA A O   1 
ATOM   226  C  CB  . ALA A 1 27  ? -9.310  -7.688  5.120   1.00 13.04 ? 29  ALA A CB  1 
ATOM   227  N  N   . ARG A 1 28  ? -9.613  -4.922  3.766   1.00 11.96 ? 30  ARG A N   1 
ATOM   228  C  CA  . ARG A 1 28  ? -10.384 -3.735  3.431   1.00 11.64 ? 30  ARG A CA  1 
ATOM   229  C  C   . ARG A 1 28  ? -10.440 -3.526  1.921   1.00 12.01 ? 30  ARG A C   1 
ATOM   230  O  O   . ARG A 1 28  ? -11.485 -3.149  1.361   1.00 11.79 ? 30  ARG A O   1 
ATOM   231  C  CB  . ARG A 1 28  ? -9.775  -2.521  4.134   1.00 12.41 ? 30  ARG A CB  1 
ATOM   232  C  CG  . ARG A 1 28  ? -10.509 -1.213  3.869   1.00 12.75 ? 30  ARG A CG  1 
ATOM   233  C  CD  . ARG A 1 28  ? -11.885 -1.232  4.430   1.00 13.01 ? 30  ARG A CD  1 
ATOM   234  N  NE  . ARG A 1 28  ? -12.464 0.123   4.400   1.00 13.77 ? 30  ARG A NE  1 
ATOM   235  C  CZ  . ARG A 1 28  ? -13.713 0.365   4.793   1.00 15.09 ? 30  ARG A CZ  1 
ATOM   236  N  NH1 . ARG A 1 28  ? -14.490 -0.639  5.158   1.00 15.21 ? 30  ARG A NH1 1 
ATOM   237  N  NH2 . ARG A 1 28  ? -14.175 1.621   4.748   1.00 16.79 ? 30  ARG A NH2 1 
ATOM   238  N  N   . LEU A 1 29  ? -9.293  -3.714  1.236   1.00 11.29 ? 31  LEU A N   1 
ATOM   239  C  CA  . LEU A 1 29  ? -9.239  -3.489  -0.191  1.00 12.75 ? 31  LEU A CA  1 
ATOM   240  C  C   . LEU A 1 29  ? -10.242 -4.338  -0.929  1.00 12.19 ? 31  LEU A C   1 
ATOM   241  O  O   . LEU A 1 29  ? -10.910 -3.837  -1.797  1.00 12.53 ? 31  LEU A O   1 
ATOM   242  C  CB  . LEU A 1 29  ? -7.834  -3.751  -0.710  1.00 13.07 ? 31  LEU A CB  1 
ATOM   243  C  CG  . LEU A 1 29  ? -7.614  -3.477  -2.190  1.00 14.45 ? 31  LEU A CG  1 
ATOM   244  C  CD1 . LEU A 1 29  ? -7.931  -2.058  -2.638  1.00 15.89 ? 31  LEU A CD1 1 
ATOM   245  C  CD2 . LEU A 1 29  ? -6.206  -3.882  -2.601  1.00 17.24 ? 31  LEU A CD2 1 
ATOM   246  N  N   . PHE A 1 30  ? -10.349 -5.602  -0.592  1.00 12.20 ? 32  PHE A N   1 
ATOM   247  C  CA  . PHE A 1 30  ? -11.253 -6.463  -1.329  1.00 13.68 ? 32  PHE A CA  1 
ATOM   248  C  C   . PHE A 1 30  ? -12.702 -6.164  -0.987  1.00 14.09 ? 32  PHE A C   1 
ATOM   249  O  O   . PHE A 1 30  ? -13.597 -6.429  -1.797  1.00 17.26 ? 32  PHE A O   1 
ATOM   250  C  CB  . PHE A 1 30  ? -10.931 -7.915  -1.084  1.00 13.03 ? 32  PHE A CB  1 
ATOM   251  C  CG  . PHE A 1 30  ? -9.632  -8.387  -1.666  1.00 13.93 ? 32  PHE A CG  1 
ATOM   252  C  CD1 . PHE A 1 30  ? -9.202  -7.975  -2.901  1.00 15.46 ? 32  PHE A CD1 1 
ATOM   253  C  CD2 . PHE A 1 30  ? -8.851  -9.265  -0.948  1.00 14.42 ? 32  PHE A CD2 1 
ATOM   254  C  CE1 . PHE A 1 30  ? -7.993  -8.429  -3.446  1.00 16.18 ? 32  PHE A CE1 1 
ATOM   255  C  CE2 . PHE A 1 30  ? -7.659  -9.726  -1.503  1.00 15.62 ? 32  PHE A CE2 1 
ATOM   256  C  CZ  . PHE A 1 30  ? -7.228  -9.294  -2.724  1.00 16.42 ? 32  PHE A CZ  1 
ATOM   257  N  N   . ALA A 1 31  ? -12.954 -5.686  0.213   1.00 13.32 ? 33  ALA A N   1 
ATOM   258  C  CA  . ALA A 1 31  ? -14.291 -5.253  0.614   1.00 15.00 ? 33  ALA A CA  1 
ATOM   259  C  C   . ALA A 1 31  ? -14.755 -4.059  -0.229  1.00 16.26 ? 33  ALA A C   1 
ATOM   260  O  O   . ALA A 1 31  ? -15.991 -3.924  -0.504  1.00 19.65 ? 33  ALA A O   1 
ATOM   261  C  CB  . ALA A 1 31  ? -14.317 -4.913  2.063   1.00 15.21 ? 33  ALA A CB  1 
ATOM   262  N  N   . LEU A 1 32  ? -13.813 -3.191  -0.606  1.00 15.22 ? 34  LEU A N   1 
ATOM   263  C  CA  . LEU A 1 32  ? -14.135 -1.969  -1.387  1.00 16.75 ? 34  LEU A CA  1 
ATOM   264  C  C   . LEU A 1 32  ? -14.173 -2.231  -2.868  1.00 17.89 ? 34  LEU A C   1 
ATOM   265  O  O   . LEU A 1 32  ? -14.975 -1.631  -3.613  1.00 19.30 ? 34  LEU A O   1 
ATOM   266  C  CB  . LEU A 1 32  ? -13.115 -0.883  -1.096  1.00 16.81 ? 34  LEU A CB  1 
ATOM   267  C  CG  . LEU A 1 32  ? -13.156 -0.385  0.347   1.00 18.68 ? 34  LEU A CG  1 
ATOM   268  C  CD1 . LEU A 1 32  ? -12.115 0.695   0.535   1.00 21.25 ? 34  LEU A CD1 1 
ATOM   269  C  CD2 . LEU A 1 32  ? -14.563 0.078   0.731   1.00 21.67 ? 34  LEU A CD2 1 
ATOM   270  N  N   . GLU A 1 33  ? -13.287 -3.109  -3.349  1.00 14.98 ? 35  GLU A N   1 
ATOM   271  C  CA  . GLU A 1 33  ? -13.101 -3.301  -4.807  1.00 15.77 ? 35  GLU A CA  1 
ATOM   272  C  C   . GLU A 1 33  ? -12.868 -4.811  -5.048  1.00 14.78 ? 35  GLU A C   1 
ATOM   273  O  O   . GLU A 1 33  ? -11.770 -5.285  -5.301  1.00 14.96 ? 35  GLU A O   1 
ATOM   274  C  CB  . GLU A 1 33  ? -11.950 -2.434  -5.339  1.00 19.00 ? 35  GLU A CB  1 
ATOM   275  C  CG  . GLU A 1 33  ? -11.842 -2.426  -6.872  1.00 20.48 ? 35  GLU A CG  1 
ATOM   276  C  CD  . GLU A 1 33  ? -10.822 -1.430  -7.450  1.00 24.02 ? 35  GLU A CD  1 
ATOM   277  O  OE1 . GLU A 1 33  ? -10.531 -0.407  -6.813  1.00 28.36 ? 35  GLU A OE1 1 
ATOM   278  O  OE2 . GLU A 1 33  ? -10.364 -1.652  -8.585  1.00 26.96 ? 35  GLU A OE2 1 
ATOM   279  N  N   . PRO A 1 34  ? -13.932 -5.612  -5.028  1.00 15.89 ? 36  PRO A N   1 
ATOM   280  C  CA  . PRO A 1 34  ? -13.811 -7.025  -5.209  1.00 14.64 ? 36  PRO A CA  1 
ATOM   281  C  C   . PRO A 1 34  ? -13.200 -7.450  -6.556  1.00 15.00 ? 36  PRO A C   1 
ATOM   282  O  O   . PRO A 1 34  ? -12.633 -8.534  -6.660  1.00 15.15 ? 36  PRO A O   1 
ATOM   283  C  CB  . PRO A 1 34  ? -15.287 -7.523  -5.139  1.00 16.46 ? 36  PRO A CB  1 
ATOM   284  C  CG  . PRO A 1 34  ? -16.085 -6.406  -4.791  1.00 18.17 ? 36  PRO A CG  1 
ATOM   285  C  CD  . PRO A 1 34  ? -15.292 -5.194  -4.617  1.00 17.07 ? 36  PRO A CD  1 
ATOM   286  N  N   . SER A 1 35  ? -13.282 -6.589  -7.552  1.00 14.05 ? 37  SER A N   1 
ATOM   287  C  CA  . SER A 1 35  ? -12.730 -6.943  -8.871  1.00 16.06 ? 37  SER A CA  1 
ATOM   288  C  C   . SER A 1 35  ? -11.233 -6.976  -8.918  1.00 15.84 ? 37  SER A C   1 
ATOM   289  O  O   . SER A 1 35  ? -10.672 -7.399  -9.943  1.00 18.59 ? 37  SER A O   1 
ATOM   290  C  CB  . SER A 1 35  ? -13.300 -6.000  -9.910  1.00 18.00 ? 37  SER A CB  1 
ATOM   291  O  OG  . SER A 1 35  ? -12.875 -4.666  -9.648  1.00 19.87 ? 37  SER A OG  1 
ATOM   292  N  N   . LEU A 1 36  ? -10.564 -6.593  -7.825  1.00 14.76 ? 38  LEU A N   1 
ATOM   293  C  CA  . LEU A 1 36  ? -9.102  -6.780  -7.732  1.00 15.13 ? 38  LEU A CA  1 
ATOM   294  C  C   . LEU A 1 36  ? -8.711  -8.209  -7.431  1.00 15.93 ? 38  LEU A C   1 
ATOM   295  O  O   . LEU A 1 36  ? -7.583  -8.604  -7.666  1.00 16.50 ? 38  LEU A O   1 
ATOM   296  C  CB  . LEU A 1 36  ? -8.493  -5.830  -6.682  1.00 16.39 ? 38  LEU A CB  1 
ATOM   297  C  CG  . LEU A 1 36  ? -8.598  -4.365  -7.061  1.00 18.59 ? 38  LEU A CG  1 
ATOM   298  C  CD1 . LEU A 1 36  ? -8.203  -3.483  -5.896  1.00 20.53 ? 38  LEU A CD1 1 
ATOM   299  C  CD2 . LEU A 1 36  ? -7.720  -4.063  -8.248  1.00 20.38 ? 38  LEU A CD2 1 
ATOM   300  N  N   . LEU A 1 37  ? -9.638  -9.007  -6.912  1.00 15.43 ? 39  LEU A N   1 
ATOM   301  C  CA  . LEU A 1 37  ? -9.310  -10.372 -6.521  1.00 15.94 ? 39  LEU A CA  1 
ATOM   302  C  C   . LEU A 1 37  ? -8.667  -11.269 -7.630  1.00 14.61 ? 39  LEU A C   1 
ATOM   303  O  O   . LEU A 1 37  ? -7.695  -11.950 -7.347  1.00 15.80 ? 39  LEU A O   1 
ATOM   304  C  CB  . LEU A 1 37  ? -10.503 -11.031 -5.827  1.00 19.28 ? 39  LEU A CB  1 
ATOM   305  C  CG  . LEU A 1 37  ? -10.252 -12.401 -5.173  1.00 21.76 ? 39  LEU A CG  1 
ATOM   306  C  CD1 . LEU A 1 37  ? -9.325  -12.334 -3.988  1.00 23.47 ? 39  LEU A CD1 1 
ATOM   307  C  CD2 . LEU A 1 37  ? -11.616 -12.999 -4.849  1.00 21.87 ? 39  LEU A CD2 1 
ATOM   308  N  N   . PRO A 1 38  ? -9.187  -11.276 -8.873  1.00 15.89 ? 40  PRO A N   1 
ATOM   309  C  CA  . PRO A 1 38  ? -8.627  -12.142 -9.892  1.00 16.90 ? 40  PRO A CA  1 
ATOM   310  C  C   . PRO A 1 38  ? -7.241  -11.767 -10.334 1.00 17.78 ? 40  PRO A C   1 
ATOM   311  O  O   . PRO A 1 38  ? -6.644  -12.529 -11.092 1.00 21.50 ? 40  PRO A O   1 
ATOM   312  C  CB  . PRO A 1 38  ? -9.581  -11.992 -11.091 1.00 18.34 ? 40  PRO A CB  1 
ATOM   313  C  CG  . PRO A 1 38  ? -10.738 -11.237 -10.609 1.00 19.02 ? 40  PRO A CG  1 
ATOM   314  C  CD  . PRO A 1 38  ? -10.475 -10.673 -9.257  1.00 17.42 ? 40  PRO A CD  1 
ATOM   315  N  N   . LEU A 1 39  ? -6.753  -10.589 -9.983  1.00 15.71 ? 41  LEU A N   1 
ATOM   316  C  CA  . LEU A 1 39  ? -5.428  -10.170 -10.474 1.00 18.65 ? 41  LEU A CA  1 
ATOM   317  C  C   . LEU A 1 39  ? -4.316  -10.913 -9.774  1.00 20.91 ? 41  LEU A C   1 
ATOM   318  O  O   . LEU A 1 39  ? -3.191  -10.981 -10.309 1.00 25.70 ? 41  LEU A O   1 
ATOM   319  C  CB  . LEU A 1 39  ? -5.280  -8.670  -10.391 1.00 20.61 ? 41  LEU A CB  1 
ATOM   320  C  CG  . LEU A 1 39  ? -6.318  -7.805  -11.112 1.00 23.78 ? 41  LEU A CG  1 
ATOM   321  C  CD1 . LEU A 1 39  ? -5.928  -6.353  -10.955 1.00 26.42 ? 41  LEU A CD1 1 
ATOM   322  C  CD2 . LEU A 1 39  ? -6.429  -8.146  -12.586 1.00 26.95 ? 41  LEU A CD2 1 
ATOM   323  N  N   . PHE A 1 40  ? -4.587  -11.522 -8.630  1.00 20.18 ? 42  PHE A N   1 
ATOM   324  C  CA  . PHE A 1 40  ? -3.585  -12.327 -7.880  1.00 21.17 ? 42  PHE A CA  1 
ATOM   325  C  C   . PHE A 1 40  ? -3.658  -13.760 -8.338  1.00 25.80 ? 42  PHE A C   1 
ATOM   326  O  O   . PHE A 1 40  ? -4.262  -14.592 -7.664  1.00 28.64 ? 42  PHE A O   1 
ATOM   327  C  CB  . PHE A 1 40  ? -3.857  -12.234 -6.367  1.00 20.51 ? 42  PHE A CB  1 
ATOM   328  C  CG  . PHE A 1 40  ? -3.613  -10.924 -5.796  1.00 20.61 ? 42  PHE A CG  1 
ATOM   329  C  CD1 . PHE A 1 40  ? -2.293  -10.549 -5.494  1.00 22.40 ? 42  PHE A CD1 1 
ATOM   330  C  CD2 . PHE A 1 40  ? -4.622  -9.998  -5.610  1.00 21.69 ? 42  PHE A CD2 1 
ATOM   331  C  CE1 . PHE A 1 40  ? -2.041  -9.328  -4.962  1.00 21.77 ? 42  PHE A CE1 1 
ATOM   332  C  CE2 . PHE A 1 40  ? -4.355  -8.745  -5.112  1.00 24.40 ? 42  PHE A CE2 1 
ATOM   333  C  CZ  . PHE A 1 40  ? -3.043  -8.397  -4.791  1.00 22.84 ? 42  PHE A CZ  1 
ATOM   334  N  N   . GLN A 1 41  ? -3.018  -14.046 -9.467  1.00 26.55 ? 43  GLN A N   1 
ATOM   335  C  CA  . GLN A 1 41  ? -3.067  -15.331 -10.131 1.00 31.04 ? 43  GLN A CA  1 
ATOM   336  C  C   . GLN A 1 41  ? -1.767  -16.055 -9.854  1.00 31.24 ? 43  GLN A C   1 
ATOM   337  O  O   . GLN A 1 41  ? -0.739  -15.743 -10.457 1.00 38.21 ? 43  GLN A O   1 
ATOM   338  C  CB  . GLN A 1 41  ? -3.204  -15.167 -11.655 1.00 37.94 ? 43  GLN A CB  1 
ATOM   339  C  CG  . GLN A 1 41  ? -4.406  -14.369 -12.139 1.00 44.04 ? 43  GLN A CG  1 
ATOM   340  C  CD  . GLN A 1 41  ? -5.741  -15.077 -11.938 1.00 50.36 ? 43  GLN A CD  1 
ATOM   341  O  OE1 . GLN A 1 41  ? -5.862  -15.973 -11.109 1.00 52.28 ? 43  GLN A OE1 1 
ATOM   342  N  NE2 . GLN A 1 41  ? -6.772  -14.640 -12.680 1.00 54.32 ? 43  GLN A NE2 1 
ATOM   343  N  N   . TYR A 1 42  ? -1.808  -16.959 -8.899  1.00 26.98 ? 44  TYR A N   1 
ATOM   344  C  CA  . TYR A 1 42  ? -0.660  -17.759 -8.509  1.00 27.84 ? 44  TYR A CA  1 
ATOM   345  C  C   . TYR A 1 42  ? -0.968  -19.172 -9.011  1.00 32.71 ? 44  TYR A C   1 
ATOM   346  O  O   . TYR A 1 42  ? -2.085  -19.676 -8.802  1.00 33.28 ? 44  TYR A O   1 
ATOM   347  C  CB  . TYR A 1 42  ? -0.456  -17.694 -6.996  1.00 25.18 ? 44  TYR A CB  1 
ATOM   348  C  CG  . TYR A 1 42  ? -0.097  -16.290 -6.507  1.00 23.39 ? 44  TYR A CG  1 
ATOM   349  C  CD1 . TYR A 1 42  ? 1.127   -15.712 -6.831  1.00 24.06 ? 44  TYR A CD1 1 
ATOM   350  C  CD2 . TYR A 1 42  ? -0.963  -15.544 -5.693  1.00 24.06 ? 44  TYR A CD2 1 
ATOM   351  C  CE1 . TYR A 1 42  ? 1.454   -14.441 -6.400  1.00 22.42 ? 44  TYR A CE1 1 
ATOM   352  C  CE2 . TYR A 1 42  ? -0.634  -14.279 -5.262  1.00 23.09 ? 44  TYR A CE2 1 
ATOM   353  C  CZ  . TYR A 1 42  ? 0.579   -13.729 -5.618  1.00 23.62 ? 44  TYR A CZ  1 
ATOM   354  O  OH  . TYR A 1 42  ? 0.903   -12.469 -5.202  1.00 22.43 ? 44  TYR A OH  1 
ATOM   355  N  N   . ASN A 1 43  ? 0.005   -19.781 -9.703  1.00 36.90 ? 45  ASN A N   1 
ATOM   356  C  CA  . ASN A 1 43  ? -0.144  -21.135 -10.281 1.00 42.05 ? 45  ASN A CA  1 
ATOM   357  C  C   . ASN A 1 43  ? -1.346  -21.195 -11.237 1.00 39.52 ? 45  ASN A C   1 
ATOM   358  O  O   . ASN A 1 43  ? -2.063  -22.201 -11.302 1.00 41.58 ? 45  ASN A O   1 
ATOM   359  C  CB  . ASN A 1 43  ? -0.259  -22.199 -9.176  1.00 46.41 ? 45  ASN A CB  1 
ATOM   360  C  CG  . ASN A 1 43  ? 0.734   -21.986 -8.038  1.00 50.50 ? 45  ASN A CG  1 
ATOM   361  O  OD1 . ASN A 1 43  ? 0.345   -21.861 -6.873  1.00 56.68 ? 45  ASN A OD1 1 
ATOM   362  N  ND2 . ASN A 1 43  ? 2.018   -21.923 -8.375  1.00 52.10 ? 45  ASN A ND2 1 
ATOM   363  N  N   . GLY A 1 44  ? -1.566  -20.091 -11.951 1.00 37.72 ? 46  GLY A N   1 
ATOM   364  C  CA  . GLY A 1 44  ? -2.628  -19.966 -12.960 1.00 35.32 ? 46  GLY A CA  1 
ATOM   365  C  C   . GLY A 1 44  ? -4.066  -20.126 -12.477 1.00 34.55 ? 46  GLY A C   1 
ATOM   366  O  O   . GLY A 1 44  ? -4.945  -20.415 -13.282 1.00 39.48 ? 46  GLY A O   1 
ATOM   367  N  N   . ARG A 1 45  ? -4.308  -19.949 -11.178 1.00 32.03 ? 47  ARG A N   1 
ATOM   368  C  CA  . ARG A 1 45  ? -5.625  -20.180 -10.585 1.00 31.29 ? 47  ARG A CA  1 
ATOM   369  C  C   . ARG A 1 45  ? -6.089  -18.892 -9.920  1.00 27.19 ? 47  ARG A C   1 
ATOM   370  O  O   . ARG A 1 45  ? -5.270  -18.076 -9.479  1.00 27.95 ? 47  ARG A O   1 
ATOM   371  C  CB  . ARG A 1 45  ? -5.553  -21.297 -9.559  1.00 37.57 ? 47  ARG A CB  1 
ATOM   372  C  CG  . ARG A 1 45  ? -5.311  -22.662 -10.206 1.00 43.11 ? 47  ARG A CG  1 
ATOM   373  C  CD  . ARG A 1 45  ? -4.901  -23.754 -9.228  1.00 48.94 ? 47  ARG A CD  1 
ATOM   374  N  NE  . ARG A 1 45  ? -3.797  -23.375 -8.344  1.00 55.28 ? 47  ARG A NE  1 
ATOM   375  C  CZ  . ARG A 1 45  ? -3.289  -24.158 -7.391  1.00 61.24 ? 47  ARG A CZ  1 
ATOM   376  N  NH1 . ARG A 1 45  ? -3.763  -25.389 -7.190  1.00 63.19 ? 47  ARG A NH1 1 
ATOM   377  N  NH2 . ARG A 1 45  ? -2.291  -23.711 -6.630  1.00 66.61 ? 47  ARG A NH2 1 
ATOM   378  N  N   . GLN A 1 46  ? -7.406  -18.738 -9.848  1.00 20.99 ? 48  GLN A N   1 
ATOM   379  C  CA  . GLN A 1 46  ? -8.023  -17.559 -9.283  1.00 20.48 ? 48  GLN A CA  1 
ATOM   380  C  C   . GLN A 1 46  ? -8.611  -17.871 -7.912  1.00 18.58 ? 48  GLN A C   1 
ATOM   381  O  O   . GLN A 1 46  ? -9.194  -18.948 -7.683  1.00 22.79 ? 48  GLN A O   1 
ATOM   382  C  CB  . GLN A 1 46  ? -9.174  -17.191 -10.202 1.00 24.13 ? 48  GLN A CB  1 
ATOM   383  C  CG  . GLN A 1 46  ? -9.596  -15.774 -10.190 1.00 27.09 ? 48  GLN A CG  1 
ATOM   384  C  CD  . GLN A 1 46  ? -10.586 -15.532 -11.338 1.00 22.56 ? 48  GLN A CD  1 
ATOM   385  O  OE1 . GLN A 1 46  ? -10.278 -15.721 -12.525 1.00 31.51 ? 48  GLN A OE1 1 
ATOM   386  N  NE2 . GLN A 1 46  ? -11.720 -15.155 -10.994 1.00 21.68 ? 48  GLN A NE2 1 
ATOM   387  N  N   . PHE A 1 47  ? -8.486  -16.933 -7.005  1.00 15.60 ? 49  PHE A N   1 
ATOM   388  C  CA  . PHE A 1 47  ? -9.200  -17.010 -5.732  1.00 14.60 ? 49  PHE A CA  1 
ATOM   389  C  C   . PHE A 1 47  ? -10.668 -16.778 -5.955  1.00 15.56 ? 49  PHE A C   1 
ATOM   390  O  O   . PHE A 1 47  ? -11.039 -15.913 -6.690  1.00 17.19 ? 49  PHE A O   1 
ATOM   391  C  CB  . PHE A 1 47  ? -8.716  -15.950 -4.763  1.00 14.95 ? 49  PHE A CB  1 
ATOM   392  C  CG  . PHE A 1 47  ? -7.238  -16.069 -4.405  1.00 16.33 ? 49  PHE A CG  1 
ATOM   393  C  CD1 . PHE A 1 47  ? -6.695  -17.285 -4.003  1.00 15.90 ? 49  PHE A CD1 1 
ATOM   394  C  CD2 . PHE A 1 47  ? -6.428  -14.933 -4.421  1.00 17.31 ? 49  PHE A CD2 1 
ATOM   395  C  CE1 . PHE A 1 47  ? -5.331  -17.396 -3.661  1.00 17.58 ? 49  PHE A CE1 1 
ATOM   396  C  CE2 . PHE A 1 47  ? -5.052  -15.039 -4.076  1.00 17.64 ? 49  PHE A CE2 1 
ATOM   397  C  CZ  . PHE A 1 47  ? -4.526  -16.275 -3.724  1.00 17.21 ? 49  PHE A CZ  1 
ATOM   398  N  N   . SER A 1 48  ? -11.484 -17.610 -5.332  1.00 14.80 ? 50  SER A N   1 
ATOM   399  C  CA  . SER A 1 48  ? -12.937 -17.427 -5.398  1.00 13.94 ? 50  SER A CA  1 
ATOM   400  C  C   . SER A 1 48  ? -13.473 -16.390 -4.500  1.00 14.73 ? 50  SER A C   1 
ATOM   401  O  O   . SER A 1 48  ? -14.278 -15.543 -4.877  1.00 17.17 ? 50  SER A O   1 
ATOM   402  C  CB  . SER A 1 48  ? -13.594 -18.723 -5.051  1.00 14.83 ? 50  SER A CB  1 
ATOM   403  O  OG  A SER A 1 48  ? -13.607 -19.620 -6.180  0.60 14.72 ? 50  SER A OG  1 
ATOM   404  O  OG  B SER A 1 48  ? -14.859 -18.833 -5.617  0.40 16.40 ? 50  SER A OG  1 
ATOM   405  N  N   . SER A 1 49  ? -12.981 -16.397 -3.252  1.00 15.36 ? 51  SER A N   1 
ATOM   406  C  CA  . SER A 1 49  ? -13.502 -15.511 -2.213  1.00 15.17 ? 51  SER A CA  1 
ATOM   407  C  C   . SER A 1 49  ? -12.328 -14.764 -1.638  1.00 14.81 ? 51  SER A C   1 
ATOM   408  O  O   . SER A 1 49  ? -11.204 -15.272 -1.658  1.00 14.82 ? 51  SER A O   1 
ATOM   409  C  CB  . SER A 1 49  ? -14.227 -16.347 -1.141  1.00 15.34 ? 51  SER A CB  1 
ATOM   410  O  OG  A SER A 1 49  ? -13.265 -17.010 -0.372  0.60 15.15 ? 51  SER A OG  1 
ATOM   411  O  OG  B SER A 1 49  ? -15.504 -16.674 -1.604  0.40 15.36 ? 51  SER A OG  1 
ATOM   412  N  N   . PRO A 1 50  ? -12.568 -13.607 -1.036  1.00 16.43 ? 52  PRO A N   1 
ATOM   413  C  CA  . PRO A 1 50  ? -11.441 -12.925 -0.408  1.00 17.04 ? 52  PRO A CA  1 
ATOM   414  C  C   . PRO A 1 50  ? -10.728 -13.727 0.653   1.00 15.98 ? 52  PRO A C   1 
ATOM   415  O  O   . PRO A 1 50  ? -9.504  -13.657 0.778   1.00 17.22 ? 52  PRO A O   1 
ATOM   416  C  CB  . PRO A 1 50  ? -12.061 -11.640 0.163   1.00 19.07 ? 52  PRO A CB  1 
ATOM   417  C  CG  . PRO A 1 50  ? -13.296 -11.459 -0.593  1.00 19.73 ? 52  PRO A CG  1 
ATOM   418  C  CD  . PRO A 1 50  ? -13.788 -12.797 -1.016  1.00 17.53 ? 52  PRO A CD  1 
ATOM   419  N  N   . GLU A 1 51  ? -11.463 -14.524 1.441   1.00 14.99 ? 53  GLU A N   1 
ATOM   420  C  CA  . GLU A 1 51  ? -10.812 -15.299 2.460   1.00 16.36 ? 53  GLU A CA  1 
ATOM   421  C  C   . GLU A 1 51  ? -9.873  -16.357 1.916   1.00 16.10 ? 53  GLU A C   1 
ATOM   422  O  O   . GLU A 1 51  ? -8.972  -16.751 2.599   1.00 16.28 ? 53  GLU A O   1 
ATOM   423  C  CB  . GLU A 1 51  ? -11.787 -15.844 3.505   1.00 16.71 ? 53  GLU A CB  1 
ATOM   424  C  CG  . GLU A 1 51  ? -12.831 -16.820 3.043   1.00 17.29 ? 53  GLU A CG  1 
ATOM   425  C  CD  . GLU A 1 51  ? -14.131 -16.193 2.483   1.00 16.84 ? 53  GLU A CD  1 
ATOM   426  O  OE1 . GLU A 1 51  ? -14.157 -14.992 2.088   1.00 16.61 ? 53  GLU A OE1 1 
ATOM   427  O  OE2 . GLU A 1 51  ? -15.137 -16.960 2.326   1.00 17.74 ? 53  GLU A OE2 1 
ATOM   428  N  N   . ASP A 1 52  ? -10.054 -16.807 0.668   1.00 14.08 ? 54  ASP A N   1 
ATOM   429  C  CA  . ASP A 1 52  ? -9.154  -17.711 0.025   1.00 14.40 ? 54  ASP A CA  1 
ATOM   430  C  C   . ASP A 1 52  ? -7.741  -17.090 -0.059  1.00 15.05 ? 54  ASP A C   1 
ATOM   431  O  O   . ASP A 1 52  ? -6.749  -17.820 0.055   1.00 16.53 ? 54  ASP A O   1 
ATOM   432  C  CB  . ASP A 1 52  ? -9.588  -18.028 -1.397  1.00 13.99 ? 54  ASP A CB  1 
ATOM   433  C  CG  . ASP A 1 52  ? -10.803 -18.893 -1.511  1.00 17.40 ? 54  ASP A CG  1 
ATOM   434  O  OD1 . ASP A 1 52  ? -11.084 -19.690 -0.619  1.00 20.35 ? 54  ASP A OD1 1 
ATOM   435  O  OD2 . ASP A 1 52  ? -11.357 -18.861 -2.633  1.00 17.73 ? 54  ASP A OD2 1 
ATOM   436  N  N   . SER A 1 53  ? -7.641  -15.777 -0.287  1.00 14.18 ? 55  SER A N   1 
ATOM   437  C  CA  . SER A 1 53  ? -6.330  -15.126 -0.448  1.00 14.57 ? 55  SER A CA  1 
ATOM   438  C  C   . SER A 1 53  ? -5.502  -15.256 0.802   1.00 15.62 ? 55  SER A C   1 
ATOM   439  O  O   . SER A 1 53  ? -4.271  -15.356 0.700   1.00 14.43 ? 55  SER A O   1 
ATOM   440  C  CB  . SER A 1 53  ? -6.509  -13.685 -0.879  1.00 14.95 ? 55  SER A CB  1 
ATOM   441  O  OG  . SER A 1 53  ? -7.040  -12.897 0.151   1.00 15.30 ? 55  SER A OG  1 
ATOM   442  N  N   . LEU A 1 54  ? -6.161  -15.248 1.962   1.00 16.59 ? 56  LEU A N   1 
ATOM   443  C  CA  . LEU A 1 54  ? -5.475  -15.259 3.233   1.00 16.54 ? 56  LEU A CA  1 
ATOM   444  C  C   . LEU A 1 54  ? -4.803  -16.606 3.550   1.00 16.57 ? 56  LEU A C   1 
ATOM   445  O  O   . LEU A 1 54  ? -3.962  -16.670 4.415   1.00 17.94 ? 56  LEU A O   1 
ATOM   446  C  CB  . LEU A 1 54  ? -6.445  -14.843 4.336   1.00 18.20 ? 56  LEU A CB  1 
ATOM   447  C  CG  . LEU A 1 54  ? -6.957  -13.407 4.193   1.00 20.56 ? 56  LEU A CG  1 
ATOM   448  C  CD1 . LEU A 1 54  ? -8.078  -13.176 5.198   1.00 22.81 ? 56  LEU A CD1 1 
ATOM   449  C  CD2 . LEU A 1 54  ? -5.812  -12.411 4.359   1.00 23.50 ? 56  LEU A CD2 1 
ATOM   450  N  N   . SER A 1 55  ? -5.143  -17.672 2.816   1.00 17.45 ? 57  SER A N   1 
ATOM   451  C  CA  . SER A 1 55  ? -4.503  -18.940 2.983   1.00 18.34 ? 57  SER A CA  1 
ATOM   452  C  C   . SER A 1 55  ? -3.331  -19.164 2.054   1.00 19.79 ? 57  SER A C   1 
ATOM   453  O  O   . SER A 1 55  ? -2.717  -20.241 2.097   1.00 22.69 ? 57  SER A O   1 
ATOM   454  C  CB  . SER A 1 55  ? -5.524  -20.057 2.761   1.00 20.13 ? 57  SER A CB  1 
ATOM   455  O  OG  . SER A 1 55  ? -6.021  -20.040 1.429   1.00 24.34 ? 57  SER A OG  1 
ATOM   456  N  N   . SER A 1 56  ? -3.049  -18.210 1.175   1.00 16.36 ? 58  SER A N   1 
ATOM   457  C  CA  . SER A 1 56  ? -2.077  -18.373 0.111   1.00 15.81 ? 58  SER A CA  1 
ATOM   458  C  C   . SER A 1 56  ? -0.734  -17.849 0.583   1.00 16.89 ? 58  SER A C   1 
ATOM   459  O  O   . SER A 1 56  ? -0.579  -16.672 0.852   1.00 16.74 ? 58  SER A O   1 
ATOM   460  C  CB  . SER A 1 56  ? -2.523  -17.602 -1.124  1.00 16.32 ? 58  SER A CB  1 
ATOM   461  O  OG  . SER A 1 56  ? -1.501  -17.486 -2.107  1.00 17.97 ? 58  SER A OG  1 
ATOM   462  N  N   . PRO A 1 57  ? 0.296   -18.718 0.666   1.00 18.57 ? 59  PRO A N   1 
ATOM   463  C  CA  . PRO A 1 57  ? 1.632   -18.188 0.995   1.00 19.75 ? 59  PRO A CA  1 
ATOM   464  C  C   . PRO A 1 57  ? 2.173   -17.094 0.079   1.00 18.32 ? 59  PRO A C   1 
ATOM   465  O  O   . PRO A 1 57  ? 2.815   -16.151 0.560   1.00 19.30 ? 59  PRO A O   1 
ATOM   466  C  CB  . PRO A 1 57  ? 2.544   -19.434 0.926   1.00 22.15 ? 59  PRO A CB  1 
ATOM   467  C  CG  . PRO A 1 57  ? 1.656   -20.587 0.996   1.00 24.32 ? 59  PRO A CG  1 
ATOM   468  C  CD  . PRO A 1 57  ? 0.286   -20.181 0.533   1.00 21.55 ? 59  PRO A CD  1 
ATOM   469  N  N   . GLU A 1 58  ? 1.947   -17.234 -1.219  1.00 19.59 ? 60  GLU A N   1 
ATOM   470  C  CA  . GLU A 1 58  ? 2.336   -16.230 -2.205  1.00 19.07 ? 60  GLU A CA  1 
ATOM   471  C  C   . GLU A 1 58  ? 1.625   -14.882 -1.975  1.00 17.12 ? 60  GLU A C   1 
ATOM   472  O  O   . GLU A 1 58  ? 2.237   -13.824 -2.046  1.00 16.42 ? 60  GLU A O   1 
ATOM   473  C  CB  . GLU A 1 58  ? 2.109   -16.721 -3.634  1.00 22.00 ? 60  GLU A CB  1 
ATOM   474  C  CG  . GLU A 1 58  ? 2.918   -17.963 -4.020  1.00 25.66 ? 60  GLU A CG  1 
ATOM   475  C  CD  . GLU A 1 58  ? 2.132   -19.267 -3.923  1.00 31.70 ? 60  GLU A CD  1 
ATOM   476  O  OE1 . GLU A 1 58  ? 1.224   -19.416 -3.060  1.00 34.98 ? 60  GLU A OE1 1 
ATOM   477  O  OE2 . GLU A 1 58  ? 2.426   -20.160 -4.758  1.00 40.98 ? 60  GLU A OE2 1 
ATOM   478  N  N   . PHE A 1 59  ? 0.341   -14.941 -1.619  1.00 14.51 ? 61  PHE A N   1 
ATOM   479  C  CA  . PHE A 1 59  ? -0.403  -13.721 -1.323  1.00 13.98 ? 61  PHE A CA  1 
ATOM   480  C  C   . PHE A 1 59  ? 0.142   -13.022 -0.077  1.00 13.75 ? 61  PHE A C   1 
ATOM   481  O  O   . PHE A 1 59  ? 0.328   -11.810 -0.060  1.00 14.39 ? 61  PHE A O   1 
ATOM   482  C  CB  . PHE A 1 59  ? -1.923  -14.016 -1.158  1.00 13.08 ? 61  PHE A CB  1 
ATOM   483  C  CG  . PHE A 1 59  ? -2.747  -12.792 -0.960  1.00 13.55 ? 61  PHE A CG  1 
ATOM   484  C  CD1 . PHE A 1 59  ? -3.093  -12.000 -2.049  1.00 13.77 ? 61  PHE A CD1 1 
ATOM   485  C  CD2 . PHE A 1 59  ? -3.121  -12.384 0.322   1.00 13.74 ? 61  PHE A CD2 1 
ATOM   486  C  CE1 . PHE A 1 59  ? -3.815  -10.857 -1.879  1.00 14.16 ? 61  PHE A CE1 1 
ATOM   487  C  CE2 . PHE A 1 59  ? -3.869  -11.227 0.479   1.00 14.91 ? 61  PHE A CE2 1 
ATOM   488  C  CZ  . PHE A 1 59  ? -4.228  -10.500 -0.616  1.00 15.09 ? 61  PHE A CZ  1 
ATOM   489  N  N   . LEU A 1 60  ? 0.438   -13.785 0.969   1.00 13.64 ? 62  LEU A N   1 
ATOM   490  C  CA  . LEU A 1 60  ? 0.980   -13.243 2.177   1.00 14.84 ? 62  LEU A CA  1 
ATOM   491  C  C   . LEU A 1 60  ? 2.390   -12.705 1.902   1.00 14.85 ? 62  LEU A C   1 
ATOM   492  O  O   . LEU A 1 60  ? 2.762   -11.678 2.461   1.00 15.70 ? 62  LEU A O   1 
ATOM   493  C  CB  . LEU A 1 60  ? 1.032   -14.295 3.296   1.00 16.24 ? 62  LEU A CB  1 
ATOM   494  C  CG  . LEU A 1 60  ? -0.354  -14.856 3.735   1.00 18.75 ? 62  LEU A CG  1 
ATOM   495  C  CD1 . LEU A 1 60  ? -0.157  -15.752 4.960   1.00 20.74 ? 62  LEU A CD1 1 
ATOM   496  C  CD2 . LEU A 1 60  ? -1.379  -13.810 3.982   1.00 20.23 ? 62  LEU A CD2 1 
ATOM   497  N  N   . ASP A 1 61  ? 3.151   -13.355 1.018   1.00 15.28 ? 63  ASP A N   1 
ATOM   498  C  CA  . ASP A 1 61  ? 4.459   -12.777 0.675   1.00 17.00 ? 63  ASP A CA  1 
ATOM   499  C  C   . ASP A 1 61  ? 4.291   -11.423 -0.008  1.00 15.61 ? 63  ASP A C   1 
ATOM   500  O  O   . ASP A 1 61  ? 5.110   -10.499 0.210   1.00 17.76 ? 63  ASP A O   1 
ATOM   501  C  CB  . ASP A 1 61  ? 5.264   -13.709 -0.220  1.00 18.46 ? 63  ASP A CB  1 
ATOM   502  C  CG  . ASP A 1 61  ? 5.887   -14.868 0.546   1.00 19.86 ? 63  ASP A CG  1 
ATOM   503  O  OD1 . ASP A 1 61  ? 5.986   -14.820 1.796   1.00 23.26 ? 63  ASP A OD1 1 
ATOM   504  O  OD2 . ASP A 1 61  ? 6.319   -15.809 -0.157  1.00 26.70 ? 63  ASP A OD2 1 
ATOM   505  N  N   . HIS A 1 62  ? 3.271   -11.266 -0.845  1.00 14.75 ? 64  HIS A N   1 
ATOM   506  C  CA  . HIS A 1 62  ? 3.027   -9.962  -1.451  1.00 14.17 ? 64  HIS A CA  1 
ATOM   507  C  C   . HIS A 1 62  ? 2.669   -8.908  -0.397  1.00 13.23 ? 64  HIS A C   1 
ATOM   508  O  O   . HIS A 1 62  ? 3.067   -7.757  -0.526  1.00 15.11 ? 64  HIS A O   1 
ATOM   509  C  CB  . HIS A 1 62  ? 1.997   -10.070 -2.558  1.00 14.16 ? 64  HIS A CB  1 
ATOM   510  C  CG  . HIS A 1 62  ? 1.705   -8.765  -3.209  1.00 14.20 ? 64  HIS A CG  1 
ATOM   511  N  ND1 . HIS A 1 62  ? 0.647   -7.964  -2.824  1.00 13.86 ? 64  HIS A ND1 1 
ATOM   512  C  CD2 . HIS A 1 62  ? 2.333   -8.098  -4.197  1.00 13.90 ? 64  HIS A CD2 1 
ATOM   513  C  CE1 . HIS A 1 62  ? 0.613   -6.888  -3.570  1.00 13.75 ? 64  HIS A CE1 1 
ATOM   514  N  NE2 . HIS A 1 62  ? 1.626   -6.953  -4.431  1.00 16.45 ? 64  HIS A NE2 1 
ATOM   515  N  N   . ILE A 1 63  ? 1.923   -9.273  0.648   1.00 13.56 ? 65  ILE A N   1 
ATOM   516  C  CA  . ILE A 1 63  ? 1.658   -8.332  1.745   1.00 14.27 ? 65  ILE A CA  1 
ATOM   517  C  C   . ILE A 1 63  ? 2.985   -7.849  2.331   1.00 14.93 ? 65  ILE A C   1 
ATOM   518  O  O   . ILE A 1 63  ? 3.164   -6.649  2.525   1.00 16.44 ? 65  ILE A O   1 
ATOM   519  C  CB  . ILE A 1 63  ? 0.767   -8.917  2.856   1.00 15.88 ? 65  ILE A CB  1 
ATOM   520  C  CG1 . ILE A 1 63  ? -0.598  -9.240  2.306   1.00 15.92 ? 65  ILE A CG1 1 
ATOM   521  C  CG2 . ILE A 1 63  ? 0.661   -7.945  4.014   1.00 17.48 ? 65  ILE A CG2 1 
ATOM   522  C  CD1 . ILE A 1 63  ? -1.549  -9.840  3.302   1.00 17.13 ? 65  ILE A CD1 1 
ATOM   523  N  N   . ARG A 1 64  ? 3.914   -8.787  2.577   1.00 15.70 ? 66  ARG A N   1 
ATOM   524  C  CA  . ARG A 1 64  ? 5.211   -8.375  3.135   1.00 18.07 ? 66  ARG A CA  1 
ATOM   525  C  C   . ARG A 1 64  ? 5.942   -7.431  2.185   1.00 17.56 ? 66  ARG A C   1 
ATOM   526  O  O   . ARG A 1 64  ? 6.620   -6.500  2.631   1.00 18.70 ? 66  ARG A O   1 
ATOM   527  C  CB  . ARG A 1 64  ? 6.091   -9.621  3.438   1.00 20.37 ? 66  ARG A CB  1 
ATOM   528  C  CG  A ARG A 1 64  ? 5.532   -10.479 4.553   0.50 22.04 ? 66  ARG A CG  1 
ATOM   529  C  CG  B ARG A 1 64  ? 5.559   -10.575 4.481   0.50 21.74 ? 66  ARG A CG  1 
ATOM   530  C  CD  A ARG A 1 64  ? 6.583   -11.375 5.210   0.50 22.99 ? 66  ARG A CD  1 
ATOM   531  C  CD  B ARG A 1 64  ? 6.349   -11.892 4.557   0.50 22.49 ? 66  ARG A CD  1 
ATOM   532  N  NE  A ARG A 1 64  ? 5.997   -12.220 6.248   0.50 25.34 ? 66  ARG A NE  1 
ATOM   533  N  NE  B ARG A 1 64  ? 5.844   -12.700 5.661   0.50 24.29 ? 66  ARG A NE  1 
ATOM   534  C  CZ  A ARG A 1 64  ? 5.872   -11.899 7.529   0.50 25.13 ? 66  ARG A CZ  1 
ATOM   535  C  CZ  B ARG A 1 64  ? 5.125   -13.802 5.544   0.50 23.89 ? 66  ARG A CZ  1 
ATOM   536  N  NH1 A ARG A 1 64  ? 5.322   -12.770 8.358   0.50 27.18 ? 66  ARG A NH1 1 
ATOM   537  N  NH1 B ARG A 1 64  ? 4.711   -14.421 6.643   0.50 26.69 ? 66  ARG A NH1 1 
ATOM   538  N  NH2 A ARG A 1 64  ? 6.290   -10.734 7.992   0.50 25.76 ? 66  ARG A NH2 1 
ATOM   539  N  NH2 B ARG A 1 64  ? 4.849   -14.306 4.344   0.50 24.20 ? 66  ARG A NH2 1 
ATOM   540  N  N   . LYS A 1 65  ? 5.882   -7.684  0.892   1.00 16.40 ? 67  LYS A N   1 
ATOM   541  C  CA  . LYS A 1 65  ? 6.566   -6.857  -0.130  1.00 17.71 ? 67  LYS A CA  1 
ATOM   542  C  C   . LYS A 1 65  ? 5.959   -5.456  -0.104  1.00 18.13 ? 67  LYS A C   1 
ATOM   543  O  O   . LYS A 1 65  ? 6.656   -4.444  -0.223  1.00 18.46 ? 67  LYS A O   1 
ATOM   544  C  CB  . LYS A 1 65  ? 6.390   -7.454  -1.550  1.00 19.08 ? 67  LYS A CB  1 
ATOM   545  C  CG  . LYS A 1 65  ? 7.039   -8.772  -1.738  1.00 20.33 ? 67  LYS A CG  1 
ATOM   546  C  CD  . LYS A 1 65  ? 6.745   -9.283  -3.140  1.00 21.72 ? 67  LYS A CD  1 
ATOM   547  C  CE  . LYS A 1 65  ? 7.057   -10.745 -3.257  1.00 22.86 ? 67  LYS A CE  1 
ATOM   548  N  NZ  . LYS A 1 65  ? 6.971   -11.122 -4.677  1.00 22.03 ? 67  LYS A NZ  1 
ATOM   549  N  N   . VAL A 1 66  ? 4.631   -5.368  0.022   1.00 16.45 ? 68  VAL A N   1 
ATOM   550  C  CA  . VAL A 1 66  ? 3.992   -4.059  0.108   1.00 16.88 ? 68  VAL A CA  1 
ATOM   551  C  C   . VAL A 1 66  ? 4.483   -3.262  1.304   1.00 18.76 ? 68  VAL A C   1 
ATOM   552  O  O   . VAL A 1 66  ? 4.743   -2.054  1.187   1.00 20.03 ? 68  VAL A O   1 
ATOM   553  C  CB  . VAL A 1 66  ? 2.439   -4.211  0.139   1.00 17.11 ? 68  VAL A CB  1 
ATOM   554  C  CG1 . VAL A 1 66  ? 1.763   -2.878  0.474   1.00 19.45 ? 68  VAL A CG1 1 
ATOM   555  C  CG2 . VAL A 1 66  ? 1.934   -4.776  -1.180  1.00 16.73 ? 68  VAL A CG2 1 
ATOM   556  N  N   . MET A 1 67  ? 4.548   -3.914  2.447   1.00 18.62 ? 69  MET A N   1 
ATOM   557  C  CA  . MET A 1 67  ? 4.900   -3.238  3.673   1.00 21.15 ? 69  MET A CA  1 
ATOM   558  C  C   . MET A 1 67  ? 6.363   -2.788  3.572   1.00 21.08 ? 69  MET A C   1 
ATOM   559  O  O   . MET A 1 67  ? 6.671   -1.692  4.033   1.00 23.32 ? 69  MET A O   1 
ATOM   560  C  CB  . MET A 1 67  ? 4.593   -4.114  4.889   1.00 21.48 ? 69  MET A CB  1 
ATOM   561  C  CG  . MET A 1 67  ? 3.086   -4.431  5.094   1.00 22.35 ? 69  MET A CG  1 
ATOM   562  S  SD  . MET A 1 67  ? 1.969   -3.020  5.185   1.00 25.06 ? 69  MET A SD  1 
ATOM   563  C  CE  . MET A 1 67  ? 2.033   -2.673  6.927   1.00 27.59 ? 69  MET A CE  1 
ATOM   564  N  N   . LEU A 1 68  ? 7.210   -3.561  2.914   1.00 20.49 ? 70  LEU A N   1 
ATOM   565  C  CA  . LEU A 1 68  ? 8.621   -3.153  2.735   1.00 21.89 ? 70  LEU A CA  1 
ATOM   566  C  C   . LEU A 1 68  ? 8.766   -1.952  1.811   1.00 21.55 ? 70  LEU A C   1 
ATOM   567  O  O   . LEU A 1 68  ? 9.623   -1.080  2.092   1.00 22.94 ? 70  LEU A O   1 
ATOM   568  C  CB  . LEU A 1 68  ? 9.488   -4.334  2.318   1.00 26.78 ? 70  LEU A CB  1 
ATOM   569  C  CG  . LEU A 1 68  ? 9.814   -5.240  3.513   1.00 33.03 ? 70  LEU A CG  1 
ATOM   570  C  CD1 . LEU A 1 68  ? 10.313  -6.586  3.030   1.00 36.83 ? 70  LEU A CD1 1 
ATOM   571  C  CD2 . LEU A 1 68  ? 10.845  -4.611  4.461   1.00 36.70 ? 70  LEU A CD2 1 
ATOM   572  N  N   . VAL A 1 69  ? 7.954   -1.831  0.769   1.00 20.17 ? 71  VAL A N   1 
ATOM   573  C  CA  . VAL A 1 69  ? 7.986   -0.621  -0.060  1.00 19.88 ? 71  VAL A CA  1 
ATOM   574  C  C   . VAL A 1 69  ? 7.536   0.605   0.753   1.00 23.29 ? 71  VAL A C   1 
ATOM   575  O  O   . VAL A 1 69  ? 8.193   1.669   0.759   1.00 23.69 ? 71  VAL A O   1 
ATOM   576  C  CB  . VAL A 1 69  ? 7.161   -0.768  -1.349  1.00 21.02 ? 71  VAL A CB  1 
ATOM   577  C  CG1 . VAL A 1 69  ? 7.089   0.551   -2.106  1.00 21.45 ? 71  VAL A CG1 1 
ATOM   578  C  CG2 . VAL A 1 69  ? 7.793   -1.836  -2.237  1.00 23.71 ? 71  VAL A CG2 1 
ATOM   579  N  N   . ILE A 1 70  ? 6.457   0.459   1.502   1.00 20.77 ? 72  ILE A N   1 
ATOM   580  C  CA  . ILE A 1 70  ? 6.044   1.579   2.338   1.00 21.79 ? 72  ILE A CA  1 
ATOM   581  C  C   . ILE A 1 70  ? 7.127   1.906   3.372   1.00 22.47 ? 72  ILE A C   1 
ATOM   582  O  O   . ILE A 1 70  ? 7.360   3.086   3.644   1.00 24.04 ? 72  ILE A O   1 
ATOM   583  C  CB  . ILE A 1 70  ? 4.676   1.362   3.000   1.00 22.69 ? 72  ILE A CB  1 
ATOM   584  C  CG1 . ILE A 1 70  ? 3.596   1.151   1.920   1.00 23.98 ? 72  ILE A CG1 1 
ATOM   585  C  CG2 . ILE A 1 70  ? 4.342   2.559   3.896   1.00 22.31 ? 72  ILE A CG2 1 
ATOM   586  C  CD1 . ILE A 1 70  ? 2.403   0.361   2.381   1.00 27.49 ? 72  ILE A CD1 1 
ATOM   587  N  N   . ASP A 1 71  ? 7.810   0.906   3.938   1.00 22.67 ? 73  ASP A N   1 
ATOM   588  C  CA  . ASP A 1 71  ? 8.892   1.192   4.891   1.00 24.25 ? 73  ASP A CA  1 
ATOM   589  C  C   . ASP A 1 71  ? 9.997   1.992   4.215   1.00 24.25 ? 73  ASP A C   1 
ATOM   590  O  O   . ASP A 1 71  ? 10.561  2.885   4.847   1.00 26.19 ? 73  ASP A O   1 
ATOM   591  C  CB  . ASP A 1 71  ? 9.453   -0.119  5.455   1.00 26.88 ? 73  ASP A CB  1 
ATOM   592  C  CG  . ASP A 1 71  ? 10.413  0.089   6.625   1.00 30.93 ? 73  ASP A CG  1 
ATOM   593  O  OD1 . ASP A 1 71  ? 9.987   0.584   7.704   1.00 34.05 ? 73  ASP A OD1 1 
ATOM   594  O  OD2 . ASP A 1 71  ? 11.580  -0.321  6.482   1.00 35.60 ? 73  ASP A OD2 1 
ATOM   595  N  N   . ALA A 1 72  ? 10.286  1.720   2.948   1.00 24.52 ? 74  ALA A N   1 
ATOM   596  C  CA  . ALA A 1 72  ? 11.381  2.420   2.259   1.00 24.22 ? 74  ALA A CA  1 
ATOM   597  C  C   . ALA A 1 72  ? 10.929  3.850   2.039   1.00 26.04 ? 74  ALA A C   1 
ATOM   598  O  O   . ALA A 1 72  ? 11.715  4.789   2.225   1.00 28.77 ? 74  ALA A O   1 
ATOM   599  C  CB  . ALA A 1 72  ? 11.730  1.761   0.946   1.00 24.33 ? 74  ALA A CB  1 
ATOM   600  N  N   . ALA A 1 73  ? 9.656   4.035   1.678   1.00 24.53 ? 75  ALA A N   1 
ATOM   601  C  CA  . ALA A 1 73  ? 9.112   5.404   1.540   1.00 24.75 ? 75  ALA A CA  1 
ATOM   602  C  C   . ALA A 1 73  ? 9.202   6.223   2.835   1.00 26.71 ? 75  ALA A C   1 
ATOM   603  O  O   . ALA A 1 73  ? 9.469   7.435   2.788   1.00 28.83 ? 75  ALA A O   1 
ATOM   604  C  CB  . ALA A 1 73  ? 7.674   5.379   1.059   1.00 25.95 ? 75  ALA A CB  1 
ATOM   605  N  N   . VAL A 1 74  ? 8.957   5.597   3.971   1.00 25.17 ? 76  VAL A N   1 
ATOM   606  C  CA  . VAL A 1 74  ? 9.001   6.287   5.268   1.00 26.52 ? 76  VAL A CA  1 
ATOM   607  C  C   . VAL A 1 74  ? 10.451  6.625   5.603   1.00 29.43 ? 76  VAL A C   1 
ATOM   608  O  O   . VAL A 1 74  ? 10.737  7.730   6.054   1.00 29.41 ? 76  VAL A O   1 
ATOM   609  C  CB  . VAL A 1 74  ? 8.400   5.437   6.392   1.00 27.82 ? 76  VAL A CB  1 
ATOM   610  C  CG1 . VAL A 1 74  ? 8.597   6.085   7.761   1.00 27.55 ? 76  VAL A CG1 1 
ATOM   611  C  CG2 . VAL A 1 74  ? 6.934   5.204   6.142   1.00 25.67 ? 76  VAL A CG2 1 
ATOM   612  N  N   . THR A 1 75  ? 11.351  5.673   5.392   1.00 29.49 ? 77  THR A N   1 
ATOM   613  C  CA  . THR A 1 75  ? 12.793  5.919   5.613   1.00 33.44 ? 77  THR A CA  1 
ATOM   614  C  C   . THR A 1 75  ? 13.288  7.090   4.782   1.00 34.52 ? 77  THR A C   1 
ATOM   615  O  O   . THR A 1 75  ? 14.112  7.888   5.258   1.00 38.93 ? 77  THR A O   1 
ATOM   616  C  CB  . THR A 1 75  ? 13.631  4.652   5.317   1.00 35.03 ? 77  THR A CB  1 
ATOM   617  O  OG1 . THR A 1 75  ? 13.209  3.605   6.191   1.00 37.78 ? 77  THR A OG1 1 
ATOM   618  C  CG2 . THR A 1 75  ? 15.149  4.898   5.545   1.00 37.51 ? 77  THR A CG2 1 
ATOM   619  N  N   . ASN A 1 76  ? 12.784  7.208   3.559   1.00 32.75 ? 78  ASN A N   1 
ATOM   620  C  CA  . ASN A 1 76  ? 13.154  8.286   2.621   1.00 34.24 ? 78  ASN A CA  1 
ATOM   621  C  C   . ASN A 1 76  ? 12.138  9.434   2.513   1.00 31.75 ? 78  ASN A C   1 
ATOM   622  O  O   . ASN A 1 76  ? 12.094  10.112  1.497   1.00 33.47 ? 78  ASN A O   1 
ATOM   623  C  CB  . ASN A 1 76  ? 13.383  7.692   1.246   1.00 35.79 ? 78  ASN A CB  1 
ATOM   624  C  CG  . ASN A 1 76  ? 14.552  6.744   1.221   1.00 40.73 ? 78  ASN A CG  1 
ATOM   625  O  OD1 . ASN A 1 76  ? 14.390  5.524   1.212   1.00 42.43 ? 78  ASN A OD1 1 
ATOM   626  N  ND2 . ASN A 1 76  ? 15.747  7.304   1.237   1.00 43.90 ? 78  ASN A ND2 1 
ATOM   627  N  N   . VAL A 1 77  ? 11.359  9.695   3.554   1.00 33.20 ? 79  VAL A N   1 
ATOM   628  C  CA  . VAL A 1 77  ? 10.269  10.673  3.425   1.00 35.85 ? 79  VAL A CA  1 
ATOM   629  C  C   . VAL A 1 77  ? 10.793  12.098  3.106   1.00 38.89 ? 79  VAL A C   1 
ATOM   630  O  O   . VAL A 1 77  ? 10.139  12.854  2.370   1.00 36.27 ? 79  VAL A O   1 
ATOM   631  C  CB  . VAL A 1 77  ? 9.321   10.683  4.648   1.00 36.10 ? 79  VAL A CB  1 
ATOM   632  C  CG1 . VAL A 1 77  ? 10.005  11.261  5.882   1.00 37.76 ? 79  VAL A CG1 1 
ATOM   633  C  CG2 . VAL A 1 77  ? 8.037   11.447  4.318   1.00 39.15 ? 79  VAL A CG2 1 
ATOM   634  N  N   . GLU A 1 78  ? 11.985  12.403  3.623   1.00 42.45 ? 80  GLU A N   1 
ATOM   635  C  CA  . GLU A 1 78  ? 12.657  13.699  3.423   1.00 48.91 ? 80  GLU A CA  1 
ATOM   636  C  C   . GLU A 1 78  ? 13.133  13.893  1.985   1.00 46.53 ? 80  GLU A C   1 
ATOM   637  O  O   . GLU A 1 78  ? 13.212  15.028  1.516   1.00 49.93 ? 80  GLU A O   1 
ATOM   638  C  CB  . GLU A 1 78  ? 13.866  13.872  4.364   1.00 51.53 ? 80  GLU A CB  1 
ATOM   639  C  CG  . GLU A 1 78  ? 13.655  13.480  5.825   1.00 55.47 ? 80  GLU A CG  1 
ATOM   640  C  CD  . GLU A 1 78  ? 14.244  12.111  6.151   1.00 57.74 ? 80  GLU A CD  1 
ATOM   641  O  OE1 . GLU A 1 78  ? 13.926  11.135  5.427   1.00 57.40 ? 80  GLU A OE1 1 
ATOM   642  O  OE2 . GLU A 1 78  ? 15.029  12.007  7.121   1.00 61.31 ? 80  GLU A OE2 1 
ATOM   643  N  N   . ASP A 1 79  ? 13.492  12.809  1.300   1.00 45.67 ? 81  ASP A N   1 
ATOM   644  C  CA  . ASP A 1 79  ? 13.752  12.879  -0.141  1.00 47.18 ? 81  ASP A CA  1 
ATOM   645  C  C   . ASP A 1 79  ? 13.359  11.600  -0.883  1.00 41.31 ? 81  ASP A C   1 
ATOM   646  O  O   . ASP A 1 79  ? 14.125  10.635  -0.915  1.00 44.07 ? 81  ASP A O   1 
ATOM   647  C  CB  . ASP A 1 79  ? 15.223  13.210  -0.427  1.00 49.04 ? 81  ASP A CB  1 
ATOM   648  C  CG  . ASP A 1 79  ? 15.520  13.246  -1.922  1.00 52.86 ? 81  ASP A CG  1 
ATOM   649  O  OD1 . ASP A 1 79  ? 14.731  13.875  -2.667  1.00 53.60 ? 81  ASP A OD1 1 
ATOM   650  O  OD2 . ASP A 1 79  ? 16.504  12.610  -2.354  1.00 56.29 ? 81  ASP A OD2 1 
ATOM   651  N  N   . LEU A 1 80  ? 12.181  11.627  -1.497  1.00 39.86 ? 82  LEU A N   1 
ATOM   652  C  CA  . LEU A 1 80  ? 11.633  10.479  -2.238  1.00 40.30 ? 82  LEU A CA  1 
ATOM   653  C  C   . LEU A 1 80  ? 12.200  10.339  -3.655  1.00 41.62 ? 82  LEU A C   1 
ATOM   654  O  O   . LEU A 1 80  ? 12.016  9.289   -4.287  1.00 39.48 ? 82  LEU A O   1 
ATOM   655  C  CB  . LEU A 1 80  ? 10.100  10.584  -2.325  1.00 42.80 ? 82  LEU A CB  1 
ATOM   656  C  CG  . LEU A 1 80  ? 9.313   10.318  -1.043  1.00 44.22 ? 82  LEU A CG  1 
ATOM   657  C  CD1 . LEU A 1 80  ? 7.856   10.721  -1.199  1.00 45.96 ? 82  LEU A CD1 1 
ATOM   658  C  CD2 . LEU A 1 80  ? 9.413   8.846   -0.665  1.00 44.43 ? 82  LEU A CD2 1 
ATOM   659  N  N   . SER A 1 81  ? 12.896  11.374  -4.156  1.00 40.46 ? 83  SER A N   1 
ATOM   660  C  CA  . SER A 1 81  ? 13.508  11.319  -5.500  1.00 40.22 ? 83  SER A CA  1 
ATOM   661  C  C   . SER A 1 81  ? 14.450  10.137  -5.666  1.00 38.06 ? 83  SER A C   1 
ATOM   662  O  O   . SER A 1 81  ? 14.608  9.645   -6.775  1.00 38.54 ? 83  SER A O   1 
ATOM   663  C  CB  . SER A 1 81  ? 14.239  12.634  -5.861  1.00 41.74 ? 83  SER A CB  1 
ATOM   664  O  OG  . SER A 1 81  ? 15.475  12.748  -5.169  1.00 49.15 ? 83  SER A OG  1 
ATOM   665  N  N   . SER A 1 82  ? 15.070  9.685   -4.578  1.00 37.17 ? 84  SER A N   1 
ATOM   666  C  CA  . SER A 1 82  ? 15.904  8.473   -4.597  1.00 40.02 ? 84  SER A CA  1 
ATOM   667  C  C   . SER A 1 82  ? 15.165  7.171   -4.966  1.00 38.78 ? 84  SER A C   1 
ATOM   668  O  O   . SER A 1 82  ? 15.777  6.234   -5.493  1.00 40.12 ? 84  SER A O   1 
ATOM   669  C  CB  . SER A 1 82  ? 16.600  8.301   -3.244  1.00 43.96 ? 84  SER A CB  1 
ATOM   670  O  OG  . SER A 1 82  ? 15.662  8.201   -2.181  1.00 49.17 ? 84  SER A OG  1 
ATOM   671  N  N   . LEU A 1 83  ? 13.856  7.105   -4.693  1.00 35.38 ? 85  LEU A N   1 
ATOM   672  C  CA  . LEU A 1 83  ? 13.059  5.902   -5.006  1.00 31.50 ? 85  LEU A CA  1 
ATOM   673  C  C   . LEU A 1 83  ? 12.348  6.008   -6.343  1.00 30.08 ? 85  LEU A C   1 
ATOM   674  O  O   . LEU A 1 83  ? 11.732  5.037   -6.778  1.00 30.42 ? 85  LEU A O   1 
ATOM   675  C  CB  . LEU A 1 83  ? 12.005  5.648   -3.915  1.00 32.11 ? 85  LEU A CB  1 
ATOM   676  C  CG  . LEU A 1 83  ? 12.452  5.333   -2.487  1.00 33.74 ? 85  LEU A CG  1 
ATOM   677  C  CD1 . LEU A 1 83  ? 11.248  5.182   -1.575  1.00 35.73 ? 85  LEU A CD1 1 
ATOM   678  C  CD2 . LEU A 1 83  ? 13.276  4.061   -2.430  1.00 34.37 ? 85  LEU A CD2 1 
ATOM   679  N  N   . GLU A 1 84  ? 12.419  7.150   -7.035  1.00 30.38 ? 86  GLU A N   1 
ATOM   680  C  CA  . GLU A 1 84  ? 11.553  7.377   -8.195  1.00 32.32 ? 86  GLU A CA  1 
ATOM   681  C  C   . GLU A 1 84  ? 11.718  6.344   -9.307  1.00 30.12 ? 86  GLU A C   1 
ATOM   682  O  O   . GLU A 1 84  ? 10.737  5.884   -9.891  1.00 28.30 ? 86  GLU A O   1 
ATOM   683  C  CB  . GLU A 1 84  ? 11.729  8.801   -8.757  1.00 37.70 ? 86  GLU A CB  1 
ATOM   684  C  CG  . GLU A 1 84  ? 10.928  9.060   -10.018 1.00 42.46 ? 86  GLU A CG  1 
ATOM   685  C  CD  . GLU A 1 84  ? 10.971  10.506  -10.462 1.00 48.14 ? 86  GLU A CD  1 
ATOM   686  O  OE1 . GLU A 1 84  ? 12.086  11.038  -10.663 1.00 49.72 ? 86  GLU A OE1 1 
ATOM   687  O  OE2 . GLU A 1 84  ? 9.880   11.095  -10.645 1.00 53.67 ? 86  GLU A OE2 1 
ATOM   688  N  N   . GLU A 1 85  ? 12.964  6.001   -9.630  1.00 27.34 ? 87  GLU A N   1 
ATOM   689  C  CA  . GLU A 1 85  ? 13.205  5.058   -10.694 1.00 28.11 ? 87  GLU A CA  1 
ATOM   690  C  C   . GLU A 1 85  ? 12.660  3.683   -10.332 1.00 23.07 ? 87  GLU A C   1 
ATOM   691  O  O   . GLU A 1 85  ? 12.040  3.041   -11.153 1.00 24.32 ? 87  GLU A O   1 
ATOM   692  C  CB  . GLU A 1 85  ? 14.711  4.961   -10.986 1.00 33.21 ? 87  GLU A CB  1 
ATOM   693  C  CG  . GLU A 1 85  ? 15.303  6.228   -11.579 1.00 38.18 ? 87  GLU A CG  1 
ATOM   694  C  CD  . GLU A 1 85  ? 14.691  6.607   -12.914 1.00 44.92 ? 87  GLU A CD  1 
ATOM   695  O  OE1 . GLU A 1 85  ? 14.457  5.705   -13.758 1.00 50.48 ? 87  GLU A OE1 1 
ATOM   696  O  OE2 . GLU A 1 85  ? 14.448  7.819   -13.114 1.00 53.26 ? 87  GLU A OE2 1 
ATOM   697  N  N   . TYR A 1 86  ? 12.929  3.258   -9.113  1.00 23.50 ? 88  TYR A N   1 
ATOM   698  C  CA  . TYR A 1 86  ? 12.346  1.972   -8.596  1.00 22.78 ? 88  TYR A CA  1 
ATOM   699  C  C   . TYR A 1 86  ? 10.791  1.944   -8.659  1.00 23.61 ? 88  TYR A C   1 
ATOM   700  O  O   . TYR A 1 86  ? 10.179  0.990   -9.186  1.00 24.29 ? 88  TYR A O   1 
ATOM   701  C  CB  . TYR A 1 86  ? 12.851  1.639   -7.182  1.00 22.70 ? 88  TYR A CB  1 
ATOM   702  C  CG  . TYR A 1 86  ? 12.111  0.458   -6.588  1.00 23.73 ? 88  TYR A CG  1 
ATOM   703  C  CD1 . TYR A 1 86  ? 12.382  -0.833  -6.995  1.00 26.31 ? 88  TYR A CD1 1 
ATOM   704  C  CD2 . TYR A 1 86  ? 11.077  0.647   -5.671  1.00 23.97 ? 88  TYR A CD2 1 
ATOM   705  C  CE1 . TYR A 1 86  ? 11.669  -1.905  -6.509  1.00 25.26 ? 88  TYR A CE1 1 
ATOM   706  C  CE2 . TYR A 1 86  ? 10.370  -0.436  -5.179  1.00 26.64 ? 88  TYR A CE2 1 
ATOM   707  C  CZ  . TYR A 1 86  ? 10.662  -1.698  -5.620  1.00 25.79 ? 88  TYR A CZ  1 
ATOM   708  O  OH  . TYR A 1 86  ? 9.983   -2.764  -5.107  1.00 24.83 ? 88  TYR A OH  1 
ATOM   709  N  N   . LEU A 1 87  ? 10.179  3.031   -8.220  1.00 24.30 ? 89  LEU A N   1 
ATOM   710  C  CA  . LEU A 1 87  ? 8.704   3.134   -8.241  1.00 23.10 ? 89  LEU A CA  1 
ATOM   711  C  C   . LEU A 1 87  ? 8.127   3.172   -9.642  1.00 22.83 ? 89  LEU A C   1 
ATOM   712  O  O   . LEU A 1 87  ? 7.114   2.552   -9.909  1.00 21.54 ? 89  LEU A O   1 
ATOM   713  C  CB  . LEU A 1 87  ? 8.234   4.337   -7.412  1.00 22.77 ? 89  LEU A CB  1 
ATOM   714  C  CG  . LEU A 1 87  ? 8.497   4.206   -5.918  1.00 24.78 ? 89  LEU A CG  1 
ATOM   715  C  CD1 . LEU A 1 87  ? 8.169   5.508   -5.183  1.00 25.76 ? 89  LEU A CD1 1 
ATOM   716  C  CD2 . LEU A 1 87  ? 7.702   3.041   -5.322  1.00 25.09 ? 89  LEU A CD2 1 
ATOM   717  N  N   . THR A 1 88  ? 8.813   3.829   -10.592 1.00 21.71 ? 90  THR A N   1 
ATOM   718  C  CA  . THR A 1 88  ? 8.344   3.784   -11.959 1.00 24.08 ? 90  THR A CA  1 
ATOM   719  C  C   . THR A 1 88  ? 8.323   2.343   -12.500 1.00 22.69 ? 90  THR A C   1 
ATOM   720  O  O   . THR A 1 88  ? 7.361   1.921   -13.156 1.00 25.09 ? 90  THR A O   1 
ATOM   721  C  CB  . THR A 1 88  ? 9.166   4.738   -12.870 1.00 26.45 ? 90  THR A CB  1 
ATOM   722  O  OG1 . THR A 1 88  ? 9.046   6.093   -12.381 1.00 29.28 ? 90  THR A OG1 1 
ATOM   723  C  CG2 . THR A 1 88  ? 8.629   4.672   -14.264 1.00 29.78 ? 90  THR A CG2 1 
ATOM   724  N  N   . SER A 1 89  ? 9.372   1.579   -12.231 1.00 23.82 ? 91  SER A N   1 
ATOM   725  C  CA  . SER A 1 89  ? 9.387   0.187   -12.719 1.00 25.85 ? 91  SER A CA  1 
ATOM   726  C  C   . SER A 1 89  ? 8.363   -0.668  -11.970 1.00 25.24 ? 91  SER A C   1 
ATOM   727  O  O   . SER A 1 89  ? 7.746   -1.544  -12.557 1.00 25.60 ? 91  SER A O   1 
ATOM   728  C  CB  . SER A 1 89  ? 10.761  -0.444  -12.609 1.00 29.26 ? 91  SER A CB  1 
ATOM   729  O  OG  . SER A 1 89  ? 11.248  -0.445  -11.288 1.00 36.13 ? 91  SER A OG  1 
ATOM   730  N  N   . LEU A 1 90  ? 8.146   -0.361  -10.695 1.00 23.86 ? 92  LEU A N   1 
ATOM   731  C  CA  . LEU A 1 90  ? 7.051   -1.040  -9.947  1.00 22.39 ? 92  LEU A CA  1 
ATOM   732  C  C   . LEU A 1 90  ? 5.671   -0.752  -10.528 1.00 22.12 ? 92  LEU A C   1 
ATOM   733  O  O   . LEU A 1 90  ? 4.827   -1.638  -10.626 1.00 21.96 ? 92  LEU A O   1 
ATOM   734  C  CB  . LEU A 1 90  ? 7.147   -0.682  -8.474  1.00 23.08 ? 92  LEU A CB  1 
ATOM   735  C  CG  . LEU A 1 90  ? 6.298   -1.544  -7.532  1.00 22.56 ? 92  LEU A CG  1 
ATOM   736  C  CD1 . LEU A 1 90  ? 6.822   -2.981  -7.548  1.00 23.49 ? 92  LEU A CD1 1 
ATOM   737  C  CD2 . LEU A 1 90  ? 6.338   -0.951  -6.146  1.00 24.06 ? 92  LEU A CD2 1 
ATOM   738  N  N   . GLY A 1 91  ? 5.456   0.469   -11.002 1.00 21.02 ? 93  GLY A N   1 
ATOM   739  C  CA  . GLY A 1 91  ? 4.245   0.788   -11.753 1.00 23.30 ? 93  GLY A CA  1 
ATOM   740  C  C   . GLY A 1 91  ? 4.081   -0.009  -13.025 1.00 23.97 ? 93  GLY A C   1 
ATOM   741  O  O   . GLY A 1 91  ? 3.029   -0.585  -13.286 1.00 25.97 ? 93  GLY A O   1 
ATOM   742  N  N   . ARG A 1 92  ? 5.135   -0.036  -13.825 1.00 25.78 ? 94  ARG A N   1 
ATOM   743  C  CA  . ARG A 1 92  ? 5.147   -0.803  -15.073 1.00 27.94 ? 94  ARG A CA  1 
ATOM   744  C  C   . ARG A 1 92  ? 4.789   -2.291  -14.828 1.00 24.99 ? 94  ARG A C   1 
ATOM   745  O  O   . ARG A 1 92  ? 4.003   -2.883  -15.562 1.00 28.01 ? 94  ARG A O   1 
ATOM   746  C  CB  . ARG A 1 92  ? 6.538   -0.725  -15.744 1.00 32.54 ? 94  ARG A CB  1 
ATOM   747  C  CG  . ARG A 1 92  ? 6.940   0.620   -16.343 1.00 38.89 ? 94  ARG A CG  1 
ATOM   748  C  CD  . ARG A 1 92  ? 8.050   0.488   -17.399 1.00 41.93 ? 94  ARG A CD  1 
ATOM   749  N  NE  . ARG A 1 92  ? 9.315   0.013   -16.820 1.00 44.70 ? 94  ARG A NE  1 
ATOM   750  C  CZ  . ARG A 1 92  ? 10.290  0.775   -16.307 1.00 46.58 ? 94  ARG A CZ  1 
ATOM   751  N  NH1 . ARG A 1 92  ? 10.212  2.110   -16.286 1.00 47.61 ? 94  ARG A NH1 1 
ATOM   752  N  NH2 . ARG A 1 92  ? 11.375  0.186   -15.806 1.00 49.45 ? 94  ARG A NH2 1 
ATOM   753  N  N   . LYS A 1 93  ? 5.363   -2.867  -13.776 1.00 23.54 ? 95  LYS A N   1 
ATOM   754  C  CA  . LYS A 1 93  ? 5.082   -4.270  -13.402 1.00 25.06 ? 95  LYS A CA  1 
ATOM   755  C  C   . LYS A 1 93  ? 3.592   -4.473  -13.090 1.00 24.50 ? 95  LYS A C   1 
ATOM   756  O  O   . LYS A 1 93  ? 2.948   -5.398  -13.565 1.00 25.64 ? 95  LYS A O   1 
ATOM   757  C  CB  . LYS A 1 93  ? 6.004   -4.699  -12.234 1.00 26.88 ? 95  LYS A CB  1 
ATOM   758  C  CG  . LYS A 1 93  ? 5.814   -6.127  -11.719 1.00 32.27 ? 95  LYS A CG  1 
ATOM   759  C  CD  . LYS A 1 93  ? 5.814   -7.221  -12.781 1.00 36.79 ? 95  LYS A CD  1 
ATOM   760  C  CE  . LYS A 1 93  ? 5.289   -8.513  -12.168 1.00 42.15 ? 95  LYS A CE  1 
ATOM   761  N  NZ  . LYS A 1 93  ? 5.482   -9.720  -13.015 1.00 45.23 ? 95  LYS A NZ  1 
ATOM   762  N  N   . HIS A 1 94  ? 3.015   -3.542  -12.351 1.00 22.11 ? 96  HIS A N   1 
ATOM   763  C  CA  . HIS A 1 94  ? 1.584   -3.651  -12.046 1.00 21.56 ? 96  HIS A CA  1 
ATOM   764  C  C   . HIS A 1 94  ? 0.665   -3.408  -13.225 1.00 23.85 ? 96  HIS A C   1 
ATOM   765  O  O   . HIS A 1 94  ? -0.411  -4.023  -13.350 1.00 25.69 ? 96  HIS A O   1 
ATOM   766  C  CB  . HIS A 1 94  ? 1.267   -2.753  -10.855 1.00 20.37 ? 96  HIS A CB  1 
ATOM   767  C  CG  . HIS A 1 94  ? 1.783   -3.315  -9.586  1.00 21.43 ? 96  HIS A CG  1 
ATOM   768  N  ND1 . HIS A 1 94  ? 3.092   -3.169  -9.178  1.00 21.24 ? 96  HIS A ND1 1 
ATOM   769  C  CD2 . HIS A 1 94  ? 1.195   -4.132  -8.692  1.00 19.06 ? 96  HIS A CD2 1 
ATOM   770  C  CE1 . HIS A 1 94  ? 3.265   -3.802  -8.032  1.00 21.66 ? 96  HIS A CE1 1 
ATOM   771  N  NE2 . HIS A 1 94  ? 2.125   -4.413  -7.734  1.00 20.48 ? 96  HIS A NE2 1 
ATOM   772  N  N   . ARG A 1 95  ? 1.083   -2.520  -14.127 1.00 26.57 ? 97  ARG A N   1 
ATOM   773  C  CA  . ARG A 1 95  ? 0.338   -2.371  -15.378 1.00 30.77 ? 97  ARG A CA  1 
ATOM   774  C  C   . ARG A 1 95  ? 0.322   -3.706  -16.134 1.00 30.35 ? 97  ARG A C   1 
ATOM   775  O  O   . ARG A 1 95  ? -0.732  -4.134  -16.654 1.00 31.57 ? 97  ARG A O   1 
ATOM   776  C  CB  . ARG A 1 95  ? 0.934   -1.239  -16.241 1.00 35.34 ? 97  ARG A CB  1 
ATOM   777  C  CG  . ARG A 1 95  ? 0.208   -1.078  -17.581 1.00 40.37 ? 97  ARG A CG  1 
ATOM   778  C  CD  . ARG A 1 95  ? 0.631   0.151   -18.367 1.00 45.89 ? 97  ARG A CD  1 
ATOM   779  N  NE  . ARG A 1 95  ? 0.201   0.072   -19.767 1.00 51.36 ? 97  ARG A NE  1 
ATOM   780  C  CZ  . ARG A 1 95  ? -1.054  0.225   -20.209 1.00 55.71 ? 97  ARG A CZ  1 
ATOM   781  N  NH1 . ARG A 1 95  ? -2.065  0.486   -19.376 1.00 55.49 ? 97  ARG A NH1 1 
ATOM   782  N  NH2 . ARG A 1 95  ? -1.304  0.122   -21.519 1.00 57.71 ? 97  ARG A NH2 1 
ATOM   783  N  N   . ALA A 1 96  ? 1.472   -4.360  -16.149 1.00 28.94 ? 98  ALA A N   1 
ATOM   784  C  CA  . ALA A 1 96  ? 1.661   -5.637  -16.824 1.00 32.21 ? 98  ALA A CA  1 
ATOM   785  C  C   . ALA A 1 96  ? 0.733   -6.728  -16.267 1.00 35.24 ? 98  ALA A C   1 
ATOM   786  O  O   . ALA A 1 96  ? 0.149   -7.510  -17.019 1.00 38.16 ? 98  ALA A O   1 
ATOM   787  C  CB  . ALA A 1 96  ? 3.110   -6.068  -16.721 1.00 31.41 ? 98  ALA A CB  1 
ATOM   788  N  N   . VAL A 1 97  ? 0.568   -6.759  -14.950 1.00 31.52 ? 99  VAL A N   1 
ATOM   789  C  CA  . VAL A 1 97  ? -0.269  -7.782  -14.330 1.00 34.65 ? 99  VAL A CA  1 
ATOM   790  C  C   . VAL A 1 97  ? -1.755  -7.425  -14.420 1.00 33.07 ? 99  VAL A C   1 
ATOM   791  O  O   . VAL A 1 97  ? -2.606  -8.284  -14.213 1.00 35.86 ? 99  VAL A O   1 
ATOM   792  C  CB  . VAL A 1 97  ? 0.201   -8.161  -12.895 1.00 36.43 ? 99  VAL A CB  1 
ATOM   793  C  CG1 . VAL A 1 97  ? 1.657   -8.587  -12.906 1.00 36.25 ? 99  VAL A CG1 1 
ATOM   794  C  CG2 . VAL A 1 97  ? -0.026  -7.055  -11.911 1.00 35.87 ? 99  VAL A CG2 1 
ATOM   795  N  N   . GLY A 1 98  ? -2.076  -6.179  -14.780 1.00 29.65 ? 100 GLY A N   1 
ATOM   796  C  CA  . GLY A 1 98  ? -3.449  -5.802  -15.097 1.00 28.38 ? 100 GLY A CA  1 
ATOM   797  C  C   . GLY A 1 98  ? -4.087  -4.809  -14.159 1.00 26.32 ? 100 GLY A C   1 
ATOM   798  O  O   . GLY A 1 98  ? -5.283  -4.549  -14.276 1.00 29.47 ? 100 GLY A O   1 
ATOM   799  N  N   . VAL A 1 99  ? -3.320  -4.232  -13.226 1.00 27.69 ? 101 VAL A N   1 
ATOM   800  C  CA  . VAL A 1 99  ? -3.895  -3.258  -12.326 1.00 29.05 ? 101 VAL A CA  1 
ATOM   801  C  C   . VAL A 1 99  ? -4.111  -1.937  -13.056 1.00 29.43 ? 101 VAL A C   1 
ATOM   802  O  O   . VAL A 1 99  ? -3.202  -1.421  -13.720 1.00 30.82 ? 101 VAL A O   1 
ATOM   803  C  CB  . VAL A 1 99  ? -3.063  -2.999  -11.055 1.00 30.32 ? 101 VAL A CB  1 
ATOM   804  C  CG1 . VAL A 1 99  ? -3.897  -2.181  -10.066 1.00 31.41 ? 101 VAL A CG1 1 
ATOM   805  C  CG2 . VAL A 1 99  ? -2.593  -4.309  -10.443 1.00 31.67 ? 101 VAL A CG2 1 
ATOM   806  N  N   . ARG A 1 100 ? -5.323  -1.419  -12.958 1.00 29.09 ? 102 ARG A N   1 
ATOM   807  C  CA  . ARG A 1 100 ? -5.624  -0.099  -13.459 1.00 30.34 ? 102 ARG A CA  1 
ATOM   808  C  C   . ARG A 1 100 ? -5.148  0.954   -12.481 1.00 30.28 ? 102 ARG A C   1 
ATOM   809  O  O   . ARG A 1 100 ? -5.185  0.788   -11.242 1.00 27.37 ? 102 ARG A O   1 
ATOM   810  C  CB  . ARG A 1 100 ? -7.109  0.040   -13.730 1.00 34.39 ? 102 ARG A CB  1 
ATOM   811  C  CG  . ARG A 1 100 ? -7.579  -0.911  -14.809 1.00 40.99 ? 102 ARG A CG  1 
ATOM   812  C  CD  . ARG A 1 100 ? -9.021  -0.668  -15.198 1.00 47.88 ? 102 ARG A CD  1 
ATOM   813  N  NE  . ARG A 1 100 ? -9.984  -1.155  -14.201 1.00 53.17 ? 102 ARG A NE  1 
ATOM   814  C  CZ  . ARG A 1 100 ? -10.391 -2.423  -14.065 1.00 56.38 ? 102 ARG A CZ  1 
ATOM   815  N  NH1 . ARG A 1 100 ? -9.916  -3.392  -14.842 1.00 58.16 ? 102 ARG A NH1 1 
ATOM   816  N  NH2 . ARG A 1 100 ? -11.283 -2.729  -13.122 1.00 59.93 ? 102 ARG A NH2 1 
ATOM   817  N  N   . LEU A 1 101 ? -4.695  2.072   -13.021 1.00 28.98 ? 103 LEU A N   1 
ATOM   818  C  CA  . LEU A 1 101 ? -4.098  3.090   -12.173 1.00 28.90 ? 103 LEU A CA  1 
ATOM   819  C  C   . LEU A 1 101 ? -5.136  3.642   -11.169 1.00 26.50 ? 103 LEU A C   1 
ATOM   820  O  O   . LEU A 1 101 ? -4.795  3.916   -10.030 1.00 29.12 ? 103 LEU A O   1 
ATOM   821  C  CB  . LEU A 1 101 ? -3.477  4.185   -13.042 1.00 31.61 ? 103 LEU A CB  1 
ATOM   822  C  CG  . LEU A 1 101 ? -2.753  5.321   -12.336 1.00 32.18 ? 103 LEU A CG  1 
ATOM   823  C  CD1 . LEU A 1 101 ? -1.619  4.835   -11.451 1.00 31.05 ? 103 LEU A CD1 1 
ATOM   824  C  CD2 . LEU A 1 101 ? -2.243  6.256   -13.429 1.00 32.46 ? 103 LEU A CD2 1 
ATOM   825  N  N   . SER A 1 102 ? -6.407  3.747   -11.568 1.00 27.27 ? 104 SER A N   1 
ATOM   826  C  CA  . SER A 1 102 ? -7.467  4.204   -10.664 1.00 26.94 ? 104 SER A CA  1 
ATOM   827  C  C   . SER A 1 102 ? -7.544  3.359   -9.385  1.00 25.10 ? 104 SER A C   1 
ATOM   828  O  O   . SER A 1 102 ? -7.823  3.871   -8.299  1.00 26.94 ? 104 SER A O   1 
ATOM   829  C  CB  . SER A 1 102 ? -8.810  4.159   -11.388 1.00 29.55 ? 104 SER A CB  1 
ATOM   830  O  OG  . SER A 1 102 ? -9.097  2.829   -11.802 1.00 31.86 ? 104 SER A OG  1 
ATOM   831  N  N   . SER A 1 103 ? -7.283  2.065   -9.494  1.00 22.52 ? 105 SER A N   1 
ATOM   832  C  CA  . SER A 1 103 ? -7.290  1.178   -8.296  1.00 22.17 ? 105 SER A CA  1 
ATOM   833  C  C   . SER A 1 103 ? -6.281  1.526   -7.201  1.00 21.93 ? 105 SER A C   1 
ATOM   834  O  O   . SER A 1 103 ? -6.496  1.206   -6.012  1.00 21.99 ? 105 SER A O   1 
ATOM   835  C  CB  . SER A 1 103 ? -7.121  -0.281  -8.690  1.00 23.80 ? 105 SER A CB  1 
ATOM   836  O  OG  . SER A 1 103 ? -8.159  -0.641  -9.569  1.00 24.56 ? 105 SER A OG  1 
ATOM   837  N  N   . PHE A 1 104 ? -5.204  2.238   -7.527  1.00 20.60 ? 106 PHE A N   1 
ATOM   838  C  CA  . PHE A 1 104 ? -4.316  2.724   -6.477  1.00 20.41 ? 106 PHE A CA  1 
ATOM   839  C  C   . PHE A 1 104 ? -4.924  3.776   -5.596  1.00 18.75 ? 106 PHE A C   1 
ATOM   840  O  O   . PHE A 1 104 ? -4.437  3.961   -4.511  1.00 20.55 ? 106 PHE A O   1 
ATOM   841  C  CB  . PHE A 1 104 ? -2.952  3.155   -7.060  1.00 22.74 ? 106 PHE A CB  1 
ATOM   842  C  CG  . PHE A 1 104 ? -2.119  1.975   -7.440  1.00 24.17 ? 106 PHE A CG  1 
ATOM   843  C  CD1 . PHE A 1 104 ? -1.228  1.417   -6.545  1.00 26.48 ? 106 PHE A CD1 1 
ATOM   844  C  CD2 . PHE A 1 104 ? -2.317  1.348   -8.660  1.00 27.82 ? 106 PHE A CD2 1 
ATOM   845  C  CE1 . PHE A 1 104 ? -0.505  0.265   -6.886  1.00 29.47 ? 106 PHE A CE1 1 
ATOM   846  C  CE2 . PHE A 1 104 ? -1.617  0.213   -9.013  1.00 29.32 ? 106 PHE A CE2 1 
ATOM   847  C  CZ  . PHE A 1 104 ? -0.698  -0.331  -8.127  1.00 28.68 ? 106 PHE A CZ  1 
ATOM   848  N  N   . SER A 1 105 ? -6.004  4.446   -6.010  1.00 19.77 ? 107 SER A N   1 
ATOM   849  C  CA  . SER A 1 105 ? -6.743  5.341   -5.105  1.00 20.47 ? 107 SER A CA  1 
ATOM   850  C  C   . SER A 1 105 ? -7.451  4.518   -4.016  1.00 18.35 ? 107 SER A C   1 
ATOM   851  O  O   . SER A 1 105 ? -7.399  4.873   -2.866  1.00 18.56 ? 107 SER A O   1 
ATOM   852  C  CB  . SER A 1 105 ? -7.754  6.211   -5.827  1.00 23.36 ? 107 SER A CB  1 
ATOM   853  O  OG  . SER A 1 105 ? -8.800  5.454   -6.371  1.00 31.51 ? 107 SER A OG  1 
ATOM   854  N  N   . THR A 1 106 ? -8.019  3.373   -4.379  1.00 18.87 ? 108 THR A N   1 
ATOM   855  C  CA  . THR A 1 106 ? -8.638  2.476   -3.393  1.00 18.78 ? 108 THR A CA  1 
ATOM   856  C  C   . THR A 1 106 ? -7.606  1.867   -2.428  1.00 16.94 ? 108 THR A C   1 
ATOM   857  O  O   . THR A 1 106 ? -7.849  1.729   -1.230  1.00 17.28 ? 108 THR A O   1 
ATOM   858  C  CB  . THR A 1 106 ? -9.399  1.361   -4.089  1.00 21.93 ? 108 THR A CB  1 
ATOM   859  O  OG1 . THR A 1 106 ? -10.149 1.921   -5.175  1.00 25.25 ? 108 THR A OG1 1 
ATOM   860  C  CG2 . THR A 1 106 ? -10.376 0.713   -3.156  1.00 22.76 ? 108 THR A CG2 1 
ATOM   861  N  N   . VAL A 1 107 ? -6.403  1.583   -2.932  1.00 15.33 ? 109 VAL A N   1 
ATOM   862  C  CA  . VAL A 1 107 ? -5.343  1.155   -2.057  1.00 16.10 ? 109 VAL A CA  1 
ATOM   863  C  C   . VAL A 1 107 ? -5.002  2.220   -1.007  1.00 15.04 ? 109 VAL A C   1 
ATOM   864  O  O   . VAL A 1 107 ? -4.785  1.914   0.135   1.00 15.53 ? 109 VAL A O   1 
ATOM   865  C  CB  . VAL A 1 107 ? -4.081  0.771   -2.859  1.00 18.01 ? 109 VAL A CB  1 
ATOM   866  C  CG1 . VAL A 1 107 ? -2.915  0.470   -1.970  1.00 19.83 ? 109 VAL A CG1 1 
ATOM   867  C  CG2 . VAL A 1 107 ? -4.361  -0.405  -3.776  1.00 19.81 ? 109 VAL A CG2 1 
ATOM   868  N  N   . GLY A 1 108 ? -4.995  3.493   -1.426  1.00 15.40 ? 110 GLY A N   1 
ATOM   869  C  CA  . GLY A 1 108 ? -4.673  4.572   -0.536  1.00 15.48 ? 110 GLY A CA  1 
ATOM   870  C  C   . GLY A 1 108 ? -5.731  4.721   0.547   1.00 15.04 ? 110 GLY A C   1 
ATOM   871  O  O   . GLY A 1 108 ? -5.418  4.873   1.708   1.00 14.37 ? 110 GLY A O   1 
ATOM   872  N  N   . GLU A 1 109 ? -6.985  4.568   0.142   1.00 15.09 ? 111 GLU A N   1 
ATOM   873  C  CA  . GLU A 1 109 ? -8.064  4.631   1.154   1.00 16.24 ? 111 GLU A CA  1 
ATOM   874  C  C   . GLU A 1 109 ? -7.969  3.457   2.129   1.00 14.86 ? 111 GLU A C   1 
ATOM   875  O  O   . GLU A 1 109 ? -8.282  3.597   3.313   1.00 16.45 ? 111 GLU A O   1 
ATOM   876  C  CB  . GLU A 1 109 ? -9.445  4.701   0.532   1.00 17.72 ? 111 GLU A CB  1 
ATOM   877  C  CG  . GLU A 1 109 ? -9.681  5.914   -0.374  1.00 20.05 ? 111 GLU A CG  1 
ATOM   878  C  CD  . GLU A 1 109 ? -9.675  7.217   0.361   1.00 23.95 ? 111 GLU A CD  1 
ATOM   879  O  OE1 . GLU A 1 109 ? -9.752  7.268   1.608   1.00 27.89 ? 111 GLU A OE1 1 
ATOM   880  O  OE2 . GLU A 1 109 ? -9.591  8.252   -0.332  1.00 34.42 ? 111 GLU A OE2 1 
ATOM   881  N  N   . SER A 1 110 ? -7.543  2.291   1.646   1.00 13.38 ? 112 SER A N   1 
ATOM   882  C  CA  . SER A 1 110 ? -7.364  1.122   2.516   1.00 14.46 ? 112 SER A CA  1 
ATOM   883  C  C   . SER A 1 110 ? -6.201  1.285   3.487   1.00 14.56 ? 112 SER A C   1 
ATOM   884  O  O   . SER A 1 110 ? -6.268  0.856   4.628   1.00 15.65 ? 112 SER A O   1 
ATOM   885  C  CB  . SER A 1 110 ? -7.189  -0.137  1.675   1.00 16.80 ? 112 SER A CB  1 
ATOM   886  O  OG  . SER A 1 110 ? -8.274  -0.367  0.813   1.00 18.07 ? 112 SER A OG  1 
ATOM   887  N  N   . LEU A 1 111 ? -5.116  1.901   3.007   1.00 14.48 ? 113 LEU A N   1 
ATOM   888  C  CA  . LEU A 1 111 ? -4.004  2.270   3.858   1.00 16.61 ? 113 LEU A CA  1 
ATOM   889  C  C   . LEU A 1 111 ? -4.431  3.216   4.959   1.00 16.39 ? 113 LEU A C   1 
ATOM   890  O  O   . LEU A 1 111 ? -4.093  3.002   6.120   1.00 16.82 ? 113 LEU A O   1 
ATOM   891  C  CB  . LEU A 1 111 ? -2.917  2.917   2.992   1.00 17.06 ? 113 LEU A CB  1 
ATOM   892  C  CG  . LEU A 1 111 ? -1.685  3.431   3.731   1.00 19.82 ? 113 LEU A CG  1 
ATOM   893  C  CD1 . LEU A 1 111 ? -0.873  2.318   4.315   1.00 21.70 ? 113 LEU A CD1 1 
ATOM   894  C  CD2 . LEU A 1 111 ? -0.888  4.253   2.744   1.00 23.61 ? 113 LEU A CD2 1 
ATOM   895  N  N   . LEU A 1 112 ? -5.210  4.249   4.615   1.00 15.62 ? 114 LEU A N   1 
ATOM   896  C  CA  . LEU A 1 112 ? -5.698  5.193   5.600   1.00 16.10 ? 114 LEU A CA  1 
ATOM   897  C  C   . LEU A 1 112 ? -6.641  4.529   6.597   1.00 15.48 ? 114 LEU A C   1 
ATOM   898  O  O   . LEU A 1 112 ? -6.637  4.828   7.784   1.00 17.37 ? 114 LEU A O   1 
ATOM   899  C  CB  . LEU A 1 112 ? -6.369  6.379   4.926   1.00 18.81 ? 114 LEU A CB  1 
ATOM   900  C  CG  . LEU A 1 112 ? -5.464  7.296   4.105   1.00 20.96 ? 114 LEU A CG  1 
ATOM   901  C  CD1 . LEU A 1 112 ? -6.323  8.362   3.479   1.00 23.66 ? 114 LEU A CD1 1 
ATOM   902  C  CD2 . LEU A 1 112 ? -4.391  7.938   4.976   1.00 21.75 ? 114 LEU A CD2 1 
ATOM   903  N  N   . TYR A 1 113 ? -7.455  3.606   6.125   1.00 14.09 ? 115 TYR A N   1 
ATOM   904  C  CA  . TYR A 1 113 ? -8.316  2.815   7.035   1.00 15.30 ? 115 TYR A CA  1 
ATOM   905  C  C   . TYR A 1 113 ? -7.475  2.022   8.031   1.00 14.15 ? 115 TYR A C   1 
ATOM   906  O  O   . TYR A 1 113 ? -7.736  2.018   9.227   1.00 15.81 ? 115 TYR A O   1 
ATOM   907  C  CB  . TYR A 1 113 ? -9.188  1.857   6.211   1.00 13.95 ? 115 TYR A CB  1 
ATOM   908  C  CG  . TYR A 1 113 ? -9.956  0.821   6.984   1.00 14.78 ? 115 TYR A CG  1 
ATOM   909  C  CD1 . TYR A 1 113 ? -11.193 1.081   7.529   1.00 16.47 ? 115 TYR A CD1 1 
ATOM   910  C  CD2 . TYR A 1 113 ? -9.373  -0.423  7.248   1.00 15.54 ? 115 TYR A CD2 1 
ATOM   911  C  CE1 . TYR A 1 113 ? -11.861 0.100   8.271   1.00 15.98 ? 115 TYR A CE1 1 
ATOM   912  C  CE2 . TYR A 1 113 ? -10.011 -1.386  7.966   1.00 17.42 ? 115 TYR A CE2 1 
ATOM   913  C  CZ  . TYR A 1 113 ? -11.239 -1.120  8.497   1.00 17.32 ? 115 TYR A CZ  1 
ATOM   914  O  OH  . TYR A 1 113 ? -11.828 -2.141  9.243   1.00 20.38 ? 115 TYR A OH  1 
ATOM   915  N  N   . MET A 1 114 ? -6.464  1.329   7.553   1.00 13.90 ? 116 MET A N   1 
ATOM   916  C  CA  . MET A 1 114 ? -5.617  0.522   8.400   1.00 15.13 ? 116 MET A CA  1 
ATOM   917  C  C   . MET A 1 114 ? -4.923  1.389   9.455   1.00 16.71 ? 116 MET A C   1 
ATOM   918  O  O   . MET A 1 114 ? -4.838  0.979   10.623  1.00 18.03 ? 116 MET A O   1 
ATOM   919  C  CB  . MET A 1 114 ? -4.570  -0.192  7.532   1.00 17.15 ? 116 MET A CB  1 
ATOM   920  C  CG  A MET A 1 114 ? -3.659  -1.107  8.323   0.50 17.93 ? 116 MET A CG  1 
ATOM   921  C  CG  B MET A 1 114 ? -3.462  -1.010  8.237   0.50 17.95 ? 116 MET A CG  1 
ATOM   922  S  SD  A MET A 1 114 ? -2.224  -0.218  8.895   0.50 19.24 ? 116 MET A SD  1 
ATOM   923  S  SD  B MET A 1 114 ? -1.914  -1.165  7.279   0.50 19.33 ? 116 MET A SD  1 
ATOM   924  C  CE  A MET A 1 114 ? -1.139  -0.450  7.492   0.50 20.80 ? 116 MET A CE  1 
ATOM   925  C  CE  B MET A 1 114 ? -1.198  0.458   7.484   0.50 21.08 ? 116 MET A CE  1 
ATOM   926  N  N   . LEU A 1 115 ? -4.480  2.579   9.059   1.00 16.66 ? 117 LEU A N   1 
ATOM   927  C  CA  . LEU A 1 115 ? -3.821  3.490   10.050  1.00 18.03 ? 117 LEU A CA  1 
ATOM   928  C  C   . LEU A 1 115 ? -4.828  4.022   11.061  1.00 17.71 ? 117 LEU A C   1 
ATOM   929  O  O   . LEU A 1 115 ? -4.553  4.048   12.274  1.00 18.66 ? 117 LEU A O   1 
ATOM   930  C  CB  . LEU A 1 115 ? -3.140  4.661   9.358   1.00 19.06 ? 117 LEU A CB  1 
ATOM   931  C  CG  . LEU A 1 115 ? -1.980  4.269   8.449   1.00 21.04 ? 117 LEU A CG  1 
ATOM   932  C  CD1 . LEU A 1 115 ? -1.692  5.365   7.405   1.00 23.36 ? 117 LEU A CD1 1 
ATOM   933  C  CD2 . LEU A 1 115 ? -0.763  3.917   9.271   1.00 22.88 ? 117 LEU A CD2 1 
ATOM   934  N  N   . GLU A 1 116 ? -6.021  4.386   10.602  1.00 16.64 ? 118 GLU A N   1 
ATOM   935  C  CA  . GLU A 1 116 ? -7.075  4.882   11.527  1.00 17.89 ? 118 GLU A CA  1 
ATOM   936  C  C   . GLU A 1 116 ? -7.417  3.839   12.586  1.00 18.61 ? 118 GLU A C   1 
ATOM   937  O  O   . GLU A 1 116 ? -7.523  4.136   13.794  1.00 19.02 ? 118 GLU A O   1 
ATOM   938  C  CB  . GLU A 1 116 ? -8.321  5.286   10.757  1.00 20.24 ? 118 GLU A CB  1 
ATOM   939  C  CG  . GLU A 1 116 ? -9.443  5.771   11.651  1.00 23.60 ? 118 GLU A CG  1 
ATOM   940  C  CD  . GLU A 1 116 ? -10.733 6.116   10.938  1.00 26.54 ? 118 GLU A CD  1 
ATOM   941  O  OE1 . GLU A 1 116 ? -10.776 6.197   9.695   1.00 26.88 ? 118 GLU A OE1 1 
ATOM   942  O  OE2 . GLU A 1 116 ? -11.740 6.297   11.673  1.00 33.07 ? 118 GLU A OE2 1 
ATOM   943  N  N   . LYS A 1 117 ? -7.601  2.594   12.149  1.00 17.85 ? 119 LYS A N   1 
ATOM   944  C  CA  . LYS A 1 117 ? -7.979  1.519   13.071  1.00 19.41 ? 119 LYS A CA  1 
ATOM   945  C  C   . LYS A 1 117 ? -6.844  1.108   13.998  1.00 20.08 ? 119 LYS A C   1 
ATOM   946  O  O   . LYS A 1 117 ? -7.091  0.774   15.171  1.00 23.17 ? 119 LYS A O   1 
ATOM   947  C  CB  . LYS A 1 117 ? -8.483  0.285   12.294  1.00 20.97 ? 119 LYS A CB  1 
ATOM   948  C  CG  . LYS A 1 117 ? -9.779  0.534   11.547  1.00 23.92 ? 119 LYS A CG  1 
ATOM   949  C  CD  . LYS A 1 117 ? -10.921 0.826   12.502  1.00 28.84 ? 119 LYS A CD  1 
ATOM   950  C  CE  . LYS A 1 117 ? -12.077 1.480   11.801  1.00 34.44 ? 119 LYS A CE  1 
ATOM   951  N  NZ  . LYS A 1 117 ? -13.080 1.935   12.803  1.00 37.77 ? 119 LYS A NZ  1 
ATOM   952  N  N   . SER A 1 118 ? -5.613  1.177   13.516  1.00 21.34 ? 120 SER A N   1 
ATOM   953  C  CA  . SER A 1 118 ? -4.458  0.864   14.372  1.00 24.71 ? 120 SER A CA  1 
ATOM   954  C  C   . SER A 1 118 ? -4.108  1.943   15.399  1.00 26.96 ? 120 SER A C   1 
ATOM   955  O  O   . SER A 1 118 ? -3.702  1.610   16.524  1.00 29.56 ? 120 SER A O   1 
ATOM   956  C  CB  . SER A 1 118 ? -3.226  0.586   13.523  1.00 25.58 ? 120 SER A CB  1 
ATOM   957  O  OG  . SER A 1 118 ? -2.128  0.177   14.341  1.00 30.50 ? 120 SER A OG  1 
ATOM   958  N  N   . LEU A 1 119 ? -4.213  3.207   15.007  1.00 25.84 ? 121 LEU A N   1 
ATOM   959  C  CA  . LEU A 1 119 ? -3.762  4.319   15.836  1.00 30.15 ? 121 LEU A CA  1 
ATOM   960  C  C   . LEU A 1 119 ? -4.868  4.879   16.706  1.00 30.53 ? 121 LEU A C   1 
ATOM   961  O  O   . LEU A 1 119 ? -4.586  5.444   17.772  1.00 29.61 ? 121 LEU A O   1 
ATOM   962  C  CB  . LEU A 1 119 ? -3.164  5.394   14.944  1.00 32.90 ? 121 LEU A CB  1 
ATOM   963  C  CG  . LEU A 1 119 ? -1.943  4.923   14.139  1.00 36.30 ? 121 LEU A CG  1 
ATOM   964  C  CD1 . LEU A 1 119 ? -1.699  5.829   12.945  1.00 39.39 ? 121 LEU A CD1 1 
ATOM   965  C  CD2 . LEU A 1 119 ? -0.709  4.820   15.013  1.00 38.61 ? 121 LEU A CD2 1 
ATOM   966  N  N   . GLY A 1 120 ? -6.118  4.711   16.281  1.00 29.69 ? 122 GLY A N   1 
ATOM   967  C  CA  . GLY A 1 120 ? -7.265  5.178   17.033  1.00 35.04 ? 122 GLY A CA  1 
ATOM   968  C  C   . GLY A 1 120 ? -7.148  6.657   17.338  1.00 35.89 ? 122 GLY A C   1 
ATOM   969  O  O   . GLY A 1 120 ? -6.788  7.441   16.452  1.00 33.11 ? 122 GLY A O   1 
ATOM   970  N  N   . PRO A 1 121 ? -7.470  7.051   18.590  1.00 44.32 ? 123 PRO A N   1 
ATOM   971  C  CA  . PRO A 1 121 ? -6.949  8.316   19.080  1.00 50.68 ? 123 PRO A CA  1 
ATOM   972  C  C   . PRO A 1 121 ? -5.424  8.282   18.985  1.00 49.63 ? 123 PRO A C   1 
ATOM   973  O  O   . PRO A 1 121 ? -4.793  7.481   19.674  1.00 61.66 ? 123 PRO A O   1 
ATOM   974  C  CB  . PRO A 1 121 ? -7.410  8.353   20.556  1.00 51.04 ? 123 PRO A CB  1 
ATOM   975  C  CG  . PRO A 1 121 ? -7.930  6.974   20.856  1.00 51.09 ? 123 PRO A CG  1 
ATOM   976  C  CD  . PRO A 1 121 ? -8.430  6.464   19.540  1.00 48.03 ? 123 PRO A CD  1 
ATOM   977  N  N   . ASP A 1 122 ? -4.887  9.139   18.125  1.00 44.39 ? 124 ASP A N   1 
ATOM   978  C  CA  . ASP A 1 122 ? -3.472  9.225   17.686  1.00 41.54 ? 124 ASP A CA  1 
ATOM   979  C  C   . ASP A 1 122 ? -3.447  9.411   16.163  1.00 38.88 ? 124 ASP A C   1 
ATOM   980  O  O   . ASP A 1 122 ? -2.489  9.974   15.637  1.00 40.03 ? 124 ASP A O   1 
ATOM   981  C  CB  . ASP A 1 122 ? -2.543  8.053   18.081  1.00 43.35 ? 124 ASP A CB  1 
ATOM   982  C  CG  . ASP A 1 122 ? -2.038  8.131   19.535  1.00 47.07 ? 124 ASP A CG  1 
ATOM   983  O  OD1 . ASP A 1 122 ? -2.421  9.055   20.289  1.00 47.79 ? 124 ASP A OD1 1 
ATOM   984  O  OD2 . ASP A 1 122 ? -1.261  7.230   19.924  1.00 50.72 ? 124 ASP A OD2 1 
ATOM   985  N  N   . PHE A 1 123 ? -4.479  8.932   15.454  1.00 34.71 ? 125 PHE A N   1 
ATOM   986  C  CA  . PHE A 1 123 ? -4.617  9.231   14.031  1.00 31.12 ? 125 PHE A CA  1 
ATOM   987  C  C   . PHE A 1 123 ? -5.353  10.566  13.855  1.00 33.21 ? 125 PHE A C   1 
ATOM   988  O  O   . PHE A 1 123 ? -6.559  10.620  13.642  1.00 36.53 ? 125 PHE A O   1 
ATOM   989  C  CB  . PHE A 1 123 ? -5.289  8.059   13.288  1.00 29.03 ? 125 PHE A CB  1 
ATOM   990  C  CG  A PHE A 1 123 ? -5.527  8.272   11.813  0.50 26.12 ? 125 PHE A CG  1 
ATOM   991  C  CG  B PHE A 1 123 ? -5.049  8.100   11.794  0.50 27.11 ? 125 PHE A CG  1 
ATOM   992  C  CD1 A PHE A 1 123 ? -4.573  7.950   10.882  0.50 25.00 ? 125 PHE A CD1 1 
ATOM   993  C  CD1 B PHE A 1 123 ? -3.744  8.071   11.305  0.50 27.85 ? 125 PHE A CD1 1 
ATOM   994  C  CD2 A PHE A 1 123 ? -6.774  8.721   11.358  0.50 25.00 ? 125 PHE A CD2 1 
ATOM   995  C  CD2 B PHE A 1 123 ? -6.085  8.179   10.888  0.50 27.09 ? 125 PHE A CD2 1 
ATOM   996  C  CE1 A PHE A 1 123 ? -4.819  8.120   9.537   0.50 24.46 ? 125 PHE A CE1 1 
ATOM   997  C  CE1 B PHE A 1 123 ? -3.484  8.112   9.949   0.50 26.80 ? 125 PHE A CE1 1 
ATOM   998  C  CE2 A PHE A 1 123 ? -7.022  8.895   10.013  0.50 24.55 ? 125 PHE A CE2 1 
ATOM   999  C  CE2 B PHE A 1 123 ? -5.833  8.206   9.531   0.50 26.82 ? 125 PHE A CE2 1 
ATOM   1000 C  CZ  A PHE A 1 123 ? -6.043  8.592   9.100   0.50 24.83 ? 125 PHE A CZ  1 
ATOM   1001 C  CZ  B PHE A 1 123 ? -4.532  8.174   9.060   0.50 26.97 ? 125 PHE A CZ  1 
ATOM   1002 N  N   . THR A 1 124 ? -4.587  11.648  13.953  1.00 33.47 ? 126 THR A N   1 
ATOM   1003 C  CA  . THR A 1 124 ? -5.130  13.001  13.948  1.00 34.85 ? 126 THR A CA  1 
ATOM   1004 C  C   . THR A 1 124 ? -5.369  13.480  12.514  1.00 35.26 ? 126 THR A C   1 
ATOM   1005 O  O   . THR A 1 124 ? -4.805  12.908  11.574  1.00 33.73 ? 126 THR A O   1 
ATOM   1006 C  CB  . THR A 1 124 ? -4.163  13.953  14.660  1.00 34.87 ? 126 THR A CB  1 
ATOM   1007 O  OG1 . THR A 1 124 ? -2.923  13.992  13.958  1.00 35.70 ? 126 THR A OG1 1 
ATOM   1008 C  CG2 . THR A 1 124 ? -3.913  13.484  16.069  1.00 37.59 ? 126 THR A CG2 1 
ATOM   1009 N  N   . PRO A 1 125 ? -6.186  14.538  12.326  1.00 32.82 ? 127 PRO A N   1 
ATOM   1010 C  CA  . PRO A 1 125 ? -6.322  15.008  10.943  1.00 33.21 ? 127 PRO A CA  1 
ATOM   1011 C  C   . PRO A 1 125 ? -4.986  15.412  10.284  1.00 31.05 ? 127 PRO A C   1 
ATOM   1012 O  O   . PRO A 1 125 ? -4.858  15.268  9.076   1.00 33.01 ? 127 PRO A O   1 
ATOM   1013 C  CB  . PRO A 1 125 ? -7.303  16.184  11.080  1.00 36.18 ? 127 PRO A CB  1 
ATOM   1014 C  CG  . PRO A 1 125 ? -8.182  15.757  12.211  1.00 33.89 ? 127 PRO A CG  1 
ATOM   1015 C  CD  . PRO A 1 125 ? -7.258  15.082  13.190  1.00 34.72 ? 127 PRO A CD  1 
ATOM   1016 N  N   . ALA A 1 126 ? -4.002  15.869  11.067  1.00 34.06 ? 128 ALA A N   1 
ATOM   1017 C  CA  . ALA A 1 126 ? -2.674  16.204  10.553  1.00 32.35 ? 128 ALA A CA  1 
ATOM   1018 C  C   . ALA A 1 126 ? -1.939  14.953  10.083  1.00 31.20 ? 128 ALA A C   1 
ATOM   1019 O  O   . ALA A 1 126 ? -1.241  14.986  9.087   1.00 31.32 ? 128 ALA A O   1 
ATOM   1020 C  CB  . ALA A 1 126 ? -1.834  16.910  11.603  1.00 34.17 ? 128 ALA A CB  1 
ATOM   1021 N  N   . THR A 1 127 ? -2.121  13.865  10.811  1.00 30.79 ? 129 THR A N   1 
ATOM   1022 C  CA  . THR A 1 127 ? -1.468  12.597  10.499  1.00 31.78 ? 129 THR A CA  1 
ATOM   1023 C  C   . THR A 1 127 ? -2.043  12.020  9.220   1.00 28.93 ? 129 THR A C   1 
ATOM   1024 O  O   . THR A 1 127 ? -1.305  11.533  8.369   1.00 27.84 ? 129 THR A O   1 
ATOM   1025 C  CB  . THR A 1 127 ? -1.607  11.613  11.666  1.00 33.23 ? 129 THR A CB  1 
ATOM   1026 O  OG1 . THR A 1 127 ? -1.028  12.203  12.838  1.00 35.07 ? 129 THR A OG1 1 
ATOM   1027 C  CG2 . THR A 1 127 ? -0.870  10.301  11.366  1.00 32.99 ? 129 THR A CG2 1 
ATOM   1028 N  N   . ARG A 1 128 ? -3.354  12.114  9.078   1.00 27.49 ? 130 ARG A N   1 
ATOM   1029 C  CA  . ARG A 1 128 ? -4.052  11.729  7.867   1.00 27.09 ? 130 ARG A CA  1 
ATOM   1030 C  C   . ARG A 1 128 ? -3.542  12.507  6.661   1.00 27.69 ? 130 ARG A C   1 
ATOM   1031 O  O   . ARG A 1 128 ? -3.231  11.924  5.608   1.00 25.83 ? 130 ARG A O   1 
ATOM   1032 C  CB  . ARG A 1 128 ? -5.572  11.903  8.034   1.00 29.50 ? 130 ARG A CB  1 
ATOM   1033 C  CG  . ARG A 1 128 ? -6.401  11.310  6.914   0.50 30.16 ? 130 ARG A CG  1 
ATOM   1034 C  CD  . ARG A 1 128 ? -7.876  11.652  7.020   0.50 32.88 ? 130 ARG A CD  1 
ATOM   1035 N  NE  . ARG A 1 128 ? -8.471  11.548  5.700   0.50 36.34 ? 130 ARG A NE  1 
ATOM   1036 C  CZ  . ARG A 1 128 ? -8.896  10.414  5.158   0.50 38.36 ? 130 ARG A CZ  1 
ATOM   1037 N  NH1 . ARG A 1 128 ? -8.844  9.273   5.841   0.50 40.18 ? 130 ARG A NH1 1 
ATOM   1038 N  NH2 . ARG A 1 128 ? -9.383  10.431  3.928   0.50 40.77 ? 130 ARG A NH2 1 
ATOM   1039 N  N   . THR A 1 129 ? -3.447  13.838  6.820   1.00 26.31 ? 131 THR A N   1 
ATOM   1040 C  CA  . THR A 1 129 ? -3.017  14.684  5.743   1.00 28.01 ? 131 THR A CA  1 
ATOM   1041 C  C   . THR A 1 129 ? -1.582  14.342  5.313   1.00 22.95 ? 131 THR A C   1 
ATOM   1042 O  O   . THR A 1 129 ? -1.322  14.271  4.119   1.00 25.78 ? 131 THR A O   1 
ATOM   1043 C  CB  . THR A 1 129 ? -3.195  16.189  6.122   1.00 29.86 ? 131 THR A CB  1 
ATOM   1044 O  OG1 . THR A 1 129 ? -4.592  16.472  6.204   1.00 32.75 ? 131 THR A OG1 1 
ATOM   1045 C  CG2 . THR A 1 129 ? -2.561  17.105  5.077   1.00 32.41 ? 131 THR A CG2 1 
ATOM   1046 N  N   . ALA A 1 130 ? -0.676  14.121  6.273   1.00 24.26 ? 132 ALA A N   1 
ATOM   1047 C  CA  . ALA A 1 130 ? 0.705   13.721  5.980   1.00 23.29 ? 132 ALA A CA  1 
ATOM   1048 C  C   . ALA A 1 130 ? 0.785   12.412  5.185   1.00 22.46 ? 132 ALA A C   1 
ATOM   1049 O  O   . ALA A 1 130 ? 1.489   12.320  4.189   1.00 22.91 ? 132 ALA A O   1 
ATOM   1050 C  CB  . ALA A 1 130 ? 1.498   13.587  7.245   1.00 24.38 ? 132 ALA A CB  1 
ATOM   1051 N  N   . TRP A 1 131 ? 0.027   11.420  5.635   1.00 24.12 ? 133 TRP A N   1 
ATOM   1052 C  CA  . TRP A 1 131 ? 0.011   10.133  4.926   1.00 21.00 ? 133 TRP A CA  1 
ATOM   1053 C  C   . TRP A 1 131 ? -0.596  10.227  3.550   1.00 22.34 ? 133 TRP A C   1 
ATOM   1054 O  O   . TRP A 1 131 ? -0.136  9.550   2.622   1.00 21.96 ? 133 TRP A O   1 
ATOM   1055 C  CB  . TRP A 1 131 ? -0.700  9.047   5.762   1.00 20.31 ? 133 TRP A CB  1 
ATOM   1056 C  CG  . TRP A 1 131 ? 0.213   8.404   6.773   1.00 19.53 ? 133 TRP A CG  1 
ATOM   1057 C  CD1 . TRP A 1 131 ? 0.283   8.653   8.090   1.00 21.25 ? 133 TRP A CD1 1 
ATOM   1058 C  CD2 . TRP A 1 131 ? 1.156   7.376   6.511   1.00 20.33 ? 133 TRP A CD2 1 
ATOM   1059 N  NE1 . TRP A 1 131 ? 1.196   7.836   8.690   1.00 23.13 ? 133 TRP A NE1 1 
ATOM   1060 C  CE2 . TRP A 1 131 ? 1.781   7.064   7.723   1.00 21.09 ? 133 TRP A CE2 1 
ATOM   1061 C  CE3 . TRP A 1 131 ? 1.543   6.689   5.351   1.00 22.10 ? 133 TRP A CE3 1 
ATOM   1062 C  CZ2 . TRP A 1 131 ? 2.765   6.082   7.812   1.00 23.65 ? 133 TRP A CZ2 1 
ATOM   1063 C  CZ3 . TRP A 1 131 ? 2.501   5.716   5.440   1.00 23.50 ? 133 TRP A CZ3 1 
ATOM   1064 C  CH2 . TRP A 1 131 ? 3.110   5.419   6.657   1.00 22.75 ? 133 TRP A CH2 1 
ATOM   1065 N  N   . SER A 1 132 ? -1.639  11.037  3.368   1.00 22.14 ? 134 SER A N   1 
ATOM   1066 C  CA  . SER A 1 132 ? -2.202  11.262  2.058   1.00 24.25 ? 134 SER A CA  1 
ATOM   1067 C  C   . SER A 1 132 ? -1.187  11.851  1.086   1.00 24.76 ? 134 SER A C   1 
ATOM   1068 O  O   . SER A 1 132 ? -1.147  11.466  -0.082  1.00 25.37 ? 134 SER A O   1 
ATOM   1069 C  CB  . SER A 1 132 ? -3.428  12.192  2.133   1.00 27.86 ? 134 SER A CB  1 
ATOM   1070 O  OG  . SER A 1 132 ? -4.460  11.601  2.883   1.00 34.93 ? 134 SER A OG  1 
ATOM   1071 N  N   . ARG A 1 133 ? -0.386  12.798  1.587   1.00 27.19 ? 135 ARG A N   1 
ATOM   1072 C  CA  . ARG A 1 133 ? 0.691   13.420  0.790   1.00 29.92 ? 135 ARG A CA  1 
ATOM   1073 C  C   . ARG A 1 133 ? 1.793   12.443  0.422   1.00 26.77 ? 135 ARG A C   1 
ATOM   1074 O  O   . ARG A 1 133 ? 2.248   12.432  -0.723  1.00 28.17 ? 135 ARG A O   1 
ATOM   1075 C  CB  . ARG A 1 133 ? 1.333   14.611  1.528   1.00 35.63 ? 135 ARG A CB  1 
ATOM   1076 C  CG  A ARG A 1 133 ? 0.434   15.838  1.656   0.50 38.62 ? 135 ARG A CG  1 
ATOM   1077 C  CG  B ARG A 1 133 ? 0.463   15.850  1.627   0.50 38.62 ? 135 ARG A CG  1 
ATOM   1078 C  CD  A ARG A 1 133 ? 1.224   17.147  1.639   0.50 40.52 ? 135 ARG A CD  1 
ATOM   1079 C  CD  B ARG A 1 133 ? 1.024   16.880  2.610   0.50 40.47 ? 135 ARG A CD  1 
ATOM   1080 N  NE  A ARG A 1 133 ? 0.652   18.169  2.512   0.50 43.48 ? 135 ARG A NE  1 
ATOM   1081 N  NE  B ARG A 1 133 ? 2.488   16.983  2.615   0.50 42.91 ? 135 ARG A NE  1 
ATOM   1082 C  CZ  A ARG A 1 133 ? -0.516  18.770  2.309   0.50 44.14 ? 135 ARG A CZ  1 
ATOM   1083 C  CZ  B ARG A 1 133 ? 3.209   17.508  1.628   0.50 44.65 ? 135 ARG A CZ  1 
ATOM   1084 N  NH1 A ARG A 1 133 ? -1.261  18.449  1.262   0.50 46.33 ? 135 ARG A NH1 1 
ATOM   1085 N  NH1 B ARG A 1 133 ? 2.617   17.959  0.535   0.50 45.17 ? 135 ARG A NH1 1 
ATOM   1086 N  NH2 A ARG A 1 133 ? -0.940  19.692  3.161   0.50 44.32 ? 135 ARG A NH2 1 
ATOM   1087 N  NH2 B ARG A 1 133 ? 4.531   17.562  1.730   0.50 44.89 ? 135 ARG A NH2 1 
ATOM   1088 N  N   . LEU A 1 134 ? 2.224   11.634  1.390   1.00 24.71 ? 136 LEU A N   1 
ATOM   1089 C  CA  . LEU A 1 134 ? 3.267   10.646  1.143   1.00 23.61 ? 136 LEU A CA  1 
ATOM   1090 C  C   . LEU A 1 134 ? 2.772   9.612   0.150   1.00 23.47 ? 136 LEU A C   1 
ATOM   1091 O  O   . LEU A 1 134 ? 3.403   9.343   -0.843  1.00 20.50 ? 136 LEU A O   1 
ATOM   1092 C  CB  . LEU A 1 134 ? 3.709   9.957   2.419   1.00 25.57 ? 136 LEU A CB  1 
ATOM   1093 C  CG  . LEU A 1 134 ? 4.736   8.819   2.219   1.00 27.13 ? 136 LEU A CG  1 
ATOM   1094 C  CD1 . LEU A 1 134 ? 5.963   9.305   1.454   1.00 29.18 ? 136 LEU A CD1 1 
ATOM   1095 C  CD2 . LEU A 1 134 ? 5.121   8.220   3.546   1.00 30.82 ? 136 LEU A CD2 1 
ATOM   1096 N  N   . TYR A 1 135 ? 1.593   9.051   0.395   1.00 22.48 ? 137 TYR A N   1 
ATOM   1097 C  CA  . TYR A 1 135 ? 1.034   8.083   -0.537  1.00 22.32 ? 137 TYR A CA  1 
ATOM   1098 C  C   . TYR A 1 135 ? 0.815   8.653   -1.927  1.00 21.78 ? 137 TYR A C   1 
ATOM   1099 O  O   . TYR A 1 135 ? 1.114   8.008   -2.922  1.00 23.38 ? 137 TYR A O   1 
ATOM   1100 C  CB  . TYR A 1 135 ? -0.265  7.476   0.033   1.00 20.81 ? 137 TYR A CB  1 
ATOM   1101 C  CG  . TYR A 1 135 ? -0.787  6.377   -0.887  1.00 20.00 ? 137 TYR A CG  1 
ATOM   1102 C  CD1 . TYR A 1 135 ? -0.174  5.133   -0.918  1.00 21.20 ? 137 TYR A CD1 1 
ATOM   1103 C  CD2 . TYR A 1 135 ? -1.811  6.610   -1.750  1.00 20.68 ? 137 TYR A CD2 1 
ATOM   1104 C  CE1 . TYR A 1 135 ? -0.620  4.148   -1.790  1.00 19.65 ? 137 TYR A CE1 1 
ATOM   1105 C  CE2 . TYR A 1 135 ? -2.250  5.642   -2.631  1.00 20.15 ? 137 TYR A CE2 1 
ATOM   1106 C  CZ  . TYR A 1 135 ? -1.646  4.404   -2.636  1.00 19.91 ? 137 TYR A CZ  1 
ATOM   1107 O  OH  . TYR A 1 135 ? -2.010  3.397   -3.517  1.00 21.72 ? 137 TYR A OH  1 
ATOM   1108 N  N   . GLY A 1 136 ? 0.347   9.897   -2.015  1.00 21.63 ? 138 GLY A N   1 
ATOM   1109 C  CA  . GLY A 1 136 ? 0.182   10.565  -3.286  1.00 24.06 ? 138 GLY A CA  1 
ATOM   1110 C  C   . GLY A 1 136 ? 1.478   10.684  -4.093  1.00 23.41 ? 138 GLY A C   1 
ATOM   1111 O  O   . GLY A 1 136 ? 1.438   10.497  -5.321  1.00 23.58 ? 138 GLY A O   1 
ATOM   1112 N  N   . ALA A 1 137 ? 2.572   11.003  -3.399  1.00 25.80 ? 139 ALA A N   1 
ATOM   1113 C  CA  . ALA A 1 137 ? 3.896   11.103  -4.018  1.00 27.21 ? 139 ALA A CA  1 
ATOM   1114 C  C   . ALA A 1 137 ? 4.370   9.741   -4.514  1.00 27.11 ? 139 ALA A C   1 
ATOM   1115 O  O   . ALA A 1 137 ? 4.944   9.630   -5.601  1.00 27.60 ? 139 ALA A O   1 
ATOM   1116 C  CB  . ALA A 1 137 ? 4.894   11.673  -3.037  1.00 27.42 ? 139 ALA A CB  1 
ATOM   1117 N  N   . VAL A 1 138 ? 4.123   8.699   -3.731  1.00 25.05 ? 140 VAL A N   1 
ATOM   1118 C  CA  . VAL A 1 138 ? 4.464   7.334   -4.184  1.00 23.78 ? 140 VAL A CA  1 
ATOM   1119 C  C   . VAL A 1 138 ? 3.699   6.969   -5.465  1.00 23.95 ? 140 VAL A C   1 
ATOM   1120 O  O   . VAL A 1 138 ? 4.284   6.478   -6.447  1.00 23.50 ? 140 VAL A O   1 
ATOM   1121 C  CB  . VAL A 1 138 ? 4.260   6.289   -3.050  1.00 23.14 ? 140 VAL A CB  1 
ATOM   1122 C  CG1 . VAL A 1 138 ? 4.309   4.864   -3.593  1.00 23.15 ? 140 VAL A CG1 1 
ATOM   1123 C  CG2 . VAL A 1 138 ? 5.277   6.508   -1.924  1.00 25.88 ? 140 VAL A CG2 1 
ATOM   1124 N  N   . VAL A 1 139 ? 2.387   7.173   -5.476  1.00 22.17 ? 141 VAL A N   1 
ATOM   1125 C  CA  . VAL A 1 139 ? 1.585   6.890   -6.655  1.00 24.02 ? 141 VAL A CA  1 
ATOM   1126 C  C   . VAL A 1 139 ? 1.942   7.755   -7.877  1.00 24.52 ? 141 VAL A C   1 
ATOM   1127 O  O   . VAL A 1 139 ? 1.876   7.267   -9.001  1.00 22.58 ? 141 VAL A O   1 
ATOM   1128 C  CB  . VAL A 1 139 ? 0.083   6.955   -6.348  1.00 25.96 ? 141 VAL A CB  1 
ATOM   1129 C  CG1 . VAL A 1 139 ? -0.762  6.817   -7.616  1.00 28.28 ? 141 VAL A CG1 1 
ATOM   1130 C  CG2 . VAL A 1 139 ? -0.232  5.865   -5.338  1.00 28.49 ? 141 VAL A CG2 1 
ATOM   1131 N  N   . GLN A 1 140 ? 2.306   9.011   -7.650  1.00 25.48 ? 142 GLN A N   1 
ATOM   1132 C  CA  . GLN A 1 140 ? 2.726   9.888   -8.772  1.00 27.79 ? 142 GLN A CA  1 
ATOM   1133 C  C   . GLN A 1 140 ? 3.976   9.304   -9.455  1.00 24.86 ? 142 GLN A C   1 
ATOM   1134 O  O   . GLN A 1 140 ? 4.009   9.227   -10.682 1.00 27.07 ? 142 GLN A O   1 
ATOM   1135 C  CB  . GLN A 1 140 ? 2.995   11.311  -8.287  1.00 32.45 ? 142 GLN A CB  1 
ATOM   1136 C  CG  . GLN A 1 140 ? 3.339   12.297  -9.398  1.00 39.56 ? 142 GLN A CG  1 
ATOM   1137 C  CD  . GLN A 1 140 ? 3.662   13.687  -8.863  1.00 45.89 ? 142 GLN A CD  1 
ATOM   1138 O  OE1 . GLN A 1 140 ? 3.024   14.170  -7.919  1.00 51.17 ? 142 GLN A OE1 1 
ATOM   1139 N  NE2 . GLN A 1 140 ? 4.662   14.335  -9.464  1.00 50.44 ? 142 GLN A NE2 1 
ATOM   1140 N  N   . ALA A 1 141 ? 4.929   8.814   -8.663  1.00 24.74 ? 143 ALA A N   1 
ATOM   1141 C  CA  . ALA A 1 141 ? 6.109   8.118   -9.201  1.00 24.17 ? 143 ALA A CA  1 
ATOM   1142 C  C   . ALA A 1 141 ? 5.752   6.810   -9.935  1.00 25.60 ? 143 ALA A C   1 
ATOM   1143 O  O   . ALA A 1 141 ? 6.252   6.534   -11.017 1.00 25.56 ? 143 ALA A O   1 
ATOM   1144 C  CB  . ALA A 1 141 ? 7.138   7.877   -8.101  1.00 24.55 ? 143 ALA A CB  1 
ATOM   1145 N  N   . MET A 1 142 ? 4.852   6.010   -9.362  1.00 23.62 ? 144 MET A N   1 
ATOM   1146 C  CA  . MET A 1 142 ? 4.433   4.773   -10.006 1.00 24.25 ? 144 MET A CA  1 
ATOM   1147 C  C   . MET A 1 142 ? 3.678   5.004   -11.296 1.00 25.04 ? 144 MET A C   1 
ATOM   1148 O  O   . MET A 1 142 ? 3.774   4.199   -12.230 1.00 26.14 ? 144 MET A O   1 
ATOM   1149 C  CB  . MET A 1 142 ? 3.564   3.944   -9.049  1.00 24.67 ? 144 MET A CB  1 
ATOM   1150 C  CG  . MET A 1 142 ? 4.351   3.356   -7.909  1.00 24.05 ? 144 MET A CG  1 
ATOM   1151 S  SD  . MET A 1 142 ? 3.310   2.337   -6.791  1.00 27.16 ? 144 MET A SD  1 
ATOM   1152 C  CE  . MET A 1 142 ? 2.996   0.932   -7.814  1.00 29.40 ? 144 MET A CE  1 
ATOM   1153 N  N   . SER A 1 143 ? 2.905   6.085   -11.337 1.00 26.22 ? 145 SER A N   1 
ATOM   1154 C  CA  . SER A 1 143 ? 2.040   6.391   -12.441 1.00 27.54 ? 145 SER A CA  1 
ATOM   1155 C  C   . SER A 1 143 ? 2.819   6.552   -13.748 1.00 29.19 ? 145 SER A C   1 
ATOM   1156 O  O   . SER A 1 143 ? 2.282   6.268   -14.809 1.00 30.67 ? 145 SER A O   1 
ATOM   1157 C  CB  . SER A 1 143 ? 1.217   7.646   -12.150 1.00 30.55 ? 145 SER A CB  1 
ATOM   1158 O  OG  . SER A 1 143 ? 2.050   8.790   -12.149 1.00 34.86 ? 145 SER A OG  1 
ATOM   1159 N  N   . ARG A 1 144 ? 4.086   6.959   -13.642 1.00 29.74 ? 146 ARG A N   1 
ATOM   1160 C  CA  . ARG A 1 144 ? 4.984   7.069   -14.797 1.00 35.07 ? 146 ARG A CA  1 
ATOM   1161 C  C   . ARG A 1 144 ? 5.193   5.729   -15.498 1.00 34.34 ? 146 ARG A C   1 
ATOM   1162 O  O   . ARG A 1 144 ? 5.577   5.703   -16.669 1.00 38.12 ? 146 ARG A O   1 
ATOM   1163 C  CB  . ARG A 1 144 ? 6.328   7.664   -14.390 1.00 36.79 ? 146 ARG A CB  1 
ATOM   1164 C  CG  . ARG A 1 144 ? 6.224   9.023   -13.700 1.00 42.37 ? 146 ARG A CG  1 
ATOM   1165 C  CD  . ARG A 1 144 ? 7.586   9.576   -13.334 1.00 48.35 ? 146 ARG A CD  1 
ATOM   1166 N  NE  . ARG A 1 144 ? 8.186   10.293  -14.460 1.00 55.91 ? 146 ARG A NE  1 
ATOM   1167 C  CZ  . ARG A 1 144 ? 9.488   10.536  -14.626 1.00 60.76 ? 146 ARG A CZ  1 
ATOM   1168 N  NH1 . ARG A 1 144 ? 10.398  10.125  -13.736 1.00 63.13 ? 146 ARG A NH1 1 
ATOM   1169 N  NH2 . ARG A 1 144 ? 9.889   11.200  -15.710 1.00 62.85 ? 146 ARG A NH2 1 
ATOM   1170 N  N   . GLY A 1 145 ? 4.925   4.617   -14.803 1.00 34.14 ? 147 GLY A N   1 
ATOM   1171 C  CA  . GLY A 1 145 ? 4.973   3.288   -15.405 1.00 34.20 ? 147 GLY A CA  1 
ATOM   1172 C  C   . GLY A 1 145 ? 3.795   2.936   -16.295 1.00 37.72 ? 147 GLY A C   1 
ATOM   1173 O  O   . GLY A 1 145 ? 3.809   1.908   -16.972 1.00 39.60 ? 147 GLY A O   1 
ATOM   1174 N  N   . TRP A 1 146 ? 2.765   3.778   -16.293 1.00 39.61 ? 148 TRP A N   1 
ATOM   1175 C  CA  . TRP A 1 146 ? 1.624   3.615   -17.176 1.00 46.04 ? 148 TRP A CA  1 
ATOM   1176 C  C   . TRP A 1 146 ? 1.783   4.547   -18.402 1.00 53.33 ? 148 TRP A C   1 
ATOM   1177 O  O   . TRP A 1 146 ? 0.799   4.869   -19.069 1.00 58.00 ? 148 TRP A O   1 
ATOM   1178 C  CB  . TRP A 1 146 ? 0.323   3.880   -16.393 1.00 43.95 ? 148 TRP A CB  1 
ATOM   1179 C  CG  . TRP A 1 146 ? -0.183  2.716   -15.524 1.00 40.64 ? 148 TRP A CG  1 
ATOM   1180 C  CD1 . TRP A 1 146 ? -1.148  1.802   -15.868 1.00 39.16 ? 148 TRP A CD1 1 
ATOM   1181 C  CD2 . TRP A 1 146 ? 0.206   2.390   -14.183 1.00 37.90 ? 148 TRP A CD2 1 
ATOM   1182 N  NE1 . TRP A 1 146 ? -1.361  0.918   -14.837 1.00 40.57 ? 148 TRP A NE1 1 
ATOM   1183 C  CE2 . TRP A 1 146 ? -0.549  1.257   -13.788 1.00 38.04 ? 148 TRP A CE2 1 
ATOM   1184 C  CE3 . TRP A 1 146 ? 1.119   2.934   -13.277 1.00 35.99 ? 148 TRP A CE3 1 
ATOM   1185 C  CZ2 . TRP A 1 146 ? -0.426  0.678   -12.532 1.00 36.47 ? 148 TRP A CZ2 1 
ATOM   1186 C  CZ3 . TRP A 1 146 ? 1.251   2.343   -12.017 1.00 36.36 ? 148 TRP A CZ3 1 
ATOM   1187 C  CH2 . TRP A 1 146 ? 0.475   1.218   -11.664 1.00 36.19 ? 148 TRP A CH2 1 
ATOM   1188 N  N   . ASP A 1 147 ? 3.039   4.910   -18.709 1.00 62.53 ? 149 ASP A N   1 
ATOM   1189 C  CA  . ASP A 1 147 ? 3.426   5.913   -19.718 1.00 69.71 ? 149 ASP A CA  1 
ATOM   1190 C  C   . ASP A 1 147 ? 2.917   7.321   -19.383 1.00 72.44 ? 149 ASP A C   1 
ATOM   1191 O  O   . ASP A 1 147 ? 1.709   7.572   -19.373 1.00 75.74 ? 149 ASP A O   1 
ATOM   1192 C  CB  . ASP A 1 147 ? 3.027   5.487   -21.147 1.00 71.57 ? 149 ASP A CB  1 
ATOM   1193 C  CG  . ASP A 1 147 ? 3.842   4.299   -21.665 1.00 73.02 ? 149 ASP A CG  1 
ATOM   1194 O  OD1 . ASP A 1 147 ? 3.925   4.129   -22.900 1.00 76.86 ? 149 ASP A OD1 1 
ATOM   1195 O  OD2 . ASP A 1 147 ? 4.401   3.533   -20.853 1.00 74.02 ? 149 ASP A OD2 1 
ATOM   1196 N  N   . GLY A 1 148 ? 3.850   8.230   -19.098 1.00 72.96 ? 150 GLY A N   1 
ATOM   1197 C  CA  . GLY A 1 148 ? 3.524   9.622   -18.780 1.00 73.30 ? 150 GLY A CA  1 
ATOM   1198 C  C   . GLY A 1 148 ? 3.103   9.810   -17.335 1.00 71.03 ? 150 GLY A C   1 
ATOM   1199 O  O   . GLY A 1 148 ? 2.613   8.883   -16.689 1.00 67.31 ? 150 GLY A O   1 
HETATM 1200 C  CHA . HEM B 2 .   ? 4.263   -7.799  -7.347  1.00 16.03 ? 201 HEM A CHA 1 
HETATM 1201 C  CHB . HEM B 2 .   ? -0.553  -7.475  -7.553  1.00 17.81 ? 201 HEM A CHB 1 
HETATM 1202 C  CHC . HEM B 2 .   ? -0.339  -3.317  -5.057  1.00 17.38 ? 201 HEM A CHC 1 
HETATM 1203 C  CHD . HEM B 2 .   ? 4.332   -4.026  -4.269  1.00 16.73 ? 201 HEM A CHD 1 
HETATM 1204 C  C1A . HEM B 2 .   ? 2.924   -8.035  -7.636  1.00 17.54 ? 201 HEM A C1A 1 
HETATM 1205 C  C2A . HEM B 2 .   ? 2.465   -9.129  -8.359  1.00 17.53 ? 201 HEM A C2A 1 
HETATM 1206 C  C3A . HEM B 2 .   ? 1.102   -9.067  -8.430  1.00 18.78 ? 201 HEM A C3A 1 
HETATM 1207 C  C4A . HEM B 2 .   ? 0.736   -7.912  -7.713  1.00 16.92 ? 201 HEM A C4A 1 
HETATM 1208 C  CMA . HEM B 2 .   ? 0.183   -10.041 -9.113  1.00 20.81 ? 201 HEM A CMA 1 
HETATM 1209 C  CAA . HEM B 2 .   ? 3.306   -10.236 -8.955  1.00 20.00 ? 201 HEM A CAA 1 
HETATM 1210 C  CBA . HEM B 2 .   ? 3.371   -11.474 -8.056  1.00 18.59 ? 201 HEM A CBA 1 
HETATM 1211 C  CGA . HEM B 2 .   ? 3.993   -11.245 -6.711  1.00 21.60 ? 201 HEM A CGA 1 
HETATM 1212 O  O1A . HEM B 2 .   ? 5.220   -10.878 -6.651  1.00 22.66 ? 201 HEM A O1A 1 
HETATM 1213 O  O2A . HEM B 2 .   ? 3.335   -11.435 -5.663  1.00 20.59 ? 201 HEM A O2A 1 
HETATM 1214 C  C1B . HEM B 2 .   ? -0.896  -6.310  -6.902  1.00 17.40 ? 201 HEM A C1B 1 
HETATM 1215 C  C2B . HEM B 2 .   ? -2.217  -5.788  -6.867  1.00 18.56 ? 201 HEM A C2B 1 
HETATM 1216 C  C3B . HEM B 2 .   ? -2.179  -4.597  -6.174  1.00 18.74 ? 201 HEM A C3B 1 
HETATM 1217 C  C4B . HEM B 2 .   ? -0.796  -4.389  -5.765  1.00 18.11 ? 201 HEM A C4B 1 
HETATM 1218 C  CMB . HEM B 2 .   ? -3.432  -6.403  -7.511  1.00 21.54 ? 201 HEM A CMB 1 
HETATM 1219 C  CAB . HEM B 2 .   ? -3.272  -3.610  -5.841  1.00 22.36 ? 201 HEM A CAB 1 
HETATM 1220 C  CBB . HEM B 2 .   ? -4.494  -3.589  -6.296  1.00 31.81 ? 201 HEM A CBB 1 
HETATM 1221 C  C1C . HEM B 2 .   ? 0.935   -3.117  -4.598  1.00 17.60 ? 201 HEM A C1C 1 
HETATM 1222 C  C2C . HEM B 2 .   ? 1.414   -2.037  -3.835  1.00 18.13 ? 201 HEM A C2C 1 
HETATM 1223 C  C3C . HEM B 2 .   ? 2.752   -2.236  -3.601  1.00 18.70 ? 201 HEM A C3C 1 
HETATM 1224 C  C4C . HEM B 2 .   ? 3.062   -3.483  -4.214  1.00 15.80 ? 201 HEM A C4C 1 
HETATM 1225 C  CMC . HEM B 2 .   ? 0.522   -0.891  -3.346  1.00 20.02 ? 201 HEM A CMC 1 
HETATM 1226 C  CAC . HEM B 2 .   ? 3.737   -1.416  -2.867  1.00 20.89 ? 201 HEM A CAC 1 
HETATM 1227 C  CBC . HEM B 2 .   ? 3.528   -0.199  -2.433  1.00 27.50 ? 201 HEM A CBC 1 
HETATM 1228 C  C1D . HEM B 2 .   ? 4.639   -5.128  -5.057  1.00 15.47 ? 201 HEM A C1D 1 
HETATM 1229 C  C2D . HEM B 2 .   ? 6.034   -5.592  -5.196  1.00 16.80 ? 201 HEM A C2D 1 
HETATM 1230 C  C3D . HEM B 2 .   ? 6.025   -6.616  -6.072  1.00 17.18 ? 201 HEM A C3D 1 
HETATM 1231 C  C4D . HEM B 2 .   ? 4.643   -6.790  -6.488  1.00 16.65 ? 201 HEM A C4D 1 
HETATM 1232 C  CMD . HEM B 2 .   ? 7.263   -5.047  -4.516  1.00 16.80 ? 201 HEM A CMD 1 
HETATM 1233 C  CAD . HEM B 2 .   ? 7.246   -7.399  -6.545  1.00 20.35 ? 201 HEM A CAD 1 
HETATM 1234 C  CBD . HEM B 2 .   ? 7.662   -6.705  -7.856  1.00 23.98 ? 201 HEM A CBD 1 
HETATM 1235 C  CGD . HEM B 2 .   ? 8.799   -7.368  -8.649  1.00 27.87 ? 201 HEM A CGD 1 
HETATM 1236 O  O1D . HEM B 2 .   ? 8.651   -8.363  -9.409  1.00 31.90 ? 201 HEM A O1D 1 
HETATM 1237 O  O2D . HEM B 2 .   ? 9.902   -6.863  -8.510  1.00 25.98 ? 201 HEM A O2D 1 
HETATM 1238 N  NA  . HEM B 2 .   ? 1.840   -7.269  -7.212  1.00 17.46 ? 201 HEM A NA  1 
HETATM 1239 N  NB  . HEM B 2 .   ? -0.135  -5.464  -6.243  1.00 15.31 ? 201 HEM A NB  1 
HETATM 1240 N  NC  . HEM B 2 .   ? 1.975   -3.989  -4.852  1.00 18.32 ? 201 HEM A NC  1 
HETATM 1241 N  ND  . HEM B 2 .   ? 3.854   -5.858  -5.859  1.00 14.53 ? 201 HEM A ND  1 
HETATM 1242 FE FE  . HEM B 2 .   ? 1.905   -5.673  -6.035  1.00 15.80 ? 201 HEM A FE  1 
HETATM 1243 S  S   . SO4 C 3 .   ? 4.200   -9.782  11.394  0.50 33.94 ? 202 SO4 A S   1 
HETATM 1244 O  O1  . SO4 C 3 .   ? 4.292   -11.264 11.436  0.50 38.78 ? 202 SO4 A O1  1 
HETATM 1245 O  O2  . SO4 C 3 .   ? 2.788   -9.357  11.570  0.50 34.47 ? 202 SO4 A O2  1 
HETATM 1246 O  O3  . SO4 C 3 .   ? 4.758   -9.376  10.099  0.50 35.51 ? 202 SO4 A O3  1 
HETATM 1247 O  O4  . SO4 C 3 .   ? 5.023   -9.294  12.532  0.50 39.18 ? 202 SO4 A O4  1 
HETATM 1248 AR AR  . AR  D 4 .   ? 3.057   5.463   1.361   0.30 35.32 ? 205 AR  A AR  1 
HETATM 1249 O  O   . HOH E 5 .   ? -1.615  -19.590 -3.602  1.00 40.89 ? 301 HOH A O   1 
HETATM 1250 O  O   . HOH E 5 .   ? 0.229   11.078  14.822  1.00 61.93 ? 302 HOH A O   1 
HETATM 1251 O  O   . HOH E 5 .   ? -10.694 -3.555  -10.548 1.00 36.41 ? 303 HOH A O   1 
HETATM 1252 O  O   . HOH E 5 .   ? -9.207  6.516   7.621   1.00 30.11 ? 304 HOH A O   1 
HETATM 1253 O  O   . HOH E 5 .   ? -2.402  -10.601 -12.978 1.00 31.53 ? 305 HOH A O   1 
HETATM 1254 O  O   . HOH E 5 .   ? -17.341 -14.810 -1.922  0.50 37.90 ? 306 HOH A O   1 
HETATM 1255 O  O   . HOH E 5 .   ? 7.000   -10.728 -8.596  1.00 30.90 ? 307 HOH A O   1 
HETATM 1256 O  O   . HOH E 5 .   ? -5.285  -20.305 -1.098  1.00 42.10 ? 308 HOH A O   1 
HETATM 1257 O  O   . HOH E 5 .   ? -3.339  16.791  1.082   1.00 63.08 ? 309 HOH A O   1 
HETATM 1258 O  O   . HOH E 5 .   ? -14.214 2.963   10.613  1.00 42.88 ? 310 HOH A O   1 
HETATM 1259 O  O   . HOH E 5 .   ? 12.101  11.473  9.290   1.00 58.31 ? 311 HOH A O   1 
HETATM 1260 O  O   . HOH E 5 .   ? -13.577 -1.596  -13.989 1.00 63.86 ? 312 HOH A O   1 
HETATM 1261 O  O   . HOH E 5 .   ? 4.369   -13.065 -3.754  1.00 22.52 ? 313 HOH A O   1 
HETATM 1262 O  O   . HOH E 5 .   ? 9.044   4.665   11.900  1.00 46.29 ? 314 HOH A O   1 
HETATM 1263 O  O   . HOH E 5 .   ? -17.417 -16.537 0.905   1.00 30.67 ? 315 HOH A O   1 
HETATM 1264 O  O   . HOH E 5 .   ? -7.133  15.262  7.560   1.00 46.62 ? 316 HOH A O   1 
HETATM 1265 O  O   . HOH E 5 .   ? 7.821   -8.797  6.814   1.00 36.17 ? 317 HOH A O   1 
HETATM 1266 O  O   . HOH E 5 .   ? -4.358  -17.238 -6.950  1.00 31.17 ? 318 HOH A O   1 
HETATM 1267 O  O   . HOH E 5 .   ? -16.396 -0.616  -5.743  1.00 28.14 ? 319 HOH A O   1 
HETATM 1268 O  O   . HOH E 5 .   ? -7.271  -5.981  -15.538 1.00 48.88 ? 320 HOH A O   1 
HETATM 1269 O  O   . HOH E 5 .   ? -12.414 -8.709  2.504   1.00 23.91 ? 321 HOH A O   1 
HETATM 1270 O  O   . HOH E 5 .   ? -4.860  6.419   -8.874  1.00 50.81 ? 322 HOH A O   1 
HETATM 1271 O  O   . HOH E 5 .   ? 10.840  -5.305  -5.778  1.00 34.85 ? 323 HOH A O   1 
HETATM 1272 O  O   . HOH E 5 .   ? 3.971   -10.751 14.646  1.00 53.06 ? 324 HOH A O   1 
HETATM 1273 O  O   . HOH E 5 .   ? -1.087  -9.218  -1.054  1.00 18.85 ? 325 HOH A O   1 
HETATM 1274 O  O   . HOH E 5 .   ? -7.486  -2.601  -11.425 1.00 35.98 ? 326 HOH A O   1 
HETATM 1275 O  O   . HOH E 5 .   ? 11.410  11.100  -18.038 1.00 51.89 ? 327 HOH A O   1 
HETATM 1276 O  O   . HOH E 5 .   ? -7.107  -14.649 -7.797  1.00 18.21 ? 328 HOH A O   1 
HETATM 1277 O  O   . HOH E 5 .   ? -11.404 6.132   14.434  1.00 57.57 ? 329 HOH A O   1 
HETATM 1278 O  O   . HOH E 5 .   ? -1.977  -6.046  15.279  1.00 41.37 ? 330 HOH A O   1 
HETATM 1279 O  O   . HOH E 5 .   ? -13.846 -12.679 3.613   1.00 29.24 ? 331 HOH A O   1 
HETATM 1280 O  O   . HOH E 5 .   ? -5.103  19.221  6.183   1.00 55.89 ? 332 HOH A O   1 
HETATM 1281 O  O   . HOH E 5 .   ? 7.253   11.257  -9.694  1.00 51.40 ? 333 HOH A O   1 
HETATM 1282 O  O   . HOH E 5 .   ? -2.148  -22.799 1.077   1.00 41.86 ? 334 HOH A O   1 
HETATM 1283 O  O   . HOH E 5 .   ? -17.883 -5.751  -1.509  1.00 33.39 ? 335 HOH A O   1 
HETATM 1284 O  O   . HOH E 5 .   ? 13.655  -1.374  -10.117 1.00 38.11 ? 336 HOH A O   1 
HETATM 1285 O  O   . HOH E 5 .   ? 1.648   14.440  -2.634  1.00 40.63 ? 337 HOH A O   1 
HETATM 1286 O  O   . HOH E 5 .   ? -11.234 -21.455 -3.805  1.00 36.59 ? 338 HOH A O   1 
HETATM 1287 O  O   . HOH E 5 .   ? 1.021   -12.411 11.422  0.50 31.38 ? 339 HOH A O   1 
HETATM 1288 O  O   . HOH E 5 .   ? 15.188  4.437   -7.630  1.00 32.83 ? 340 HOH A O   1 
HETATM 1289 O  O   . HOH E 5 .   ? 6.253   -11.875 -11.301 1.00 41.72 ? 341 HOH A O   1 
HETATM 1290 O  O   . HOH E 5 .   ? 4.074   -16.789 3.151   1.00 33.92 ? 342 HOH A O   1 
HETATM 1291 O  O   . HOH E 5 .   ? 6.891   11.565  -6.412  1.00 43.04 ? 343 HOH A O   1 
HETATM 1292 O  O   . HOH E 5 .   ? -1.022  15.678  15.288  1.00 44.27 ? 344 HOH A O   1 
HETATM 1293 O  O   . HOH E 5 .   ? -15.718 -8.256  -1.172  1.00 31.09 ? 345 HOH A O   1 
HETATM 1294 O  O   . HOH E 5 .   ? -5.169  -27.884 -7.389  1.00 51.38 ? 346 HOH A O   1 
HETATM 1295 O  O   . HOH E 5 .   ? -9.955  3.795   15.291  1.00 44.18 ? 347 HOH A O   1 
HETATM 1296 O  O   . HOH E 5 .   ? -16.564 -13.721 1.151   1.00 33.71 ? 348 HOH A O   1 
HETATM 1297 O  O   . HOH E 5 .   ? -7.525  11.593  2.058   1.00 49.39 ? 349 HOH A O   1 
HETATM 1298 O  O   . HOH E 5 .   ? -3.446  10.776  -1.700  1.00 56.16 ? 350 HOH A O   1 
HETATM 1299 O  O   . HOH E 5 .   ? -4.769  -8.762  11.297  1.00 18.08 ? 351 HOH A O   1 
HETATM 1300 O  O   . HOH E 5 .   ? 0.268   17.406  8.518   1.00 41.76 ? 352 HOH A O   1 
HETATM 1301 O  O   . HOH E 5 .   ? -6.419  7.550   -2.247  1.00 37.28 ? 353 HOH A O   1 
HETATM 1302 O  O   . HOH E 5 .   ? 8.648   -3.219  -14.771 1.00 48.16 ? 354 HOH A O   1 
HETATM 1303 O  O   . HOH E 5 .   ? -3.735  -22.255 -15.198 1.00 43.56 ? 355 HOH A O   1 
HETATM 1304 O  O   . HOH E 5 .   ? 7.419   -6.523  5.443   1.00 38.70 ? 356 HOH A O   1 
HETATM 1305 O  O   . HOH E 5 .   ? 6.817   -8.198  16.647  1.00 61.59 ? 357 HOH A O   1 
HETATM 1306 O  O   . HOH E 5 .   ? -11.376 -8.034  -12.716 1.00 44.23 ? 358 HOH A O   1 
HETATM 1307 O  O   . HOH E 5 .   ? -2.275  -12.984 7.944   1.00 21.03 ? 359 HOH A O   1 
HETATM 1308 O  O   . HOH E 5 .   ? 9.779   9.829   16.187  1.00 59.08 ? 360 HOH A O   1 
HETATM 1309 O  O   . HOH E 5 .   ? 3.823   -19.519 -7.303  1.00 56.74 ? 361 HOH A O   1 
HETATM 1310 O  O   . HOH E 5 .   ? -2.310  -5.749  -18.594 1.00 54.76 ? 362 HOH A O   1 
HETATM 1311 O  O   . HOH E 5 .   ? -4.827  -1.880  11.452  1.00 37.71 ? 363 HOH A O   1 
HETATM 1312 O  O   . HOH E 5 .   ? -5.156  2.623   -15.924 1.00 40.02 ? 364 HOH A O   1 
HETATM 1313 O  O   . HOH E 5 .   ? -4.403  0.580   -17.495 1.00 53.55 ? 365 HOH A O   1 
HETATM 1314 O  O   . HOH E 5 .   ? 17.441  8.134   -13.263 1.00 53.84 ? 366 HOH A O   1 
HETATM 1315 O  O   . HOH E 5 .   ? -13.735 -10.360 -4.527  1.00 38.12 ? 367 HOH A O   1 
HETATM 1316 O  O   . HOH E 5 .   ? 12.371  -1.223  3.333   1.00 47.82 ? 368 HOH A O   1 
HETATM 1317 O  O   . HOH E 5 .   ? -2.826  -21.448 4.862   1.00 50.23 ? 369 HOH A O   1 
HETATM 1318 O  O   . HOH E 5 .   ? 15.049  10.542  -10.295 1.00 51.10 ? 370 HOH A O   1 
HETATM 1319 O  O   . HOH E 5 .   ? 15.504  7.427   -8.636  1.00 46.07 ? 371 HOH A O   1 
HETATM 1320 O  O   . HOH E 5 .   ? 7.793   -15.738 4.081   1.00 53.21 ? 372 HOH A O   1 
HETATM 1321 O  O   . HOH E 5 .   ? -17.632 -2.570  1.700   1.00 39.83 ? 373 HOH A O   1 
HETATM 1322 O  O   . HOH E 5 .   ? -2.532  -18.787 6.146   1.00 31.99 ? 374 HOH A O   1 
HETATM 1323 O  O   . HOH E 5 .   ? 16.922  8.757   4.158   1.00 59.40 ? 375 HOH A O   1 
HETATM 1324 O  O   . HOH E 5 .   ? -7.448  3.876   -14.550 1.00 38.09 ? 376 HOH A O   1 
HETATM 1325 O  O   . HOH E 5 .   ? -7.148  -10.328 1.992   1.00 34.25 ? 377 HOH A O   1 
HETATM 1326 O  O   . HOH E 5 .   ? -10.093 0.989   16.299  1.00 47.54 ? 378 HOH A O   1 
HETATM 1327 O  O   . HOH E 5 .   ? 0.808   -1.900  17.292  1.00 50.57 ? 379 HOH A O   1 
HETATM 1328 O  O   . HOH E 5 .   ? -3.599  -19.645 -5.859  1.00 43.40 ? 380 HOH A O   1 
HETATM 1329 O  O   . HOH E 5 .   ? -7.065  -3.264  -16.765 1.00 61.95 ? 381 HOH A O   1 
HETATM 1330 O  O   . HOH E 5 .   ? 2.398   -25.135 -7.394  1.00 57.30 ? 382 HOH A O   1 
HETATM 1331 O  O   . HOH E 5 .   ? -9.386  -10.885 2.745   1.00 45.86 ? 383 HOH A O   1 
HETATM 1332 O  O   . HOH E 5 .   ? 3.039   -18.227 -9.843  1.00 54.54 ? 384 HOH A O   1 
HETATM 1333 O  O   . HOH E 5 .   ? 6.947   16.174  3.805   1.00 63.14 ? 385 HOH A O   1 
HETATM 1334 O  O   . HOH E 5 .   ? 1.258   7.282   17.522  1.00 59.68 ? 386 HOH A O   1 
HETATM 1335 O  O   . HOH E 5 .   ? 0.155   -20.372 4.107   1.00 67.22 ? 387 HOH A O   1 
HETATM 1336 O  O   . HOH E 5 .   ? 7.328   -3.452  7.010   1.00 51.41 ? 388 HOH A O   1 
HETATM 1337 O  O   . HOH E 5 .   ? 5.173   14.102  0.932   1.00 45.73 ? 389 HOH A O   1 
HETATM 1338 O  O   . HOH E 5 .   ? 12.080  0.706   -19.420 1.00 46.05 ? 390 HOH A O   1 
HETATM 1339 O  O   . HOH E 5 .   ? -1.255  14.137  -2.712  1.00 59.51 ? 391 HOH A O   1 
HETATM 1340 O  O   . HOH E 5 .   ? -3.933  7.586   -6.175  1.00 59.47 ? 392 HOH A O   1 
HETATM 1341 O  O   . HOH E 5 .   ? -1.887  22.467  0.792   1.00 57.75 ? 393 HOH A O   1 
HETATM 1342 O  O   . HOH E 5 .   ? -14.982 -8.833  1.332   1.00 37.24 ? 394 HOH A O   1 
HETATM 1343 O  O   . HOH E 5 .   ? -1.254  -12.127 10.326  0.50 21.79 ? 395 HOH A O   1 
HETATM 1344 O  O   . HOH E 5 .   ? -5.132  8.434   0.059   1.00 46.23 ? 396 HOH A O   1 
HETATM 1345 O  O   . HOH E 5 .   ? -9.863  2.606   -15.677 1.00 63.07 ? 397 HOH A O   1 
HETATM 1346 O  O   . HOH E 5 .   ? -3.808  22.542  3.062   1.00 64.43 ? 398 HOH A O   1 
HETATM 1347 O  O   . HOH E 5 .   ? -13.554 -1.281  15.234  1.00 56.56 ? 399 HOH A O   1 
HETATM 1348 O  O   . HOH E 5 .   ? 5.344   21.576  1.390   1.00 52.63 ? 400 HOH A O   1 
HETATM 1349 O  O   . HOH E 5 .   ? -11.626 -11.255 4.018   1.00 40.63 ? 401 HOH A O   1 
HETATM 1350 O  O   . HOH E 5 .   ? -5.958  19.545  10.688  1.00 54.84 ? 402 HOH A O   1 
HETATM 1351 O  O   . HOH E 5 .   ? -15.937 -11.206 2.197   1.00 53.24 ? 403 HOH A O   1 
HETATM 1352 O  O   . HOH E 5 .   ? -5.599  12.394  20.668  1.00 62.43 ? 404 HOH A O   1 
HETATM 1353 O  O   . HOH E 5 .   ? 5.501   13.730  3.667   1.00 48.82 ? 405 HOH A O   1 
HETATM 1354 O  O   . HOH E 5 .   ? 8.709   -7.327  -14.651 1.00 48.22 ? 406 HOH A O   1 
HETATM 1355 O  O   . HOH E 5 .   ? 5.009   -15.460 -5.474  1.00 48.39 ? 407 HOH A O   1 
HETATM 1356 O  O   . HOH E 5 .   ? 7.455   17.196  -1.533  1.00 56.80 ? 408 HOH A O   1 
HETATM 1357 O  O   . HOH E 5 .   ? -20.126 -3.172  1.278   1.00 37.53 ? 409 HOH A O   1 
HETATM 1358 O  O   . HOH E 5 .   ? -8.890  6.805   -14.334 1.00 50.72 ? 410 HOH A O   1 
HETATM 1359 O  O   . HOH E 5 .   ? -16.156 -1.356  -8.701  0.50 51.99 ? 411 HOH A O   1 
HETATM 1360 O  O   . HOH E 5 .   ? -4.157  8.635   -3.510  1.00 51.40 ? 412 HOH A O   1 
HETATM 1361 O  O   . HOH E 5 .   ? -0.851  17.085  -7.645  1.00 55.94 ? 413 HOH A O   1 
HETATM 1362 O  O   . HOH E 5 .   ? 8.210   21.361  2.286   1.00 47.03 ? 414 HOH A O   1 
HETATM 1363 O  O   . HOH E 5 .   ? -3.893  14.344  19.336  1.00 58.44 ? 415 HOH A O   1 
HETATM 1364 O  O   . HOH E 5 .   ? 19.485  12.055  10.472  1.00 52.43 ? 416 HOH A O   1 
HETATM 1365 O  O   . HOH E 5 .   ? -18.775 -9.257  1.268   0.50 36.01 ? 417 HOH A O   1 
# 
